data_4GCV
#
_entry.id   4GCV
#
_cell.length_a   128.897
_cell.length_b   74.448
_cell.length_c   230.492
_cell.angle_alpha   90.00
_cell.angle_beta   90.03
_cell.angle_gamma   90.00
#
_symmetry.space_group_name_H-M   'C 1 2 1'
#
loop_
_entity.id
_entity.type
_entity.pdbx_description
1 polymer 'Putative transcription protein'
2 non-polymer 'SODIUM ION'
3 non-polymer GLYCEROL
4 non-polymer 'PHOSPHATE ION'
5 water water
#
_entity_poly.entity_id   1
_entity_poly.type   'polypeptide(L)'
_entity_poly.pdbx_seq_one_letter_code
;(MSE)QRKTFADAECPIARSLERVGEWWSILI(MSE)RDALQGLRRFDEFSRSLDIAPN(MSE)LTRRLNALVEAGLLER
QPYSQRPLRYQYVPTAKGEDFRVVL(MSE)AFVAWGNRHYAQQGQSVQLVERTSGRPVRSF(MSE)AALADGRTVPLEQC
TVQAGPAASEE(MSE)RQRLAA(MSE)PERSELPAR
;
_entity_poly.pdbx_strand_id   A,B,C,D,E,F,G,H,I,J,K,L
#
loop_
_chem_comp.id
_chem_comp.type
_chem_comp.name
_chem_comp.formula
GOL non-polymer GLYCEROL 'C3 H8 O3'
NA non-polymer 'SODIUM ION' 'Na 1'
PO4 non-polymer 'PHOSPHATE ION' 'O4 P -3'
#
# COMPACT_ATOMS: atom_id res chain seq x y z
N CYS A 11 -6.72 24.82 32.55
CA CYS A 11 -6.27 23.44 32.16
C CYS A 11 -7.24 22.76 31.17
N PRO A 12 -6.68 22.12 30.13
CA PRO A 12 -7.40 21.55 28.98
C PRO A 12 -8.57 20.60 29.29
N ILE A 13 -8.30 19.55 30.04
CA ILE A 13 -9.35 18.62 30.35
C ILE A 13 -10.43 19.29 31.21
N ALA A 14 -10.03 20.13 32.18
CA ALA A 14 -10.99 20.76 33.08
C ALA A 14 -11.96 21.58 32.27
N ARG A 15 -11.44 22.22 31.24
CA ARG A 15 -12.18 23.11 30.39
C ARG A 15 -13.20 22.36 29.53
N SER A 16 -12.77 21.29 28.86
CA SER A 16 -13.75 20.48 28.11
C SER A 16 -14.84 19.88 29.01
N LEU A 17 -14.46 19.48 30.21
CA LEU A 17 -15.37 18.81 31.13
C LEU A 17 -16.35 19.82 31.71
N GLU A 18 -15.84 21.04 31.96
CA GLU A 18 -16.70 22.17 32.31
C GLU A 18 -17.68 22.53 31.19
N ARG A 19 -17.24 22.51 29.93
CA ARG A 19 -18.18 22.86 28.82
C ARG A 19 -19.38 21.87 28.79
N VAL A 20 -19.12 20.64 29.18
CA VAL A 20 -20.12 19.59 29.13
C VAL A 20 -20.83 19.52 30.49
N GLY A 21 -20.50 20.44 31.41
CA GLY A 21 -21.22 20.58 32.70
C GLY A 21 -20.91 19.53 33.76
N GLU A 22 -19.76 18.86 33.65
CA GLU A 22 -19.45 17.71 34.50
C GLU A 22 -18.18 17.83 35.36
N TRP A 23 -17.37 18.87 35.19
CA TRP A 23 -16.09 18.89 35.92
C TRP A 23 -16.24 18.84 37.46
N TRP A 24 -16.97 19.80 38.01
CA TRP A 24 -17.22 19.84 39.44
C TRP A 24 -17.99 18.60 39.91
N SER A 25 -18.95 18.10 39.12
CA SER A 25 -19.61 16.83 39.45
C SER A 25 -18.64 15.67 39.59
N ILE A 26 -17.70 15.56 38.66
CA ILE A 26 -16.74 14.49 38.74
C ILE A 26 -15.94 14.65 40.01
N LEU A 27 -15.44 15.86 40.27
CA LEU A 27 -14.58 16.09 41.43
C LEU A 27 -15.33 15.86 42.74
N ILE A 28 -16.54 16.38 42.86
CA ILE A 28 -17.34 16.16 44.07
C ILE A 28 -17.72 14.67 44.30
N MSE A 29 -18.23 13.99 43.27
CA MSE A 29 -18.58 12.56 43.41
C MSE A 29 -17.38 11.73 43.86
O MSE A 29 -17.49 10.86 44.71
CB MSE A 29 -19.14 12.01 42.12
CG MSE A 29 -20.49 12.55 41.82
SE MSE A 29 -21.69 12.18 43.40
CE MSE A 29 -23.30 12.80 42.56
N ARG A 30 -16.21 12.01 43.32
CA ARG A 30 -15.06 11.22 43.63
C ARG A 30 -14.69 11.42 45.09
N ASP A 31 -14.81 12.65 45.57
CA ASP A 31 -14.59 12.93 46.98
C ASP A 31 -15.59 12.24 47.90
N ALA A 32 -16.85 12.24 47.47
CA ALA A 32 -17.91 11.67 48.24
C ALA A 32 -17.68 10.16 48.27
N LEU A 33 -17.39 9.60 47.10
CA LEU A 33 -17.15 8.14 47.02
C LEU A 33 -15.99 7.72 47.90
N GLN A 34 -15.10 8.66 48.19
CA GLN A 34 -13.92 8.42 49.04
C GLN A 34 -14.16 8.73 50.51
N GLY A 35 -15.36 9.22 50.82
CA GLY A 35 -15.74 9.46 52.22
C GLY A 35 -15.80 10.90 52.70
N LEU A 36 -15.59 11.86 51.80
CA LEU A 36 -15.85 13.25 52.19
C LEU A 36 -17.37 13.44 52.36
N ARG A 37 -17.76 14.16 53.40
CA ARG A 37 -19.16 14.24 53.77
C ARG A 37 -19.63 15.67 53.98
N ARG A 38 -18.82 16.49 54.64
CA ARG A 38 -19.27 17.83 55.04
C ARG A 38 -18.85 18.95 54.08
N PHE A 39 -19.63 20.03 54.12
CA PHE A 39 -19.48 21.15 53.21
C PHE A 39 -18.05 21.71 53.20
N ASP A 40 -17.48 21.99 54.36
CA ASP A 40 -16.15 22.56 54.39
C ASP A 40 -15.05 21.58 53.95
N GLU A 41 -15.28 20.26 54.13
CA GLU A 41 -14.36 19.25 53.61
C GLU A 41 -14.22 19.34 52.10
N PHE A 42 -15.35 19.32 51.40
CA PHE A 42 -15.37 19.51 49.97
C PHE A 42 -14.78 20.89 49.61
N SER A 43 -15.12 21.89 50.41
CA SER A 43 -14.68 23.23 50.11
C SER A 43 -13.15 23.33 50.13
N ARG A 44 -12.51 22.75 51.14
CA ARG A 44 -11.06 22.83 51.25
C ARG A 44 -10.33 21.86 50.33
N SER A 45 -10.87 20.65 50.20
CA SER A 45 -10.20 19.64 49.41
C SER A 45 -10.25 20.00 47.95
N LEU A 46 -11.38 20.55 47.51
CA LEU A 46 -11.56 20.90 46.10
C LEU A 46 -11.18 22.33 45.77
N ASP A 47 -11.01 23.17 46.79
CA ASP A 47 -10.73 24.59 46.59
C ASP A 47 -11.75 25.21 45.65
N ILE A 48 -13.00 25.12 46.07
CA ILE A 48 -14.14 25.59 45.31
C ILE A 48 -14.87 26.63 46.19
N ALA A 49 -15.34 27.70 45.57
CA ALA A 49 -16.08 28.72 46.24
C ALA A 49 -17.45 28.22 46.65
N PRO A 50 -17.99 28.75 47.74
CA PRO A 50 -19.23 28.18 48.34
C PRO A 50 -20.55 28.23 47.53
N ASN A 51 -20.81 29.30 46.76
CA ASN A 51 -22.00 29.31 45.88
C ASN A 51 -21.98 28.22 44.81
N MSE A 52 -20.85 28.06 44.16
CA MSE A 52 -20.68 27.00 43.15
C MSE A 52 -20.85 25.62 43.78
O MSE A 52 -21.50 24.73 43.19
CB MSE A 52 -19.31 27.13 42.45
CG MSE A 52 -18.96 25.96 41.47
SE MSE A 52 -20.26 25.77 39.95
CE MSE A 52 -19.32 27.05 38.74
N LEU A 53 -20.30 25.44 44.96
CA LEU A 53 -20.38 24.14 45.64
C LEU A 53 -21.80 23.80 46.04
N THR A 54 -22.53 24.80 46.53
CA THR A 54 -23.95 24.66 46.82
C THR A 54 -24.76 24.29 45.60
N ARG A 55 -24.53 24.97 44.48
CA ARG A 55 -25.24 24.64 43.25
C ARG A 55 -25.04 23.18 42.86
N ARG A 56 -23.77 22.73 42.88
CA ARG A 56 -23.37 21.39 42.45
C ARG A 56 -23.79 20.33 43.42
N LEU A 57 -23.65 20.57 44.74
CA LEU A 57 -24.14 19.59 45.69
C LEU A 57 -25.65 19.41 45.54
N ASN A 58 -26.39 20.51 45.37
CA ASN A 58 -27.83 20.39 45.24
C ASN A 58 -28.23 19.66 43.98
N ALA A 59 -27.45 19.82 42.92
CA ALA A 59 -27.85 19.25 41.67
C ALA A 59 -27.57 17.76 41.75
N LEU A 60 -26.52 17.36 42.48
CA LEU A 60 -26.20 15.96 42.62
C LEU A 60 -27.26 15.29 43.48
N VAL A 61 -27.68 15.94 44.57
CA VAL A 61 -28.82 15.44 45.35
C VAL A 61 -30.10 15.30 44.51
N GLU A 62 -30.48 16.36 43.79
CA GLU A 62 -31.65 16.33 42.91
C GLU A 62 -31.59 15.26 41.80
N ALA A 63 -30.40 14.95 41.28
CA ALA A 63 -30.20 13.86 40.32
C ALA A 63 -30.22 12.46 40.93
N GLY A 64 -30.24 12.39 42.25
CA GLY A 64 -30.38 11.12 42.94
C GLY A 64 -29.08 10.41 43.15
N LEU A 65 -28.00 11.15 42.94
CA LEU A 65 -26.65 10.63 43.06
C LEU A 65 -26.06 10.81 44.44
N LEU A 66 -26.51 11.85 45.16
CA LEU A 66 -26.07 12.02 46.52
C LEU A 66 -27.32 12.07 47.38
N GLU A 67 -27.21 11.66 48.62
CA GLU A 67 -28.31 11.93 49.51
C GLU A 67 -27.83 12.88 50.64
N ARG A 68 -28.63 13.93 50.89
CA ARG A 68 -28.37 14.90 51.95
C ARG A 68 -28.98 14.42 53.27
N GLN A 69 -28.16 14.18 54.29
CA GLN A 69 -28.70 13.88 55.60
C GLN A 69 -28.29 14.87 56.70
N PRO A 70 -29.16 15.01 57.74
CA PRO A 70 -28.97 15.97 58.83
C PRO A 70 -27.68 15.72 59.58
N TYR A 71 -26.97 16.79 59.92
CA TYR A 71 -25.75 16.65 60.67
C TYR A 71 -25.87 17.35 62.03
N SER A 72 -26.42 18.57 62.03
CA SER A 72 -26.49 19.39 63.25
C SER A 72 -27.55 20.49 63.29
N GLN A 73 -27.86 20.90 64.52
CA GLN A 73 -28.82 21.92 64.88
C GLN A 73 -28.40 23.38 64.57
N ARG A 74 -27.35 23.88 65.23
CA ARG A 74 -26.95 25.30 65.13
C ARG A 74 -25.58 25.56 64.48
N PRO A 75 -25.58 26.04 63.22
CA PRO A 75 -26.73 26.07 62.30
C PRO A 75 -26.72 24.88 61.35
N ARG A 77 -26.19 22.37 59.56
CA ARG A 77 -25.26 21.59 58.72
C ARG A 77 -25.81 20.25 58.19
N TYR A 78 -25.50 19.94 56.95
CA TYR A 78 -25.85 18.65 56.34
C TYR A 78 -24.59 17.82 56.01
N GLN A 79 -24.74 16.51 55.81
CA GLN A 79 -23.69 15.74 55.15
C GLN A 79 -24.27 15.03 53.97
N TYR A 80 -23.40 14.71 53.01
CA TYR A 80 -23.80 14.24 51.70
C TYR A 80 -23.13 12.93 51.50
N VAL A 81 -23.94 11.90 51.36
CA VAL A 81 -23.44 10.55 51.19
C VAL A 81 -23.91 9.96 49.86
N PRO A 82 -23.03 9.21 49.18
CA PRO A 82 -23.43 8.70 47.91
C PRO A 82 -24.51 7.67 48.10
N THR A 83 -25.34 7.65 47.09
CA THR A 83 -26.50 6.84 46.98
C THR A 83 -26.06 5.60 46.16
N ALA A 84 -26.90 4.58 46.01
CA ALA A 84 -26.46 3.44 45.22
C ALA A 84 -26.23 3.84 43.76
N LYS A 85 -27.17 4.61 43.22
CA LYS A 85 -26.99 5.26 41.92
C LYS A 85 -25.68 6.04 41.81
N GLY A 86 -25.28 6.71 42.90
CA GLY A 86 -24.02 7.46 42.90
C GLY A 86 -22.81 6.54 42.88
N GLU A 87 -22.86 5.44 43.64
CA GLU A 87 -21.76 4.45 43.60
C GLU A 87 -21.61 3.87 42.18
N ASP A 88 -22.74 3.57 41.54
CA ASP A 88 -22.77 3.07 40.19
C ASP A 88 -22.28 4.10 39.17
N PHE A 89 -22.33 5.38 39.56
CA PHE A 89 -21.97 6.44 38.63
C PHE A 89 -20.50 6.42 38.26
N ARG A 90 -19.65 5.71 39.04
CA ARG A 90 -18.21 5.57 38.75
C ARG A 90 -17.92 5.44 37.27
N VAL A 91 -18.69 4.61 36.58
CA VAL A 91 -18.35 4.27 35.22
C VAL A 91 -18.54 5.47 34.33
N VAL A 92 -19.54 6.29 34.65
CA VAL A 92 -19.78 7.50 33.91
C VAL A 92 -18.64 8.50 34.19
N LEU A 93 -18.25 8.68 35.46
CA LEU A 93 -17.14 9.60 35.75
C LEU A 93 -15.91 9.18 35.00
N MSE A 94 -15.59 7.90 35.05
CA MSE A 94 -14.42 7.39 34.35
C MSE A 94 -14.55 7.52 32.83
O MSE A 94 -13.56 7.83 32.14
CB MSE A 94 -14.16 5.96 34.72
CG MSE A 94 -13.76 5.83 36.15
SE MSE A 94 -13.40 4.01 36.68
CE MSE A 94 -12.12 4.45 38.05
N ALA A 95 -15.76 7.31 32.31
CA ALA A 95 -15.94 7.49 30.87
C ALA A 95 -15.69 8.95 30.47
N PHE A 96 -16.13 9.91 31.30
CA PHE A 96 -15.91 11.34 30.99
C PHE A 96 -14.44 11.68 31.04
N VAL A 97 -13.71 11.14 32.02
CA VAL A 97 -12.31 11.33 31.98
C VAL A 97 -11.59 10.72 30.77
N ALA A 98 -11.92 9.50 30.37
CA ALA A 98 -11.32 8.90 29.19
C ALA A 98 -11.63 9.77 28.00
N TRP A 99 -12.89 10.22 27.90
CA TRP A 99 -13.31 11.12 26.85
C TRP A 99 -12.47 12.39 26.83
N GLY A 100 -12.18 12.93 28.02
CA GLY A 100 -11.50 14.20 28.04
C GLY A 100 -10.02 14.05 27.75
N ASN A 101 -9.51 12.84 27.93
CA ASN A 101 -8.14 12.44 27.64
C ASN A 101 -7.92 11.83 26.26
N ARG A 102 -9.01 11.56 25.56
CA ARG A 102 -8.96 11.08 24.20
C ARG A 102 -8.07 12.12 23.46
N HIS A 103 -7.09 11.69 22.71
CA HIS A 103 -6.27 12.71 21.99
C HIS A 103 -5.19 13.43 22.83
N TYR A 104 -4.99 13.06 24.08
CA TYR A 104 -3.83 13.53 24.84
C TYR A 104 -2.92 12.35 25.01
N ALA A 105 -1.69 12.49 24.54
CA ALA A 105 -0.66 11.52 24.83
C ALA A 105 -0.47 11.57 26.33
N GLN A 106 -0.09 10.44 26.93
CA GLN A 106 0.06 10.30 28.38
C GLN A 106 0.83 11.39 29.15
N GLN A 107 1.99 11.81 28.63
CA GLN A 107 2.78 12.81 29.30
C GLN A 107 2.13 14.19 29.36
N GLY A 108 1.19 14.43 28.45
CA GLY A 108 0.40 15.65 28.47
C GLY A 108 -0.86 15.66 29.34
N GLN A 109 -1.15 14.55 30.02
CA GLN A 109 -2.38 14.48 30.82
C GLN A 109 -2.21 14.97 32.27
N SER A 110 -3.18 15.76 32.74
CA SER A 110 -3.25 16.18 34.14
C SER A 110 -4.15 15.26 35.01
N VAL A 111 -5.14 14.62 34.37
CA VAL A 111 -6.04 13.66 35.02
C VAL A 111 -5.96 12.36 34.23
N GLN A 112 -5.79 11.26 34.93
CA GLN A 112 -5.52 10.00 34.28
C GLN A 112 -6.38 8.94 34.87
N LEU A 113 -6.80 8.02 34.02
CA LEU A 113 -7.50 6.86 34.47
C LEU A 113 -6.50 5.70 34.47
N VAL A 114 -6.26 5.13 35.67
CA VAL A 114 -5.23 4.10 35.87
C VAL A 114 -5.73 2.82 36.60
N GLU A 115 -4.99 1.70 36.42
CA GLU A 115 -5.23 0.51 37.24
C GLU A 115 -4.71 0.81 38.63
N ARG A 116 -5.55 0.61 39.65
CA ARG A 116 -5.15 0.98 41.00
C ARG A 116 -3.89 0.25 41.50
N THR A 117 -3.77 -1.04 41.20
CA THR A 117 -2.63 -1.81 41.68
C THR A 117 -1.35 -1.10 41.24
N SER A 118 -1.12 -1.06 39.93
CA SER A 118 0.10 -0.47 39.35
C SER A 118 -0.29 0.92 38.93
N GLY A 119 0.66 1.73 38.48
CA GLY A 119 0.22 3.05 37.94
C GLY A 119 -0.29 3.02 36.49
N ARG A 120 -0.63 1.82 35.99
CA ARG A 120 -0.82 1.60 34.55
C ARG A 120 -2.04 2.29 34.00
N PRO A 121 -1.85 3.16 32.97
CA PRO A 121 -2.92 3.90 32.32
C PRO A 121 -3.88 2.97 31.59
N VAL A 122 -5.16 3.35 31.57
CA VAL A 122 -6.18 2.64 30.87
C VAL A 122 -6.20 3.15 29.42
N ARG A 123 -6.01 2.27 28.46
CA ARG A 123 -5.92 2.71 27.09
C ARG A 123 -7.31 2.94 26.50
N SER A 124 -8.25 2.06 26.80
CA SER A 124 -9.63 2.19 26.33
C SER A 124 -10.59 1.32 27.16
N PHE A 125 -11.87 1.44 26.86
CA PHE A 125 -12.86 0.58 27.45
C PHE A 125 -13.19 -0.56 26.51
N MSE A 126 -13.54 -1.71 27.04
CA MSE A 126 -14.01 -2.84 26.26
C MSE A 126 -15.39 -3.21 26.79
O MSE A 126 -15.85 -2.69 27.79
CB MSE A 126 -13.06 -4.01 26.43
CG MSE A 126 -11.61 -3.69 26.23
SE MSE A 126 -11.12 -3.81 24.35
CE MSE A 126 -11.42 -2.02 23.69
N ALA A 127 -16.08 -4.10 26.10
CA ALA A 127 -17.37 -4.52 26.55
C ALA A 127 -17.27 -6.02 26.75
N ALA A 128 -17.53 -6.48 27.98
CA ALA A 128 -17.72 -7.89 28.32
C ALA A 128 -19.15 -8.22 27.95
N LEU A 129 -19.33 -9.26 27.16
CA LEU A 129 -20.65 -9.59 26.66
C LEU A 129 -21.28 -10.74 27.44
N ALA A 130 -22.55 -11.00 27.15
CA ALA A 130 -23.33 -12.10 27.78
C ALA A 130 -22.80 -13.47 27.50
N ASP A 131 -22.32 -13.67 26.26
CA ASP A 131 -21.70 -14.95 25.90
C ASP A 131 -20.23 -15.16 26.33
N GLY A 132 -19.69 -14.32 27.21
CA GLY A 132 -18.29 -14.49 27.64
C GLY A 132 -17.22 -13.80 26.80
N ARG A 133 -17.58 -13.30 25.62
CA ARG A 133 -16.64 -12.53 24.79
C ARG A 133 -16.45 -11.07 25.27
N THR A 134 -15.30 -10.49 24.93
CA THR A 134 -15.01 -9.11 25.22
C THR A 134 -14.61 -8.44 23.92
N VAL A 135 -15.32 -7.38 23.54
CA VAL A 135 -15.13 -6.73 22.24
C VAL A 135 -14.86 -5.25 22.47
N PRO A 136 -14.39 -4.50 21.44
CA PRO A 136 -14.23 -3.04 21.66
C PRO A 136 -15.56 -2.34 21.81
N LEU A 137 -15.60 -1.34 22.70
CA LEU A 137 -16.81 -0.55 22.88
C LEU A 137 -17.17 0.07 21.55
N GLU A 138 -16.15 0.41 20.78
CA GLU A 138 -16.36 0.95 19.46
C GLU A 138 -17.22 0.03 18.61
N GLN A 139 -17.35 -1.24 18.99
CA GLN A 139 -18.19 -2.19 18.23
C GLN A 139 -19.59 -2.45 18.86
N CYS A 140 -19.90 -1.72 19.92
CA CYS A 140 -21.24 -1.86 20.51
C CYS A 140 -22.17 -0.73 20.07
N THR A 141 -23.45 -0.86 20.35
CA THR A 141 -24.37 0.24 20.05
C THR A 141 -25.54 0.28 21.03
N VAL A 142 -26.14 1.45 21.17
CA VAL A 142 -27.39 1.57 21.95
C VAL A 142 -28.56 1.24 21.04
N GLN A 143 -29.39 0.28 21.45
CA GLN A 143 -30.60 -0.10 20.69
C GLN A 143 -31.83 -0.41 21.58
N ALA A 144 -33.00 -0.50 20.96
CA ALA A 144 -34.23 -0.80 21.69
C ALA A 144 -34.16 -2.17 22.38
N GLY A 145 -34.56 -2.21 23.63
CA GLY A 145 -34.60 -3.45 24.35
C GLY A 145 -35.91 -4.18 24.15
N PRO A 146 -36.00 -5.43 24.64
CA PRO A 146 -37.18 -6.28 24.47
C PRO A 146 -38.47 -5.63 25.00
N ALA A 147 -38.38 -4.81 26.03
CA ALA A 147 -39.58 -4.16 26.61
C ALA A 147 -39.99 -2.82 25.98
N ALA A 148 -39.30 -2.36 24.93
CA ALA A 148 -39.58 -1.02 24.39
C ALA A 148 -41.03 -0.84 23.86
N SER A 149 -41.69 0.23 24.33
CA SER A 149 -42.95 0.69 23.74
C SER A 149 -42.72 1.03 22.28
N GLU A 150 -43.82 1.18 21.55
CA GLU A 150 -43.78 1.75 20.21
C GLU A 150 -43.05 3.09 20.12
N GLU A 151 -43.42 4.09 20.91
CA GLU A 151 -42.69 5.34 20.96
C GLU A 151 -41.16 5.11 21.04
N MSE A 152 -40.75 4.17 21.87
CA MSE A 152 -39.36 4.01 22.21
C MSE A 152 -38.60 3.44 21.01
O MSE A 152 -37.56 3.99 20.64
CB MSE A 152 -39.20 3.17 23.49
CG MSE A 152 -37.78 2.93 23.91
SE MSE A 152 -36.90 4.58 24.52
CE MSE A 152 -37.44 4.60 26.39
N ARG A 153 -39.16 2.40 20.40
CA ARG A 153 -38.56 1.83 19.18
C ARG A 153 -38.40 2.87 18.07
N GLN A 154 -39.36 3.82 17.92
CA GLN A 154 -39.20 4.94 17.00
C GLN A 154 -38.01 5.82 17.41
N ARG A 155 -37.88 6.15 18.69
CA ARG A 155 -36.74 6.96 19.09
C ARG A 155 -35.37 6.31 18.88
N LEU A 156 -35.35 4.98 18.65
CA LEU A 156 -34.10 4.18 18.67
C LEU A 156 -33.72 3.52 17.35
N CYS B 11 -40.40 4.95 31.12
CA CYS B 11 -39.85 3.66 31.66
C CYS B 11 -38.70 3.94 32.66
N PRO B 12 -38.29 2.95 33.47
CA PRO B 12 -37.24 3.27 34.43
C PRO B 12 -35.94 3.91 33.92
N ILE B 13 -35.35 3.46 32.81
CA ILE B 13 -34.09 4.06 32.37
C ILE B 13 -34.28 5.52 31.87
N ALA B 14 -35.40 5.82 31.22
CA ALA B 14 -35.65 7.21 30.78
C ALA B 14 -35.76 8.15 31.99
N ARG B 15 -36.48 7.68 32.99
CA ARG B 15 -36.64 8.44 34.22
C ARG B 15 -35.30 8.73 34.93
N SER B 16 -34.45 7.71 35.11
CA SER B 16 -33.13 7.92 35.70
C SER B 16 -32.28 8.88 34.88
N LEU B 17 -32.32 8.74 33.57
CA LEU B 17 -31.50 9.53 32.69
C LEU B 17 -32.03 10.94 32.61
N GLU B 18 -33.34 11.12 32.67
CA GLU B 18 -33.91 12.49 32.74
C GLU B 18 -33.53 13.16 34.03
N ARG B 19 -33.53 12.37 35.11
CA ARG B 19 -33.23 12.88 36.44
C ARG B 19 -31.79 13.39 36.51
N VAL B 20 -30.94 12.86 35.63
CA VAL B 20 -29.54 13.16 35.66
C VAL B 20 -29.25 14.13 34.50
N GLY B 21 -30.27 14.49 33.74
CA GLY B 21 -30.14 15.53 32.68
C GLY B 21 -29.51 15.12 31.35
N GLU B 22 -29.47 13.82 31.03
CA GLU B 22 -28.87 13.32 29.77
C GLU B 22 -29.74 12.60 28.76
N TRP B 23 -31.01 12.37 29.05
CA TRP B 23 -31.85 11.54 28.19
C TRP B 23 -31.98 12.05 26.76
N TRP B 24 -32.51 13.26 26.57
CA TRP B 24 -32.56 13.89 25.27
C TRP B 24 -31.20 14.08 24.60
N SER B 25 -30.18 14.49 25.34
CA SER B 25 -28.82 14.54 24.74
C SER B 25 -28.43 13.19 24.19
N ILE B 26 -28.76 12.12 24.92
CA ILE B 26 -28.37 10.80 24.43
C ILE B 26 -29.09 10.45 23.17
N LEU B 27 -30.37 10.79 23.09
CA LEU B 27 -31.18 10.40 21.96
C LEU B 27 -30.75 11.21 20.75
N ILE B 28 -30.59 12.52 20.94
CA ILE B 28 -30.16 13.36 19.83
C ILE B 28 -28.74 13.04 19.35
N MSE B 29 -27.79 12.92 20.28
CA MSE B 29 -26.43 12.55 19.86
C MSE B 29 -26.41 11.24 19.09
O MSE B 29 -25.79 11.14 18.00
CB MSE B 29 -25.49 12.51 21.06
CG MSE B 29 -25.20 13.87 21.63
SE MSE B 29 -24.42 15.05 20.18
CE MSE B 29 -22.64 14.26 20.31
N ARG B 30 -27.13 10.23 19.60
CA ARG B 30 -27.25 8.97 18.89
C ARG B 30 -27.72 9.15 17.44
N ASP B 31 -28.81 9.89 17.26
CA ASP B 31 -29.33 10.11 15.91
C ASP B 31 -28.37 10.91 15.07
N ALA B 32 -27.72 11.93 15.64
CA ALA B 32 -26.70 12.69 14.88
C ALA B 32 -25.55 11.76 14.46
N LEU B 33 -25.09 10.90 15.36
CA LEU B 33 -24.00 9.99 15.01
C LEU B 33 -24.44 8.99 13.95
N GLN B 34 -25.74 8.67 13.89
CA GLN B 34 -26.25 7.77 12.83
C GLN B 34 -26.55 8.48 11.50
N GLY B 35 -26.25 9.77 11.39
CA GLY B 35 -26.49 10.46 10.12
C GLY B 35 -27.63 11.47 10.02
N LEU B 36 -28.49 11.57 11.03
CA LEU B 36 -29.55 12.60 11.03
C LEU B 36 -28.96 14.02 11.12
N ARG B 37 -29.51 14.99 10.40
CA ARG B 37 -28.87 16.32 10.24
C ARG B 37 -29.83 17.46 10.45
N ARG B 38 -31.01 17.35 9.86
CA ARG B 38 -31.94 18.48 9.75
C ARG B 38 -32.93 18.52 10.91
N PHE B 39 -33.28 19.72 11.34
CA PHE B 39 -34.13 19.91 12.46
C PHE B 39 -35.36 19.01 12.39
N ASP B 40 -36.01 18.97 11.21
CA ASP B 40 -37.22 18.16 11.09
C ASP B 40 -37.01 16.65 11.22
N GLU B 41 -35.86 16.15 10.72
CA GLU B 41 -35.45 14.77 10.97
C GLU B 41 -35.42 14.53 12.45
N PHE B 42 -34.73 15.37 13.20
CA PHE B 42 -34.73 15.12 14.63
C PHE B 42 -36.15 15.15 15.23
N SER B 43 -36.98 16.09 14.78
CA SER B 43 -38.24 16.30 15.40
C SER B 43 -39.11 15.09 15.21
N ARG B 44 -39.18 14.57 13.97
CA ARG B 44 -40.09 13.52 13.62
C ARG B 44 -39.61 12.23 14.25
N SER B 45 -38.31 11.99 14.15
CA SER B 45 -37.78 10.73 14.63
C SER B 45 -37.85 10.58 16.15
N LEU B 46 -37.53 11.66 16.86
CA LEU B 46 -37.54 11.65 18.34
C LEU B 46 -38.89 12.02 18.99
N ASP B 47 -39.84 12.40 18.17
CA ASP B 47 -41.15 12.87 18.69
C ASP B 47 -41.03 13.89 19.82
N ILE B 48 -40.27 14.94 19.57
CA ILE B 48 -39.98 15.97 20.56
C ILE B 48 -40.50 17.31 20.05
N ALA B 49 -41.10 18.10 20.93
CA ALA B 49 -41.55 19.44 20.56
C ALA B 49 -40.38 20.35 20.16
N PRO B 50 -40.60 21.27 19.21
CA PRO B 50 -39.60 22.18 18.62
C PRO B 50 -38.80 23.00 19.63
N ASN B 51 -39.48 23.66 20.56
CA ASN B 51 -38.80 24.57 21.48
C ASN B 51 -37.79 23.81 22.30
N MSE B 52 -38.10 22.56 22.60
CA MSE B 52 -37.20 21.78 23.41
C MSE B 52 -36.08 21.15 22.56
O MSE B 52 -34.93 21.02 23.03
CB MSE B 52 -37.98 20.69 24.10
CG MSE B 52 -37.13 19.48 24.37
SE MSE B 52 -36.88 19.28 26.24
CE MSE B 52 -38.64 18.49 26.63
N LEU B 53 -36.42 20.77 21.35
CA LEU B 53 -35.42 20.27 20.45
C LEU B 53 -34.32 21.35 20.26
N THR B 54 -34.75 22.61 20.20
CA THR B 54 -33.91 23.74 19.85
C THR B 54 -32.97 24.03 21.01
N ARG B 55 -33.53 23.99 22.22
CA ARG B 55 -32.73 24.26 23.38
C ARG B 55 -31.65 23.17 23.52
N ARG B 56 -32.02 21.93 23.26
CA ARG B 56 -31.14 20.77 23.43
C ARG B 56 -30.05 20.74 22.32
N LEU B 57 -30.44 21.05 21.08
CA LEU B 57 -29.45 21.25 20.00
C LEU B 57 -28.46 22.35 20.33
N ASN B 58 -28.95 23.52 20.72
CA ASN B 58 -28.07 24.63 21.03
C ASN B 58 -27.12 24.26 22.16
N ALA B 59 -27.60 23.52 23.16
CA ALA B 59 -26.73 23.17 24.27
C ALA B 59 -25.66 22.17 23.80
N LEU B 60 -26.05 21.22 22.94
CA LEU B 60 -25.05 20.30 22.35
C LEU B 60 -23.99 21.06 21.53
N VAL B 61 -24.43 22.07 20.80
CA VAL B 61 -23.54 22.92 20.10
C VAL B 61 -22.62 23.67 21.07
N GLU B 62 -23.19 24.42 22.04
CA GLU B 62 -22.37 25.18 23.00
C GLU B 62 -21.36 24.29 23.70
N ALA B 63 -21.75 23.08 24.07
CA ALA B 63 -20.84 22.09 24.66
C ALA B 63 -19.73 21.58 23.71
N GLY B 64 -19.82 21.93 22.44
CA GLY B 64 -18.79 21.59 21.44
C GLY B 64 -18.97 20.19 20.88
N LEU B 65 -20.16 19.61 21.08
CA LEU B 65 -20.42 18.27 20.63
C LEU B 65 -21.02 18.18 19.23
N LEU B 66 -21.77 19.20 18.85
CA LEU B 66 -22.29 19.28 17.48
C LEU B 66 -21.86 20.60 16.94
N GLU B 67 -21.80 20.73 15.63
CA GLU B 67 -21.57 22.02 15.02
C GLU B 67 -22.68 22.27 14.00
N ARG B 68 -23.10 23.51 13.89
CA ARG B 68 -24.16 23.90 12.99
C ARG B 68 -23.50 24.25 11.69
N GLN B 69 -24.12 23.89 10.58
CA GLN B 69 -23.58 24.25 9.29
C GLN B 69 -24.71 24.56 8.34
N PRO B 70 -24.56 25.64 7.52
CA PRO B 70 -25.59 26.08 6.58
C PRO B 70 -26.15 24.92 5.76
N TYR B 71 -27.41 25.04 5.37
CA TYR B 71 -28.05 23.98 4.63
C TYR B 71 -28.82 24.51 3.48
N SER B 72 -29.35 25.73 3.62
CA SER B 72 -30.28 26.32 2.66
C SER B 72 -30.38 27.83 2.92
N GLN B 73 -31.06 28.58 2.03
CA GLN B 73 -30.95 30.05 1.93
C GLN B 73 -32.12 30.99 2.39
N ARG B 74 -33.38 30.60 2.16
CA ARG B 74 -34.55 31.52 2.33
C ARG B 74 -35.91 30.80 2.56
N PRO B 75 -36.14 30.26 3.79
CA PRO B 75 -35.36 30.56 5.00
C PRO B 75 -34.01 29.83 5.10
N LEU B 76 -33.02 30.57 5.59
CA LEU B 76 -31.73 30.02 6.01
C LEU B 76 -31.96 29.00 7.09
N ARG B 77 -31.56 27.77 6.82
CA ARG B 77 -31.73 26.70 7.77
C ARG B 77 -30.37 26.05 8.02
N TYR B 78 -30.22 25.34 9.15
CA TYR B 78 -28.97 24.67 9.47
C TYR B 78 -29.19 23.19 9.67
N GLN B 79 -28.17 22.40 9.34
CA GLN B 79 -28.05 21.03 9.79
C GLN B 79 -27.02 20.96 10.93
N TYR B 80 -27.01 19.82 11.64
CA TYR B 80 -26.24 19.65 12.85
C TYR B 80 -25.42 18.40 12.72
N VAL B 81 -24.11 18.54 12.74
CA VAL B 81 -23.29 17.42 12.43
C VAL B 81 -22.33 17.21 13.59
N PRO B 82 -22.03 15.96 13.93
CA PRO B 82 -21.14 15.77 15.05
C PRO B 82 -19.72 16.22 14.76
N THR B 83 -19.07 16.50 15.84
CA THR B 83 -17.82 17.17 15.93
C THR B 83 -16.92 16.00 16.34
N ALA B 84 -15.62 16.23 16.35
CA ALA B 84 -14.72 15.16 16.76
C ALA B 84 -14.97 14.78 18.23
N LYS B 85 -15.08 15.78 19.10
CA LYS B 85 -15.55 15.55 20.49
C LYS B 85 -16.84 14.73 20.62
N GLY B 86 -17.81 15.05 19.79
CA GLY B 86 -19.12 14.41 19.84
C GLY B 86 -19.01 12.98 19.40
N GLU B 87 -18.25 12.77 18.31
CA GLU B 87 -17.85 11.45 17.88
C GLU B 87 -17.23 10.71 19.04
N ASP B 88 -16.33 11.35 19.80
CA ASP B 88 -15.74 10.64 20.97
C ASP B 88 -16.73 10.44 22.13
N PHE B 89 -17.77 11.26 22.16
CA PHE B 89 -18.70 11.22 23.26
C PHE B 89 -19.54 9.95 23.33
N ARG B 90 -19.58 9.23 22.23
CA ARG B 90 -20.19 7.94 22.16
C ARG B 90 -19.88 7.04 23.32
N VAL B 91 -18.66 7.08 23.82
CA VAL B 91 -18.32 6.28 24.97
C VAL B 91 -19.09 6.70 26.22
N VAL B 92 -19.28 8.00 26.38
CA VAL B 92 -19.94 8.54 27.54
C VAL B 92 -21.44 8.18 27.49
N LEU B 93 -22.08 8.37 26.34
CA LEU B 93 -23.48 8.01 26.13
C LEU B 93 -23.71 6.53 26.47
N MSE B 94 -22.79 5.69 26.01
CA MSE B 94 -22.88 4.25 26.19
C MSE B 94 -22.77 3.94 27.67
O MSE B 94 -23.44 3.04 28.22
CB MSE B 94 -21.76 3.56 25.40
CG MSE B 94 -22.27 3.08 24.09
SE MSE B 94 -20.95 2.24 22.88
CE MSE B 94 -22.31 1.66 21.67
N ALA B 95 -21.89 4.69 28.32
CA ALA B 95 -21.73 4.55 29.73
C ALA B 95 -23.02 4.96 30.45
N PHE B 96 -23.68 6.06 30.06
CA PHE B 96 -24.89 6.48 30.77
C PHE B 96 -25.90 5.35 30.67
N VAL B 97 -25.97 4.67 29.53
CA VAL B 97 -26.90 3.59 29.48
C VAL B 97 -26.59 2.37 30.33
N ALA B 98 -25.31 1.99 30.43
CA ALA B 98 -24.85 0.90 31.24
C ALA B 98 -25.16 1.27 32.70
N TRP B 99 -24.91 2.53 33.05
CA TRP B 99 -25.31 3.07 34.34
C TRP B 99 -26.82 2.94 34.64
N GLY B 100 -27.67 3.41 33.72
CA GLY B 100 -29.11 3.37 33.85
C GLY B 100 -29.62 1.94 33.94
N ASN B 101 -29.00 1.02 33.21
CA ASN B 101 -29.42 -0.38 33.21
C ASN B 101 -28.87 -1.20 34.38
N ARG B 102 -27.98 -0.62 35.15
CA ARG B 102 -27.42 -1.25 36.33
C ARG B 102 -28.55 -1.73 37.24
N HIS B 103 -28.50 -2.99 37.65
CA HIS B 103 -29.55 -3.54 38.53
C HIS B 103 -30.90 -3.75 37.86
N TYR B 104 -30.95 -3.72 36.54
CA TYR B 104 -32.20 -4.07 35.85
C TYR B 104 -31.93 -5.31 35.04
N ALA B 105 -32.84 -6.26 35.11
CA ALA B 105 -32.71 -7.49 34.37
C ALA B 105 -32.97 -7.22 32.88
N GLN B 106 -32.27 -7.94 32.01
CA GLN B 106 -32.26 -7.70 30.57
C GLN B 106 -33.62 -7.75 29.91
N GLN B 107 -34.35 -8.86 30.05
CA GLN B 107 -35.75 -8.94 29.61
C GLN B 107 -36.33 -7.76 30.31
N GLY B 108 -37.38 -7.10 29.86
CA GLY B 108 -37.67 -5.89 30.66
C GLY B 108 -36.94 -4.57 30.35
N GLN B 109 -35.75 -4.59 29.78
CA GLN B 109 -35.09 -3.32 29.55
C GLN B 109 -35.66 -2.69 28.28
N SER B 110 -35.89 -1.38 28.32
CA SER B 110 -36.39 -0.66 27.14
C SER B 110 -35.26 -0.22 26.26
N VAL B 111 -34.07 -0.02 26.86
CA VAL B 111 -32.89 0.44 26.12
C VAL B 111 -31.69 -0.45 26.47
N GLN B 112 -30.91 -0.85 25.47
CA GLN B 112 -29.80 -1.76 25.71
C GLN B 112 -28.55 -1.36 24.95
N LEU B 113 -27.43 -1.51 25.63
CA LEU B 113 -26.12 -1.49 25.00
C LEU B 113 -25.84 -2.92 24.56
N VAL B 114 -25.71 -3.14 23.24
CA VAL B 114 -25.40 -4.44 22.64
C VAL B 114 -24.20 -4.46 21.70
N GLU B 115 -23.73 -5.65 21.37
CA GLU B 115 -22.71 -5.78 20.33
C GLU B 115 -23.44 -5.52 19.01
N ARG B 116 -22.97 -4.58 18.20
CA ARG B 116 -23.75 -4.21 16.99
C ARG B 116 -23.99 -5.42 16.05
N THR B 117 -23.01 -6.30 15.91
CA THR B 117 -23.15 -7.49 15.04
C THR B 117 -24.28 -8.43 15.44
N SER B 118 -24.17 -9.00 16.64
CA SER B 118 -25.16 -9.96 17.10
C SER B 118 -26.12 -9.08 17.84
N GLY B 119 -27.16 -9.60 18.46
CA GLY B 119 -27.83 -8.63 19.33
C GLY B 119 -27.30 -8.65 20.76
N ARG B 120 -26.07 -9.12 20.97
CA ARG B 120 -25.57 -9.63 22.27
C ARG B 120 -25.41 -8.55 23.34
N PRO B 121 -26.18 -8.66 24.46
CA PRO B 121 -26.07 -7.55 25.38
C PRO B 121 -24.73 -7.46 26.09
N VAL B 122 -24.36 -6.23 26.42
CA VAL B 122 -23.17 -5.91 27.15
C VAL B 122 -23.45 -6.08 28.67
N ARG B 123 -22.76 -7.04 29.31
CA ARG B 123 -22.77 -7.18 30.77
C ARG B 123 -22.11 -6.02 31.51
N SER B 124 -20.89 -5.63 31.12
CA SER B 124 -20.21 -4.53 31.78
C SER B 124 -19.08 -3.96 30.95
N PHE B 125 -18.69 -2.73 31.32
CA PHE B 125 -17.54 -2.06 30.76
C PHE B 125 -16.33 -2.74 31.34
N MSE B 126 -15.23 -2.79 30.60
CA MSE B 126 -13.95 -3.26 31.18
C MSE B 126 -12.85 -2.27 30.78
O MSE B 126 -12.97 -1.59 29.78
CB MSE B 126 -13.63 -4.68 30.69
CG MSE B 126 -14.66 -5.78 31.06
SE MSE B 126 -14.45 -6.44 32.92
CE MSE B 126 -15.80 -5.37 33.78
N ALA B 127 -11.77 -2.21 31.56
CA ALA B 127 -10.62 -1.38 31.19
C ALA B 127 -9.48 -2.15 30.53
N ALA B 128 -9.07 -1.70 29.34
CA ALA B 128 -7.97 -2.34 28.61
C ALA B 128 -6.71 -1.58 28.87
N LEU B 129 -5.74 -2.24 29.47
CA LEU B 129 -4.42 -1.66 29.69
C LEU B 129 -3.55 -1.75 28.43
N ALA B 130 -2.37 -1.12 28.47
CA ALA B 130 -1.45 -1.17 27.33
C ALA B 130 -0.90 -2.58 27.06
N ASP B 131 -0.61 -3.36 28.09
CA ASP B 131 -0.01 -4.71 27.92
C ASP B 131 -0.90 -5.74 27.18
N GLY B 132 -2.22 -5.58 27.24
CA GLY B 132 -3.17 -6.55 26.68
C GLY B 132 -4.28 -6.90 27.65
N ARG B 133 -3.97 -6.84 28.96
CA ARG B 133 -4.87 -7.24 30.04
C ARG B 133 -6.11 -6.33 30.20
N THR B 134 -7.22 -6.95 30.55
CA THR B 134 -8.45 -6.28 30.83
C THR B 134 -8.80 -6.43 32.31
N VAL B 135 -9.05 -5.31 32.99
CA VAL B 135 -9.52 -5.34 34.37
C VAL B 135 -10.89 -4.67 34.57
N PRO B 136 -11.60 -5.07 35.63
CA PRO B 136 -12.86 -4.40 35.95
C PRO B 136 -12.65 -2.97 36.38
N LEU B 137 -13.64 -2.14 36.15
CA LEU B 137 -13.57 -0.73 36.54
C LEU B 137 -13.38 -0.48 38.04
N GLU B 138 -14.00 -1.30 38.88
CA GLU B 138 -13.81 -1.24 40.35
C GLU B 138 -12.33 -1.23 40.67
N GLN B 139 -11.54 -1.84 39.79
CA GLN B 139 -10.09 -1.96 40.00
C GLN B 139 -9.26 -0.78 39.47
N CYS B 140 -9.93 0.22 38.91
CA CYS B 140 -9.27 1.40 38.35
C CYS B 140 -9.49 2.62 39.21
N THR B 141 -8.70 3.65 38.98
CA THR B 141 -8.86 4.90 39.70
C THR B 141 -8.54 6.14 38.85
N VAL B 142 -9.13 7.28 39.24
CA VAL B 142 -8.83 8.56 38.66
C VAL B 142 -7.73 9.20 39.52
N GLN B 143 -6.66 9.66 38.88
CA GLN B 143 -5.55 10.23 39.64
C GLN B 143 -4.89 11.35 38.87
N ALA B 144 -3.94 12.03 39.52
CA ALA B 144 -3.27 13.13 38.87
C ALA B 144 -2.27 12.62 37.86
N GLY B 145 -2.19 13.32 36.73
CA GLY B 145 -1.32 12.94 35.63
C GLY B 145 0.00 13.67 35.70
N PRO B 146 0.94 13.29 34.82
CA PRO B 146 2.27 13.90 34.74
C PRO B 146 2.26 15.42 34.53
N ALA B 147 1.30 15.92 33.76
CA ALA B 147 1.21 17.36 33.46
C ALA B 147 0.49 18.20 34.55
N ALA B 148 -0.13 17.53 35.53
CA ALA B 148 -0.90 18.19 36.62
C ALA B 148 -0.19 19.30 37.39
N SER B 149 -0.83 20.47 37.43
CA SER B 149 -0.44 21.58 38.34
C SER B 149 -0.66 21.18 39.80
N GLU B 150 0.00 21.94 40.69
CA GLU B 150 -0.20 21.90 42.16
C GLU B 150 -1.69 21.85 42.54
N GLU B 151 -2.50 22.73 41.93
CA GLU B 151 -3.92 22.80 42.19
C GLU B 151 -4.59 21.48 41.82
N MSE B 152 -4.24 20.93 40.67
CA MSE B 152 -4.84 19.68 40.24
C MSE B 152 -4.55 18.55 41.21
O MSE B 152 -5.45 17.78 41.55
CB MSE B 152 -4.40 19.32 38.81
CG MSE B 152 -5.08 18.08 38.32
SE MSE B 152 -7.00 18.43 38.10
CE MSE B 152 -6.96 19.36 36.37
N ARG B 153 -3.30 18.45 41.65
CA ARG B 153 -2.82 17.45 42.62
C ARG B 153 -3.65 17.46 43.91
N GLN B 154 -3.95 18.66 44.39
CA GLN B 154 -4.74 18.90 45.59
C GLN B 154 -6.17 18.43 45.39
N ARG B 155 -6.71 18.69 44.21
CA ARG B 155 -8.08 18.28 43.92
C ARG B 155 -8.25 16.77 43.83
N LEU B 156 -7.14 16.07 43.60
CA LEU B 156 -7.14 14.63 43.36
C LEU B 156 -6.41 13.84 44.45
N CYS C 11 -28.30 50.01 28.10
CA CYS C 11 -27.10 49.18 28.51
C CYS C 11 -25.77 49.87 28.19
N PRO C 12 -24.63 49.36 28.71
CA PRO C 12 -23.37 50.10 28.43
C PRO C 12 -23.07 50.33 26.96
N ILE C 13 -23.24 49.32 26.10
CA ILE C 13 -22.92 49.49 24.68
C ILE C 13 -23.81 50.50 23.95
N ALA C 14 -25.09 50.59 24.35
CA ALA C 14 -25.99 51.56 23.73
C ALA C 14 -25.47 52.90 24.05
N ARG C 15 -25.02 53.04 25.28
CA ARG C 15 -24.60 54.32 25.80
C ARG C 15 -23.38 54.81 25.04
N SER C 16 -22.38 53.95 24.92
CA SER C 16 -21.15 54.26 24.18
C SER C 16 -21.43 54.59 22.72
N LEU C 17 -22.23 53.75 22.08
CA LEU C 17 -22.58 54.01 20.70
C LEU C 17 -23.43 55.29 20.56
N GLU C 18 -24.32 55.54 21.51
CA GLU C 18 -24.94 56.87 21.59
C GLU C 18 -23.93 58.04 21.71
N ARG C 19 -22.93 57.92 22.57
CA ARG C 19 -21.96 59.02 22.77
C ARG C 19 -21.20 59.44 21.47
N VAL C 20 -20.90 58.45 20.64
CA VAL C 20 -20.28 58.69 19.34
C VAL C 20 -21.32 58.85 18.21
N GLY C 21 -22.62 58.91 18.52
CA GLY C 21 -23.64 59.19 17.49
C GLY C 21 -23.94 58.10 16.44
N GLU C 22 -23.80 56.82 16.83
CA GLU C 22 -23.87 55.73 15.87
C GLU C 22 -24.92 54.68 16.18
N TRP C 23 -25.44 54.71 17.39
CA TRP C 23 -26.30 53.67 17.86
C TRP C 23 -27.54 53.43 16.99
N TRP C 24 -28.41 54.43 16.87
CA TRP C 24 -29.58 54.29 15.98
C TRP C 24 -29.18 53.95 14.55
N SER C 25 -28.10 54.55 14.05
CA SER C 25 -27.66 54.31 12.67
C SER C 25 -27.32 52.87 12.45
N ILE C 26 -26.70 52.26 13.44
CA ILE C 26 -26.33 50.87 13.34
C ILE C 26 -27.62 50.04 13.24
N LEU C 27 -28.58 50.28 14.14
CA LEU C 27 -29.78 49.47 14.25
C LEU C 27 -30.63 49.62 13.00
N ILE C 28 -30.70 50.84 12.49
CA ILE C 28 -31.44 51.12 11.30
C ILE C 28 -30.79 50.41 10.10
N MSE C 29 -29.51 50.61 9.86
CA MSE C 29 -28.77 49.94 8.77
C MSE C 29 -28.86 48.40 8.81
O MSE C 29 -29.15 47.74 7.79
CB MSE C 29 -27.31 50.41 8.75
CG MSE C 29 -27.16 51.86 8.31
SE MSE C 29 -27.83 51.93 6.48
CE MSE C 29 -27.75 53.75 6.03
N ARG C 30 -28.62 47.83 9.98
CA ARG C 30 -28.84 46.40 10.19
C ARG C 30 -30.22 45.97 9.74
N ASP C 31 -31.23 46.75 10.11
CA ASP C 31 -32.61 46.47 9.69
C ASP C 31 -32.86 46.56 8.18
N ALA C 32 -32.38 47.63 7.56
CA ALA C 32 -32.51 47.78 6.12
C ALA C 32 -31.74 46.66 5.43
N LEU C 33 -30.52 46.37 5.89
CA LEU C 33 -29.79 45.26 5.30
C LEU C 33 -30.62 44.00 5.35
N GLN C 34 -31.34 43.78 6.46
CA GLN C 34 -32.16 42.57 6.64
C GLN C 34 -33.48 42.55 5.89
N GLY C 35 -33.82 43.65 5.19
CA GLY C 35 -35.06 43.67 4.39
C GLY C 35 -36.18 44.63 4.79
N LEU C 36 -36.03 45.32 5.91
CA LEU C 36 -36.95 46.38 6.33
C LEU C 36 -36.87 47.59 5.40
N ARG C 37 -38.02 48.12 5.03
CA ARG C 37 -38.03 49.13 3.98
C ARG C 37 -38.80 50.38 4.36
N ARG C 38 -39.81 50.23 5.22
CA ARG C 38 -40.77 51.30 5.43
C ARG C 38 -40.75 51.90 6.86
N PHE C 39 -41.09 53.19 6.93
CA PHE C 39 -40.96 53.94 8.15
C PHE C 39 -41.60 53.24 9.34
N ASP C 40 -42.80 52.67 9.17
CA ASP C 40 -43.49 52.02 10.30
C ASP C 40 -42.85 50.68 10.69
N GLU C 41 -42.09 50.09 9.78
CA GLU C 41 -41.41 48.84 10.10
C GLU C 41 -40.25 49.12 11.02
N PHE C 42 -39.47 50.13 10.68
CA PHE C 42 -38.34 50.53 11.48
C PHE C 42 -38.84 50.95 12.85
N SER C 43 -39.87 51.79 12.85
CA SER C 43 -40.44 52.32 14.07
C SER C 43 -40.83 51.21 15.04
N ARG C 44 -41.66 50.29 14.53
CA ARG C 44 -42.12 49.18 15.34
C ARG C 44 -41.01 48.21 15.71
N SER C 45 -40.20 47.81 14.75
CA SER C 45 -39.15 46.87 15.09
C SER C 45 -38.16 47.45 16.09
N LEU C 46 -37.82 48.72 15.96
CA LEU C 46 -36.66 49.28 16.68
C LEU C 46 -37.07 50.01 17.96
N ASP C 47 -38.38 50.24 18.09
CA ASP C 47 -38.95 51.01 19.17
C ASP C 47 -38.34 52.38 19.32
N ILE C 48 -38.39 53.17 18.27
CA ILE C 48 -37.76 54.50 18.24
C ILE C 48 -38.84 55.55 17.91
N ALA C 49 -38.72 56.74 18.51
CA ALA C 49 -39.74 57.78 18.30
C ALA C 49 -39.64 58.31 16.90
N PRO C 50 -40.74 58.80 16.37
CA PRO C 50 -40.71 59.22 14.97
C PRO C 50 -39.73 60.32 14.56
N ASN C 51 -39.61 61.40 15.34
CA ASN C 51 -38.71 62.47 14.96
C ASN C 51 -37.29 61.99 14.88
N MSE C 52 -36.87 61.20 15.85
CA MSE C 52 -35.52 60.64 15.85
C MSE C 52 -35.34 59.78 14.61
O MSE C 52 -34.33 59.90 13.89
CB MSE C 52 -35.20 59.86 17.12
CG MSE C 52 -33.84 59.13 17.12
SE MSE C 52 -32.20 60.35 17.11
CE MSE C 52 -32.43 61.10 18.94
N LEU C 53 -36.33 58.95 14.30
CA LEU C 53 -36.21 58.04 13.15
C LEU C 53 -36.15 58.83 11.83
N THR C 54 -36.91 59.91 11.75
CA THR C 54 -36.85 60.78 10.58
C THR C 54 -35.46 61.38 10.36
N ARG C 55 -34.83 61.88 11.43
CA ARG C 55 -33.52 62.50 11.34
C ARG C 55 -32.46 61.49 10.87
N ARG C 56 -32.46 60.30 11.48
CA ARG C 56 -31.50 59.24 11.16
C ARG C 56 -31.68 58.68 9.76
N LEU C 57 -32.92 58.46 9.34
CA LEU C 57 -33.15 57.97 7.97
C LEU C 57 -32.69 59.00 6.97
N ASN C 58 -33.01 60.27 7.24
CA ASN C 58 -32.55 61.31 6.34
C ASN C 58 -31.04 61.33 6.25
N ALA C 59 -30.38 61.36 7.40
CA ALA C 59 -28.94 61.49 7.44
C ALA C 59 -28.32 60.29 6.72
N LEU C 60 -28.91 59.11 6.87
CA LEU C 60 -28.44 57.94 6.13
C LEU C 60 -28.53 58.09 4.61
N VAL C 61 -29.65 58.58 4.11
CA VAL C 61 -29.82 58.83 2.68
C VAL C 61 -28.80 59.87 2.21
N GLU C 62 -28.69 60.98 2.94
CA GLU C 62 -27.72 62.02 2.64
C GLU C 62 -26.33 61.43 2.52
N ALA C 63 -25.99 60.52 3.42
CA ALA C 63 -24.73 59.84 3.44
C ALA C 63 -24.49 58.83 2.30
N GLY C 64 -25.46 58.66 1.40
CA GLY C 64 -25.38 57.62 0.34
C GLY C 64 -25.53 56.15 0.77
N LEU C 65 -25.95 55.91 2.00
CA LEU C 65 -26.04 54.58 2.57
C LEU C 65 -27.37 53.90 2.32
N LEU C 66 -28.45 54.69 2.38
CA LEU C 66 -29.77 54.25 2.00
C LEU C 66 -30.26 55.06 0.81
N GLU C 67 -31.14 54.46 0.01
CA GLU C 67 -31.86 55.22 -1.02
C GLU C 67 -33.38 55.39 -0.72
N ARG C 68 -33.88 56.61 -0.85
CA ARG C 68 -35.29 56.91 -0.58
C ARG C 68 -36.12 56.72 -1.85
N GLN C 69 -36.99 55.74 -1.85
CA GLN C 69 -37.72 55.46 -3.08
C GLN C 69 -39.24 55.48 -2.89
N PRO C 70 -39.98 56.06 -3.87
CA PRO C 70 -41.41 56.27 -3.70
C PRO C 70 -42.14 54.96 -3.44
N TYR C 71 -43.22 55.04 -2.68
CA TYR C 71 -44.03 53.89 -2.36
C TYR C 71 -45.51 54.17 -2.65
N SER C 72 -45.95 55.39 -2.33
CA SER C 72 -47.36 55.78 -2.45
C SER C 72 -47.57 56.96 -3.38
N TYR C 78 -42.82 56.66 1.39
CA TYR C 78 -41.42 56.35 1.04
C TYR C 78 -40.94 54.99 1.59
N GLN C 79 -40.09 54.32 0.82
CA GLN C 79 -39.37 53.15 1.31
C GLN C 79 -37.86 53.35 1.18
N TYR C 80 -37.10 52.61 1.99
CA TYR C 80 -35.64 52.82 2.18
C TYR C 80 -34.86 51.55 1.92
N VAL C 81 -34.12 51.54 0.80
CA VAL C 81 -33.33 50.40 0.39
C VAL C 81 -31.84 50.65 0.60
N PRO C 82 -31.09 49.63 1.05
CA PRO C 82 -29.64 49.71 1.10
C PRO C 82 -29.06 50.05 -0.25
N THR C 83 -27.97 50.76 -0.20
CA THR C 83 -27.32 51.26 -1.38
C THR C 83 -26.14 50.30 -1.64
N ALA C 84 -25.51 50.35 -2.81
CA ALA C 84 -24.26 49.60 -2.97
C ALA C 84 -23.31 49.93 -1.79
N LYS C 85 -23.06 51.22 -1.56
CA LYS C 85 -22.20 51.67 -0.41
C LYS C 85 -22.75 51.23 0.94
N GLY C 86 -24.09 51.27 1.04
CA GLY C 86 -24.79 50.78 2.23
C GLY C 86 -24.50 49.33 2.46
N GLU C 87 -24.54 48.52 1.40
CA GLU C 87 -24.23 47.10 1.51
C GLU C 87 -22.80 46.93 2.03
N ASP C 88 -21.87 47.71 1.46
CA ASP C 88 -20.46 47.65 1.87
C ASP C 88 -20.24 48.05 3.32
N PHE C 89 -21.21 48.77 3.91
CA PHE C 89 -21.01 49.39 5.23
C PHE C 89 -20.98 48.41 6.39
N ARG C 90 -21.31 47.15 6.13
CA ARG C 90 -21.20 46.10 7.13
C ARG C 90 -19.94 46.05 7.99
N VAL C 91 -18.74 46.21 7.41
CA VAL C 91 -17.47 46.26 8.18
C VAL C 91 -17.50 47.34 9.25
N VAL C 92 -17.96 48.52 8.86
CA VAL C 92 -17.96 49.64 9.79
C VAL C 92 -18.87 49.33 10.97
N LEU C 93 -20.09 48.88 10.69
CA LEU C 93 -21.03 48.59 11.75
C LEU C 93 -20.43 47.50 12.68
N MSE C 94 -19.90 46.43 12.11
CA MSE C 94 -19.25 45.42 12.91
C MSE C 94 -18.07 45.99 13.71
O MSE C 94 -17.87 45.62 14.87
CB MSE C 94 -18.81 44.28 12.03
CG MSE C 94 -19.96 43.50 11.51
SE MSE C 94 -19.36 42.04 10.39
CE MSE C 94 -21.05 41.07 10.20
N ALA C 95 -17.31 46.90 13.10
CA ALA C 95 -16.20 47.52 13.83
C ALA C 95 -16.71 48.29 15.04
N PHE C 96 -17.83 49.00 14.87
CA PHE C 96 -18.39 49.80 15.97
C PHE C 96 -18.83 48.92 17.12
N VAL C 97 -19.51 47.80 16.84
CA VAL C 97 -19.83 47.01 17.97
C VAL C 97 -18.59 46.37 18.64
N ALA C 98 -17.59 45.91 17.87
CA ALA C 98 -16.36 45.42 18.49
C ALA C 98 -15.79 46.45 19.46
N TRP C 99 -15.71 47.71 19.01
CA TRP C 99 -15.14 48.80 19.82
C TRP C 99 -15.94 49.02 21.08
N GLY C 100 -17.26 49.00 20.97
CA GLY C 100 -18.10 49.23 22.14
C GLY C 100 -18.04 48.09 23.16
N ASN C 101 -17.81 46.88 22.67
CA ASN C 101 -17.74 45.73 23.54
C ASN C 101 -16.35 45.48 24.11
N ARG C 102 -15.37 46.29 23.71
CA ARG C 102 -14.00 46.15 24.17
C ARG C 102 -13.99 46.45 25.69
N HIS C 103 -13.31 45.63 26.48
CA HIS C 103 -13.27 45.72 27.99
C HIS C 103 -14.46 45.15 28.77
N TYR C 104 -15.49 44.67 28.07
CA TYR C 104 -16.62 44.04 28.73
C TYR C 104 -16.59 42.54 28.53
N ALA C 105 -16.78 41.80 29.61
CA ALA C 105 -16.71 40.34 29.55
C ALA C 105 -17.83 39.85 28.65
N GLN C 106 -17.52 38.82 27.88
CA GLN C 106 -18.49 38.15 27.04
C GLN C 106 -19.84 37.82 27.72
N GLN C 107 -19.80 37.39 28.99
CA GLN C 107 -21.02 37.05 29.70
C GLN C 107 -22.00 38.21 29.88
N GLY C 108 -21.47 39.43 29.97
CA GLY C 108 -22.33 40.54 30.35
C GLY C 108 -22.85 41.34 29.17
N GLN C 109 -22.45 40.98 27.96
CA GLN C 109 -22.74 41.84 26.80
C GLN C 109 -24.18 41.70 26.39
N SER C 110 -24.75 42.79 25.87
CA SER C 110 -26.12 42.78 25.36
C SER C 110 -26.15 42.61 23.86
N VAL C 111 -25.09 43.04 23.19
CA VAL C 111 -24.95 42.96 21.75
C VAL C 111 -23.56 42.38 21.48
N GLN C 112 -23.47 41.33 20.65
CA GLN C 112 -22.21 40.63 20.39
C GLN C 112 -21.95 40.52 18.90
N LEU C 113 -20.68 40.59 18.51
CA LEU C 113 -20.25 40.22 17.17
C LEU C 113 -19.73 38.81 17.17
N VAL C 114 -20.34 37.95 16.37
CA VAL C 114 -20.07 36.52 16.44
C VAL C 114 -20.09 35.84 15.07
N GLU C 115 -19.52 34.64 15.02
CA GLU C 115 -19.59 33.81 13.84
C GLU C 115 -21.03 33.32 13.74
N ARG C 116 -21.67 33.59 12.61
CA ARG C 116 -23.10 33.32 12.46
C ARG C 116 -23.44 31.86 12.75
N THR C 117 -22.69 30.94 12.14
CA THR C 117 -22.89 29.49 12.31
C THR C 117 -22.84 29.00 13.76
N SER C 118 -21.70 29.19 14.42
CA SER C 118 -21.41 28.66 15.75
C SER C 118 -21.85 29.67 16.80
N GLY C 119 -21.65 29.34 18.08
CA GLY C 119 -21.88 30.36 19.12
C GLY C 119 -20.88 31.55 19.19
N ARG C 120 -19.71 31.40 18.55
CA ARG C 120 -18.48 32.03 19.03
C ARG C 120 -18.31 33.53 18.76
N PRO C 121 -18.05 34.30 19.83
CA PRO C 121 -17.81 35.71 19.65
C PRO C 121 -16.49 35.99 18.95
N VAL C 122 -16.45 37.07 18.20
CA VAL C 122 -15.23 37.55 17.56
C VAL C 122 -14.36 38.22 18.65
N ARG C 123 -13.14 37.77 18.85
CA ARG C 123 -12.24 38.42 19.85
C ARG C 123 -11.64 39.72 19.37
N SER C 124 -11.21 39.74 18.10
CA SER C 124 -10.57 40.93 17.49
C SER C 124 -10.58 40.83 15.98
N PHE C 125 -10.17 41.91 15.31
CA PHE C 125 -10.00 41.86 13.88
C PHE C 125 -8.55 41.60 13.48
N MSE C 126 -8.39 41.06 12.29
CA MSE C 126 -7.12 40.69 11.72
C MSE C 126 -7.10 41.29 10.32
O MSE C 126 -8.15 41.61 9.75
CB MSE C 126 -7.04 39.17 11.59
CG MSE C 126 -7.21 38.43 12.89
SE MSE C 126 -5.62 38.64 14.01
CE MSE C 126 -6.23 39.83 15.46
N ALA C 127 -5.90 41.44 9.76
CA ALA C 127 -5.74 42.02 8.44
C ALA C 127 -5.13 41.00 7.52
N ALA C 128 -5.83 40.65 6.46
CA ALA C 128 -5.35 39.72 5.45
C ALA C 128 -4.65 40.57 4.42
N LEU C 129 -3.41 40.24 4.14
CA LEU C 129 -2.62 41.08 3.28
C LEU C 129 -2.55 40.59 1.86
N ALA C 130 -1.85 41.37 1.05
CA ALA C 130 -1.66 41.09 -0.36
C ALA C 130 -0.78 39.89 -0.52
N ASP C 131 0.22 39.75 0.36
CA ASP C 131 1.24 38.70 0.22
C ASP C 131 0.92 37.32 0.86
N GLY C 132 -0.35 37.07 1.21
CA GLY C 132 -0.72 35.75 1.78
C GLY C 132 -1.05 35.83 3.26
N ARG C 133 -0.23 36.60 3.98
CA ARG C 133 -0.22 36.66 5.41
C ARG C 133 -1.44 37.34 6.04
N THR C 134 -1.61 37.11 7.33
CA THR C 134 -2.65 37.78 8.10
C THR C 134 -2.00 38.21 9.41
N VAL C 135 -2.08 39.50 9.71
CA VAL C 135 -1.47 40.09 10.88
C VAL C 135 -2.53 40.82 11.72
N PRO C 136 -2.26 41.04 13.02
CA PRO C 136 -3.30 41.72 13.80
C PRO C 136 -3.60 43.08 13.21
N LEU C 137 -4.89 43.43 13.17
CA LEU C 137 -5.35 44.74 12.71
C LEU C 137 -4.64 45.86 13.44
N GLU C 138 -4.30 45.65 14.71
CA GLU C 138 -3.59 46.67 15.49
C GLU C 138 -2.17 46.99 14.96
N GLN C 139 -1.68 46.18 14.03
CA GLN C 139 -0.29 46.31 13.50
C GLN C 139 -0.31 46.96 12.12
N CYS C 140 -1.48 47.47 11.76
CA CYS C 140 -1.69 48.05 10.46
C CYS C 140 -1.89 49.55 10.61
N THR C 141 -1.90 50.26 9.50
CA THR C 141 -2.05 51.70 9.53
C THR C 141 -2.56 52.31 8.23
N VAL C 142 -3.25 53.44 8.37
CA VAL C 142 -3.67 54.27 7.24
C VAL C 142 -2.50 55.14 6.77
N GLN C 143 -2.10 55.01 5.50
CA GLN C 143 -1.01 55.82 4.94
C GLN C 143 -1.51 56.40 3.62
N ALA C 144 -0.72 57.32 3.05
CA ALA C 144 -0.95 57.79 1.67
C ALA C 144 -0.85 56.64 0.66
N GLY C 145 -1.88 56.52 -0.17
CA GLY C 145 -1.88 55.57 -1.27
C GLY C 145 -1.01 56.03 -2.40
N PRO C 146 -0.78 55.15 -3.41
CA PRO C 146 0.12 55.54 -4.48
C PRO C 146 -0.39 56.77 -5.26
N ALA C 147 -1.69 57.03 -5.25
CA ALA C 147 -2.24 58.15 -6.06
C ALA C 147 -2.42 59.50 -5.31
N ALA C 148 -1.95 59.58 -4.07
CA ALA C 148 -2.19 60.77 -3.25
C ALA C 148 -1.60 62.03 -3.85
N SER C 149 -2.33 63.16 -3.75
CA SER C 149 -1.80 64.50 -4.07
C SER C 149 -0.79 64.94 -3.02
N GLU C 150 -0.12 66.06 -3.27
CA GLU C 150 0.85 66.61 -2.31
C GLU C 150 0.13 67.00 -1.02
N GLU C 151 -1.08 67.59 -1.12
CA GLU C 151 -1.94 67.88 0.04
C GLU C 151 -2.23 66.59 0.81
N MSE C 152 -2.59 65.55 0.08
CA MSE C 152 -3.01 64.31 0.74
C MSE C 152 -1.83 63.76 1.54
O MSE C 152 -1.97 63.49 2.73
CB MSE C 152 -3.57 63.31 -0.26
CG MSE C 152 -4.04 62.02 0.39
SE MSE C 152 -5.60 62.34 1.56
CE MSE C 152 -7.01 62.37 0.19
N ARG C 153 -0.66 63.66 0.88
CA ARG C 153 0.55 63.17 1.56
C ARG C 153 0.86 63.97 2.82
N GLN C 154 0.64 65.29 2.77
CA GLN C 154 0.88 66.16 3.90
C GLN C 154 -0.06 65.77 5.00
N ARG C 155 -1.33 65.64 4.66
CA ARG C 155 -2.34 65.25 5.63
C ARG C 155 -2.06 63.88 6.29
N LEU C 156 -1.40 62.96 5.56
CA LEU C 156 -1.07 61.64 6.09
C LEU C 156 0.43 61.38 6.31
N CYS D 11 -10.87 63.80 -4.10
CA CYS D 11 -10.62 62.38 -4.53
C CYS D 11 -11.69 61.45 -4.00
N PRO D 12 -11.90 60.30 -4.66
CA PRO D 12 -13.13 59.61 -4.29
C PRO D 12 -13.25 59.15 -2.83
N ILE D 13 -12.20 58.70 -2.19
CA ILE D 13 -12.40 58.26 -0.79
C ILE D 13 -12.73 59.42 0.16
N ALA D 14 -12.12 60.58 -0.08
CA ALA D 14 -12.37 61.73 0.80
C ALA D 14 -13.81 62.19 0.63
N ARG D 15 -14.36 62.08 -0.57
CA ARG D 15 -15.73 62.50 -0.80
C ARG D 15 -16.68 61.56 -0.08
N SER D 16 -16.36 60.27 -0.10
CA SER D 16 -17.24 59.28 0.52
C SER D 16 -17.22 59.42 1.99
N LEU D 17 -16.04 59.64 2.56
CA LEU D 17 -15.89 59.74 3.99
C LEU D 17 -16.45 61.06 4.52
N GLU D 18 -16.41 62.10 3.71
CA GLU D 18 -17.08 63.34 4.06
C GLU D 18 -18.59 63.14 4.11
N ARG D 19 -19.14 62.36 3.19
CA ARG D 19 -20.60 62.23 3.11
C ARG D 19 -21.12 61.45 4.31
N VAL D 20 -20.29 60.55 4.81
CA VAL D 20 -20.65 59.82 6.01
C VAL D 20 -20.17 60.57 7.26
N GLY D 21 -19.56 61.75 7.05
CA GLY D 21 -19.13 62.62 8.16
C GLY D 21 -17.99 62.13 9.03
N GLU D 22 -17.07 61.36 8.45
CA GLU D 22 -15.94 60.85 9.20
C GLU D 22 -14.56 61.24 8.72
N TRP D 23 -14.45 62.15 7.75
CA TRP D 23 -13.15 62.44 7.09
C TRP D 23 -12.15 63.18 7.99
N TRP D 24 -12.53 64.31 8.59
CA TRP D 24 -11.64 65.04 9.53
C TRP D 24 -11.45 64.29 10.83
N SER D 25 -12.47 63.57 11.27
CA SER D 25 -12.33 62.78 12.48
C SER D 25 -11.20 61.78 12.37
N ILE D 26 -11.07 61.18 11.19
CA ILE D 26 -10.03 60.19 10.90
C ILE D 26 -8.66 60.85 10.86
N LEU D 27 -8.55 61.93 10.09
CA LEU D 27 -7.33 62.70 10.02
C LEU D 27 -6.93 63.18 11.42
N ILE D 28 -7.88 63.73 12.19
CA ILE D 28 -7.54 64.28 13.49
C ILE D 28 -7.14 63.20 14.49
N MSE D 29 -8.00 62.20 14.61
CA MSE D 29 -7.73 61.10 15.52
C MSE D 29 -6.40 60.47 15.16
O MSE D 29 -5.57 60.22 16.04
CB MSE D 29 -8.87 60.08 15.46
CG MSE D 29 -10.10 60.55 16.23
SE MSE D 29 -9.69 61.07 18.09
CE MSE D 29 -11.47 61.46 18.70
N ARG D 30 -6.16 60.28 13.87
CA ARG D 30 -4.89 59.70 13.45
C ARG D 30 -3.68 60.56 13.92
N ASP D 31 -3.76 61.88 13.74
CA ASP D 31 -2.69 62.74 14.21
C ASP D 31 -2.55 62.75 15.72
N ALA D 32 -3.67 62.73 16.44
CA ALA D 32 -3.57 62.76 17.87
C ALA D 32 -2.99 61.42 18.34
N LEU D 33 -3.38 60.33 17.69
CA LEU D 33 -2.77 59.04 18.04
C LEU D 33 -1.26 59.06 17.80
N GLN D 34 -0.81 59.72 16.72
CA GLN D 34 0.66 59.86 16.47
C GLN D 34 1.31 60.96 17.32
N GLY D 35 0.58 61.59 18.22
CA GLY D 35 1.16 62.54 19.17
C GLY D 35 0.95 64.05 18.99
N LEU D 36 0.27 64.47 17.93
CA LEU D 36 -0.07 65.89 17.84
C LEU D 36 -1.00 66.22 18.99
N ARG D 37 -0.96 67.45 19.48
CA ARG D 37 -1.59 67.78 20.76
C ARG D 37 -2.25 69.15 20.77
N ARG D 38 -1.60 70.12 20.13
CA ARG D 38 -1.99 71.52 20.11
C ARG D 38 -2.74 71.90 18.84
N PHE D 39 -3.72 72.80 19.00
CA PHE D 39 -4.61 73.23 17.93
C PHE D 39 -3.86 73.62 16.65
N ASP D 40 -2.80 74.39 16.81
CA ASP D 40 -2.01 74.81 15.68
C ASP D 40 -1.27 73.69 14.95
N GLU D 41 -0.85 72.66 15.68
CA GLU D 41 -0.23 71.50 15.02
C GLU D 41 -1.22 70.81 14.12
N PHE D 42 -2.47 70.67 14.58
CA PHE D 42 -3.51 70.08 13.73
C PHE D 42 -3.81 71.01 12.54
N SER D 43 -3.94 72.31 12.77
CA SER D 43 -4.25 73.25 11.67
C SER D 43 -3.24 73.10 10.52
N ARG D 44 -1.95 73.20 10.84
CA ARG D 44 -0.90 73.15 9.82
C ARG D 44 -0.68 71.74 9.28
N SER D 45 -0.68 70.73 10.14
CA SER D 45 -0.50 69.38 9.62
C SER D 45 -1.66 69.07 8.67
N LEU D 46 -2.88 69.40 9.08
CA LEU D 46 -4.03 68.95 8.33
C LEU D 46 -4.52 69.91 7.26
N ASP D 47 -3.94 71.12 7.30
CA ASP D 47 -4.34 72.21 6.44
C ASP D 47 -5.84 72.41 6.50
N ILE D 48 -6.33 72.75 7.68
CA ILE D 48 -7.76 72.81 7.89
C ILE D 48 -8.08 74.16 8.49
N ALA D 49 -9.16 74.78 8.04
CA ALA D 49 -9.57 76.07 8.57
C ALA D 49 -9.94 75.95 10.03
N PRO D 50 -9.64 76.98 10.81
CA PRO D 50 -9.86 76.90 12.24
C PRO D 50 -11.30 76.72 12.74
N ASN D 51 -12.33 77.19 12.05
CA ASN D 51 -13.72 76.95 12.54
C ASN D 51 -14.05 75.49 12.49
N MSE D 52 -13.69 74.88 11.38
CA MSE D 52 -13.90 73.48 11.13
C MSE D 52 -13.11 72.63 12.12
O MSE D 52 -13.65 71.65 12.69
CB MSE D 52 -13.52 73.13 9.69
CG MSE D 52 -13.55 71.62 9.39
SE MSE D 52 -15.43 70.90 9.51
CE MSE D 52 -16.20 71.65 7.87
N LEU D 53 -11.85 72.98 12.33
CA LEU D 53 -11.02 72.25 13.27
C LEU D 53 -11.63 72.34 14.68
N THR D 54 -12.24 73.46 15.03
CA THR D 54 -12.83 73.64 16.36
C THR D 54 -14.11 72.80 16.59
N ARG D 55 -15.03 72.84 15.64
CA ARG D 55 -16.21 71.97 15.60
C ARG D 55 -15.80 70.50 15.85
N ARG D 56 -14.83 70.05 15.06
CA ARG D 56 -14.36 68.66 15.06
C ARG D 56 -13.65 68.23 16.35
N LEU D 57 -12.78 69.09 16.88
CA LEU D 57 -12.16 68.74 18.13
C LEU D 57 -13.23 68.72 19.20
N ASN D 58 -14.16 69.68 19.19
CA ASN D 58 -15.19 69.68 20.18
C ASN D 58 -16.04 68.41 20.11
N ALA D 59 -16.37 67.99 18.89
CA ALA D 59 -17.12 66.76 18.71
C ALA D 59 -16.33 65.56 19.22
N LEU D 60 -15.05 65.49 18.91
CA LEU D 60 -14.26 64.34 19.36
C LEU D 60 -14.18 64.23 20.87
N VAL D 61 -14.10 65.38 21.52
CA VAL D 61 -14.01 65.44 22.97
C VAL D 61 -15.33 65.01 23.60
N GLU D 62 -16.43 65.55 23.09
CA GLU D 62 -17.76 65.29 23.66
C GLU D 62 -18.06 63.82 23.58
N ALA D 63 -17.58 63.18 22.51
CA ALA D 63 -17.77 61.75 22.30
C ALA D 63 -16.87 60.87 23.18
N GLY D 64 -16.01 61.48 23.99
CA GLY D 64 -15.07 60.79 24.86
C GLY D 64 -13.84 60.12 24.25
N LEU D 65 -13.50 60.51 23.00
CA LEU D 65 -12.39 59.96 22.18
C LEU D 65 -11.13 60.77 22.35
N LEU D 66 -11.30 62.03 22.74
CA LEU D 66 -10.17 62.94 23.11
C LEU D 66 -10.49 63.61 24.41
N GLU D 67 -9.47 63.93 25.19
CA GLU D 67 -9.74 64.87 26.29
C GLU D 67 -8.91 66.15 26.18
N ARG D 68 -9.53 67.25 26.61
CA ARG D 68 -8.96 68.60 26.50
C ARG D 68 -8.31 68.95 27.83
N GLN D 69 -7.00 69.05 27.83
CA GLN D 69 -6.26 69.38 29.03
C GLN D 69 -5.59 70.74 28.89
N PRO D 70 -5.52 71.53 29.99
CA PRO D 70 -4.76 72.79 30.01
C PRO D 70 -3.35 72.55 29.51
N TYR D 71 -2.82 73.47 28.71
CA TYR D 71 -1.49 73.31 28.12
C TYR D 71 -0.59 74.48 28.45
N SER D 72 -1.20 75.65 28.64
CA SER D 72 -0.49 76.89 28.93
C SER D 72 -1.41 77.91 29.59
N TYR D 78 -4.91 74.97 25.98
CA TYR D 78 -5.50 73.62 25.81
C TYR D 78 -4.77 72.69 24.85
N GLN D 79 -4.54 71.43 25.27
CA GLN D 79 -4.04 70.34 24.40
C GLN D 79 -5.10 69.20 24.28
N TYR D 80 -5.02 68.41 23.20
CA TYR D 80 -6.02 67.33 22.92
C TYR D 80 -5.40 65.93 22.95
N VAL D 81 -5.76 65.10 23.93
CA VAL D 81 -5.03 63.83 24.12
C VAL D 81 -5.94 62.61 24.01
N PRO D 82 -5.54 61.61 23.22
CA PRO D 82 -6.42 60.47 23.04
C PRO D 82 -6.70 59.79 24.34
N THR D 83 -7.88 59.24 24.41
CA THR D 83 -8.37 58.65 25.62
C THR D 83 -8.26 57.14 25.37
N ALA D 84 -8.45 56.33 26.39
CA ALA D 84 -8.55 54.87 26.14
C ALA D 84 -9.65 54.56 25.10
N LYS D 85 -10.83 55.16 25.25
CA LYS D 85 -11.83 54.93 24.19
C LYS D 85 -11.27 55.38 22.84
N GLY D 86 -10.60 56.53 22.83
CA GLY D 86 -10.01 57.01 21.58
C GLY D 86 -9.00 56.08 20.94
N GLU D 87 -8.11 55.48 21.73
CA GLU D 87 -7.14 54.53 21.16
C GLU D 87 -7.80 53.26 20.62
N ASP D 88 -8.86 52.81 21.29
CA ASP D 88 -9.57 51.66 20.78
C ASP D 88 -10.30 51.99 19.48
N PHE D 89 -10.63 53.27 19.29
CA PHE D 89 -11.46 53.66 18.14
C PHE D 89 -10.70 53.50 16.85
N ARG D 90 -9.41 53.32 16.99
CA ARG D 90 -8.55 53.10 15.85
C ARG D 90 -9.06 52.02 14.93
N VAL D 91 -9.64 50.98 15.49
CA VAL D 91 -10.17 49.89 14.67
C VAL D 91 -11.31 50.36 13.74
N VAL D 92 -12.13 51.28 14.26
CA VAL D 92 -13.24 51.87 13.47
C VAL D 92 -12.74 52.74 12.29
N LEU D 93 -11.82 53.65 12.57
CA LEU D 93 -11.25 54.48 11.51
C LEU D 93 -10.70 53.65 10.36
N MSE D 94 -9.98 52.58 10.71
CA MSE D 94 -9.40 51.68 9.74
C MSE D 94 -10.50 51.02 8.93
O MSE D 94 -10.37 50.82 7.71
CB MSE D 94 -8.53 50.64 10.45
CG MSE D 94 -7.47 51.25 11.41
SE MSE D 94 -5.94 49.99 11.74
CE MSE D 94 -5.28 50.27 9.91
N ALA D 95 -11.62 50.74 9.61
CA ALA D 95 -12.76 50.13 8.95
C ALA D 95 -13.40 51.12 8.00
N PHE D 96 -13.47 52.38 8.42
CA PHE D 96 -13.99 53.40 7.52
C PHE D 96 -13.10 53.46 6.29
N VAL D 97 -11.79 53.37 6.45
CA VAL D 97 -11.02 53.38 5.18
C VAL D 97 -11.20 52.15 4.23
N ALA D 98 -11.23 50.94 4.82
CA ALA D 98 -11.44 49.71 4.02
C ALA D 98 -12.76 49.85 3.25
N TRP D 99 -13.77 50.39 3.94
CA TRP D 99 -15.07 50.63 3.35
C TRP D 99 -15.04 51.58 2.15
N GLY D 100 -14.37 52.72 2.33
CA GLY D 100 -14.30 53.74 1.30
C GLY D 100 -13.44 53.29 0.12
N ASN D 101 -12.56 52.31 0.33
CA ASN D 101 -11.74 51.77 -0.78
C ASN D 101 -12.43 50.65 -1.60
N ARG D 102 -13.59 50.19 -1.14
CA ARG D 102 -14.22 49.06 -1.82
C ARG D 102 -14.43 49.47 -3.24
N HIS D 103 -14.25 48.51 -4.13
CA HIS D 103 -14.44 48.70 -5.57
C HIS D 103 -13.43 49.62 -6.26
N TYR D 104 -12.42 50.07 -5.53
CA TYR D 104 -11.35 50.87 -6.11
C TYR D 104 -10.06 50.08 -6.21
N ALA D 105 -9.46 50.07 -7.38
CA ALA D 105 -8.17 49.42 -7.58
C ALA D 105 -7.11 50.04 -6.66
N GLN D 106 -6.26 49.19 -6.11
CA GLN D 106 -5.16 49.62 -5.24
C GLN D 106 -4.31 50.70 -5.86
N GLN D 107 -3.94 50.53 -7.13
CA GLN D 107 -3.05 51.47 -7.81
C GLN D 107 -3.61 52.88 -7.75
N GLY D 108 -4.93 53.01 -7.77
CA GLY D 108 -5.57 54.29 -7.86
C GLY D 108 -5.93 54.93 -6.53
N GLN D 109 -5.69 54.25 -5.41
CA GLN D 109 -6.05 54.81 -4.11
C GLN D 109 -5.18 55.98 -3.66
N SER D 110 -5.80 56.97 -3.01
CA SER D 110 -5.06 58.07 -2.36
C SER D 110 -4.83 57.77 -0.89
N VAL D 111 -5.69 56.93 -0.33
CA VAL D 111 -5.59 56.58 1.08
C VAL D 111 -5.59 55.05 1.20
N GLN D 112 -4.69 54.52 2.02
CA GLN D 112 -4.58 53.04 2.15
C GLN D 112 -4.41 52.50 3.52
N LEU D 113 -5.02 51.33 3.70
CA LEU D 113 -4.81 50.48 4.86
C LEU D 113 -3.65 49.56 4.59
N VAL D 114 -2.58 49.65 5.38
CA VAL D 114 -1.38 48.81 5.18
C VAL D 114 -0.80 48.26 6.48
N GLU D 115 -0.01 47.19 6.36
CA GLU D 115 0.76 46.65 7.46
C GLU D 115 1.83 47.68 7.70
N ARG D 116 1.97 48.11 8.95
CA ARG D 116 2.88 49.22 9.29
C ARG D 116 4.34 48.94 8.89
N THR D 117 4.89 47.80 9.30
CA THR D 117 6.32 47.51 9.10
C THR D 117 6.79 47.58 7.63
N SER D 118 6.08 46.94 6.73
CA SER D 118 6.31 47.10 5.30
C SER D 118 5.12 47.90 4.82
N GLY D 119 5.06 48.24 3.54
CA GLY D 119 3.88 49.04 3.14
C GLY D 119 2.84 48.16 2.49
N ARG D 120 2.71 46.92 2.96
CA ARG D 120 1.84 45.94 2.30
C ARG D 120 0.34 46.19 2.53
N PRO D 121 -0.44 46.32 1.44
CA PRO D 121 -1.85 46.65 1.45
C PRO D 121 -2.67 45.56 2.14
N VAL D 122 -3.76 45.98 2.76
CA VAL D 122 -4.62 45.10 3.50
C VAL D 122 -5.76 44.81 2.56
N ARG D 123 -5.80 43.56 2.08
CA ARG D 123 -6.86 43.08 1.18
C ARG D 123 -8.24 43.06 1.82
N SER D 124 -8.33 42.59 3.06
CA SER D 124 -9.63 42.41 3.66
C SER D 124 -9.50 42.35 5.18
N PHE D 125 -10.53 42.78 5.90
CA PHE D 125 -10.60 42.59 7.34
C PHE D 125 -10.87 41.11 7.52
N MSE D 126 -10.41 40.49 8.61
CA MSE D 126 -10.83 39.13 8.98
C MSE D 126 -11.21 39.14 10.45
O MSE D 126 -10.80 40.02 11.18
CB MSE D 126 -9.71 38.11 8.79
CG MSE D 126 -9.22 37.93 7.38
SE MSE D 126 -10.40 36.89 6.25
CE MSE D 126 -11.42 38.23 5.33
N ALA D 127 -11.96 38.15 10.86
CA ALA D 127 -12.37 38.04 12.26
C ALA D 127 -11.67 36.85 12.95
N ALA D 128 -11.02 37.12 14.08
CA ALA D 128 -10.43 36.05 14.91
C ALA D 128 -11.36 35.57 16.03
N LEU D 129 -11.52 34.28 16.12
CA LEU D 129 -12.29 33.69 17.18
C LEU D 129 -11.37 33.34 18.35
N ALA D 130 -11.96 32.89 19.45
CA ALA D 130 -11.19 32.52 20.64
C ALA D 130 -10.15 31.46 20.33
N ASP D 131 -10.59 30.31 19.84
CA ASP D 131 -9.70 29.15 19.59
C ASP D 131 -8.47 29.43 18.72
N GLY D 132 -8.56 30.41 17.84
CA GLY D 132 -7.45 30.68 16.93
C GLY D 132 -7.87 30.75 15.48
N ARG D 133 -9.09 30.31 15.17
CA ARG D 133 -9.53 30.39 13.78
C ARG D 133 -9.94 31.82 13.32
N THR D 134 -9.93 31.99 12.01
CA THR D 134 -10.07 33.25 11.37
C THR D 134 -11.02 33.07 10.20
N VAL D 135 -12.08 33.87 10.21
CA VAL D 135 -13.17 33.78 9.26
C VAL D 135 -13.47 35.15 8.65
N PRO D 136 -13.99 35.16 7.41
CA PRO D 136 -14.44 36.38 6.71
C PRO D 136 -15.63 37.05 7.41
N LEU D 137 -15.75 38.36 7.30
CA LEU D 137 -16.83 39.04 8.00
C LEU D 137 -18.22 38.62 7.52
N GLU D 138 -18.32 38.23 6.25
CA GLU D 138 -19.58 37.73 5.72
C GLU D 138 -20.06 36.53 6.49
N GLN D 139 -19.14 35.87 7.19
CA GLN D 139 -19.50 34.74 8.00
C GLN D 139 -19.94 35.12 9.44
N CYS D 140 -19.95 36.42 9.71
CA CYS D 140 -20.18 36.97 11.05
C CYS D 140 -21.44 37.78 11.07
N THR D 141 -21.95 38.02 12.26
CA THR D 141 -23.21 38.75 12.41
C THR D 141 -23.31 39.43 13.81
N VAL D 142 -24.09 40.51 13.86
CA VAL D 142 -24.40 41.21 15.12
C VAL D 142 -25.74 40.68 15.60
N GLN D 143 -25.71 40.02 16.76
CA GLN D 143 -26.88 39.45 17.36
C GLN D 143 -26.95 39.85 18.83
N ALA D 144 -28.06 39.48 19.50
CA ALA D 144 -28.23 39.65 20.92
C ALA D 144 -27.28 38.76 21.70
N GLY D 145 -26.57 39.32 22.66
CA GLY D 145 -25.76 38.53 23.59
C GLY D 145 -26.55 38.04 24.80
N PRO D 146 -25.87 37.41 25.76
CA PRO D 146 -26.51 36.77 26.92
C PRO D 146 -27.22 37.71 27.89
N ALA D 147 -26.77 38.96 27.99
CA ALA D 147 -27.37 39.93 28.92
C ALA D 147 -28.45 40.83 28.29
N ALA D 148 -28.86 40.53 27.05
CA ALA D 148 -29.87 41.31 26.35
C ALA D 148 -31.23 41.35 27.07
N SER D 149 -31.78 42.55 27.24
CA SER D 149 -33.15 42.71 27.75
C SER D 149 -34.15 42.35 26.66
N GLU D 150 -35.43 42.31 27.00
CA GLU D 150 -36.48 42.06 26.01
C GLU D 150 -36.48 43.13 24.92
N GLU D 151 -36.26 44.37 25.32
CA GLU D 151 -36.11 45.48 24.39
C GLU D 151 -34.95 45.30 23.40
N MSE D 152 -33.83 44.80 23.89
CA MSE D 152 -32.69 44.57 23.02
C MSE D 152 -32.97 43.44 22.04
O MSE D 152 -32.72 43.58 20.85
CB MSE D 152 -31.41 44.33 23.82
CG MSE D 152 -30.16 44.35 22.98
SE MSE D 152 -29.80 46.08 22.14
CE MSE D 152 -28.80 46.95 23.59
N ARG D 153 -33.50 42.34 22.54
CA ARG D 153 -33.84 41.20 21.69
C ARG D 153 -34.79 41.56 20.56
N GLN D 154 -35.80 42.40 20.84
CA GLN D 154 -36.67 42.93 19.78
C GLN D 154 -35.86 43.76 18.78
N ARG D 155 -34.98 44.62 19.28
CA ARG D 155 -34.20 45.46 18.39
C ARG D 155 -33.34 44.68 17.37
N LEU D 156 -32.89 43.47 17.74
CA LEU D 156 -31.88 42.74 16.94
C LEU D 156 -32.36 41.57 16.07
N CYS E 11 23.60 -44.86 16.61
CA CYS E 11 24.76 -45.82 16.64
C CYS E 11 26.13 -45.23 16.23
N PRO E 12 27.24 -45.77 16.77
CA PRO E 12 28.57 -45.19 16.52
C PRO E 12 28.95 -45.07 15.05
N ILE E 13 28.74 -46.14 14.29
CA ILE E 13 29.16 -46.07 12.92
C ILE E 13 28.30 -45.12 12.10
N ALA E 14 26.99 -45.10 12.36
CA ALA E 14 26.10 -44.29 11.56
C ALA E 14 26.53 -42.85 11.79
N ARG E 15 26.93 -42.58 13.01
CA ARG E 15 27.32 -41.24 13.38
C ARG E 15 28.57 -40.78 12.64
N SER E 16 29.64 -41.59 12.69
CA SER E 16 30.84 -41.18 11.93
C SER E 16 30.63 -41.07 10.41
N LEU E 17 29.80 -41.95 9.87
CA LEU E 17 29.48 -41.94 8.45
C LEU E 17 28.62 -40.72 8.10
N GLU E 18 27.77 -40.31 9.02
CA GLU E 18 27.03 -39.08 8.88
C GLU E 18 27.94 -37.86 8.93
N ARG E 19 28.92 -37.83 9.84
CA ARG E 19 29.83 -36.65 9.90
C ARG E 19 30.59 -36.43 8.59
N VAL E 20 30.84 -37.51 7.85
CA VAL E 20 31.57 -37.44 6.59
C VAL E 20 30.54 -37.35 5.43
N GLY E 21 29.26 -37.23 5.79
CA GLY E 21 28.22 -36.99 4.79
C GLY E 21 27.95 -38.16 3.87
N GLU E 22 28.24 -39.40 4.31
CA GLU E 22 28.00 -40.60 3.50
C GLU E 22 26.99 -41.65 4.02
N TRP E 23 26.45 -41.47 5.22
CA TRP E 23 25.59 -42.53 5.77
C TRP E 23 24.38 -42.84 4.87
N TRP E 24 23.52 -41.86 4.62
CA TRP E 24 22.36 -42.09 3.81
C TRP E 24 22.72 -42.49 2.36
N SER E 25 23.82 -41.95 1.82
CA SER E 25 24.28 -42.38 0.50
C SER E 25 24.58 -43.86 0.43
N ILE E 26 25.28 -44.36 1.43
CA ILE E 26 25.61 -45.75 1.44
C ILE E 26 24.33 -46.54 1.47
N LEU E 27 23.41 -46.17 2.36
CA LEU E 27 22.15 -46.91 2.51
C LEU E 27 21.30 -46.86 1.26
N ILE E 28 21.15 -45.68 0.66
CA ILE E 28 20.40 -45.57 -0.58
C ILE E 28 21.05 -46.35 -1.77
N MSE E 29 22.33 -46.12 -2.04
CA MSE E 29 23.02 -46.90 -3.12
C MSE E 29 22.87 -48.39 -2.96
O MSE E 29 22.51 -49.10 -3.89
CB MSE E 29 24.49 -46.55 -3.19
CG MSE E 29 24.69 -45.18 -3.66
SE MSE E 29 23.76 -44.91 -5.42
CE MSE E 29 24.36 -43.11 -5.63
N ARG E 30 23.15 -48.88 -1.77
CA ARG E 30 22.99 -50.28 -1.48
C ARG E 30 21.58 -50.75 -1.83
N ASP E 31 20.58 -49.96 -1.46
CA ASP E 31 19.20 -50.32 -1.84
C ASP E 31 18.97 -50.25 -3.35
N ALA E 32 19.53 -49.23 -4.00
CA ALA E 32 19.38 -49.11 -5.44
C ALA E 32 20.08 -50.28 -6.09
N LEU E 33 21.28 -50.64 -5.62
CA LEU E 33 22.01 -51.76 -6.24
C LEU E 33 21.25 -53.07 -6.14
N GLN E 34 20.26 -53.11 -5.25
CA GLN E 34 19.47 -54.32 -5.03
C GLN E 34 18.12 -54.26 -5.73
N GLY E 35 17.88 -53.22 -6.52
CA GLY E 35 16.64 -53.13 -7.30
C GLY E 35 15.53 -52.26 -6.77
N LEU E 36 15.70 -51.65 -5.61
CA LEU E 36 14.72 -50.65 -5.17
C LEU E 36 14.82 -49.46 -6.13
N ARG E 37 13.67 -48.93 -6.53
CA ARG E 37 13.65 -47.90 -7.55
C ARG E 37 12.77 -46.73 -7.11
N ARG E 38 11.71 -47.01 -6.37
CA ARG E 38 10.72 -45.97 -6.15
C ARG E 38 10.86 -45.31 -4.77
N PHE E 39 10.53 -44.03 -4.75
CA PHE E 39 10.62 -43.18 -3.59
C PHE E 39 10.02 -43.81 -2.31
N ASP E 40 8.80 -44.31 -2.38
CA ASP E 40 8.21 -44.87 -1.16
C ASP E 40 8.91 -46.16 -0.71
N GLU E 41 9.48 -46.91 -1.67
CA GLU E 41 10.24 -48.12 -1.35
C GLU E 41 11.46 -47.77 -0.51
N PHE E 42 12.27 -46.83 -1.00
CA PHE E 42 13.41 -46.36 -0.23
C PHE E 42 12.89 -45.81 1.09
N SER E 43 11.75 -45.13 1.02
CA SER E 43 11.26 -44.44 2.18
C SER E 43 10.95 -45.41 3.29
N ARG E 44 10.32 -46.53 2.94
CA ARG E 44 9.93 -47.53 3.93
C ARG E 44 11.05 -48.47 4.37
N SER E 45 11.92 -48.85 3.41
CA SER E 45 12.98 -49.79 3.71
C SER E 45 13.98 -49.12 4.59
N LEU E 46 14.31 -47.89 4.23
CA LEU E 46 15.30 -47.11 4.95
C LEU E 46 14.77 -46.37 6.20
N ASP E 47 13.46 -46.12 6.29
CA ASP E 47 12.84 -45.38 7.41
C ASP E 47 13.43 -44.01 7.54
N ILE E 48 13.34 -43.28 6.45
CA ILE E 48 13.98 -42.01 6.31
C ILE E 48 12.87 -40.99 5.96
N ALA E 49 12.90 -39.82 6.58
CA ALA E 49 11.98 -38.75 6.25
C ALA E 49 12.10 -38.23 4.79
N PRO E 50 10.99 -37.78 4.21
CA PRO E 50 10.94 -37.47 2.77
C PRO E 50 11.82 -36.32 2.27
N ASN E 51 11.94 -35.25 3.04
CA ASN E 51 12.81 -34.13 2.63
C ASN E 51 14.27 -34.58 2.55
N MSE E 52 14.71 -35.31 3.58
CA MSE E 52 16.06 -35.89 3.60
C MSE E 52 16.27 -36.88 2.46
O MSE E 52 17.35 -36.95 1.89
CB MSE E 52 16.33 -36.54 4.95
CG MSE E 52 17.65 -37.33 5.02
SE MSE E 52 19.26 -36.18 4.76
CE MSE E 52 19.49 -35.76 6.70
N LEU E 53 15.23 -37.62 2.08
CA LEU E 53 15.38 -38.59 1.00
C LEU E 53 15.52 -37.88 -0.32
N THR E 54 14.75 -36.81 -0.48
CA THR E 54 14.78 -36.00 -1.69
C THR E 54 16.14 -35.37 -1.88
N ARG E 55 16.67 -34.77 -0.83
CA ARG E 55 18.01 -34.19 -0.93
C ARG E 55 19.08 -35.23 -1.31
N ARG E 56 19.00 -36.45 -0.75
CA ARG E 56 20.03 -37.46 -0.95
C ARG E 56 19.87 -38.10 -2.30
N LEU E 57 18.62 -38.42 -2.68
CA LEU E 57 18.39 -38.91 -4.04
C LEU E 57 18.86 -37.90 -5.10
N ASN E 58 18.51 -36.63 -4.96
CA ASN E 58 18.92 -35.65 -5.98
C ASN E 58 20.41 -35.56 -6.09
N ALA E 59 21.08 -35.60 -4.94
CA ALA E 59 22.50 -35.42 -4.89
C ALA E 59 23.17 -36.61 -5.52
N LEU E 60 22.57 -37.80 -5.41
CA LEU E 60 23.16 -38.99 -6.02
C LEU E 60 23.00 -38.92 -7.53
N VAL E 61 21.85 -38.40 -7.98
CA VAL E 61 21.63 -38.18 -9.42
C VAL E 61 22.64 -37.15 -9.93
N GLU E 62 22.69 -35.97 -9.31
CA GLU E 62 23.66 -34.92 -9.66
C GLU E 62 25.09 -35.45 -9.72
N ALA E 63 25.47 -36.31 -8.78
CA ALA E 63 26.81 -36.90 -8.77
C ALA E 63 27.04 -37.98 -9.85
N GLY E 64 25.98 -38.36 -10.54
CA GLY E 64 26.06 -39.27 -11.69
C GLY E 64 26.08 -40.73 -11.31
N LEU E 65 25.73 -40.99 -10.05
CA LEU E 65 25.66 -42.33 -9.48
C LEU E 65 24.31 -42.95 -9.68
N LEU E 66 23.27 -42.14 -9.78
CA LEU E 66 21.95 -42.68 -10.04
C LEU E 66 21.42 -41.94 -11.23
N GLU E 67 20.46 -42.54 -11.91
CA GLU E 67 19.73 -41.80 -12.89
C GLU E 67 18.23 -41.85 -12.59
N ARG E 68 17.58 -40.72 -12.83
CA ARG E 68 16.20 -40.50 -12.50
C ARG E 68 15.36 -40.72 -13.78
N GLN E 69 14.56 -41.77 -13.79
CA GLN E 69 13.77 -42.11 -14.97
C GLN E 69 12.26 -41.95 -14.75
N PRO E 70 11.52 -41.52 -15.82
CA PRO E 70 10.08 -41.22 -15.70
C PRO E 70 9.30 -42.47 -15.28
N TYR E 71 8.25 -42.26 -14.52
CA TYR E 71 7.53 -43.40 -14.01
C TYR E 71 6.05 -43.22 -14.28
N SER E 72 5.55 -42.03 -13.95
CA SER E 72 4.11 -41.83 -13.79
C SER E 72 3.59 -40.54 -14.41
N GLN E 73 2.88 -40.73 -15.52
CA GLN E 73 1.89 -39.77 -16.03
C GLN E 73 2.12 -38.31 -15.61
N TYR E 78 8.78 -40.68 -10.58
CA TYR E 78 10.18 -41.03 -10.90
C TYR E 78 10.69 -42.34 -10.30
N GLN E 79 11.55 -43.03 -11.04
CA GLN E 79 12.31 -44.15 -10.47
C GLN E 79 13.79 -43.94 -10.66
N TYR E 80 14.58 -44.50 -9.73
CA TYR E 80 16.02 -44.23 -9.63
C TYR E 80 16.78 -45.48 -9.82
N VAL E 81 17.67 -45.47 -10.82
CA VAL E 81 18.41 -46.66 -11.19
C VAL E 81 19.91 -46.39 -11.16
N PRO E 82 20.70 -47.35 -10.66
CA PRO E 82 22.13 -47.16 -10.64
C PRO E 82 22.68 -47.06 -12.06
N THR E 83 23.58 -46.11 -12.18
CA THR E 83 24.30 -45.82 -13.38
C THR E 83 25.59 -46.74 -13.39
N ALA E 84 26.38 -46.76 -14.45
CA ALA E 84 27.61 -47.58 -14.42
C ALA E 84 28.58 -47.16 -13.32
N LYS E 85 28.81 -45.85 -13.21
CA LYS E 85 29.53 -45.28 -12.08
C LYS E 85 28.96 -45.67 -10.71
N GLY E 86 27.65 -45.80 -10.64
CA GLY E 86 27.02 -46.20 -9.38
C GLY E 86 27.29 -47.65 -9.04
N GLU E 87 27.20 -48.53 -10.04
CA GLU E 87 27.65 -49.92 -9.87
C GLU E 87 29.11 -49.99 -9.43
N ASP E 88 29.98 -49.19 -10.05
CA ASP E 88 31.38 -49.15 -9.72
C ASP E 88 31.58 -48.64 -8.30
N PHE E 89 30.59 -47.88 -7.80
CA PHE E 89 30.75 -47.26 -6.52
C PHE E 89 30.77 -48.23 -5.34
N ARG E 90 30.43 -49.51 -5.55
CA ARG E 90 30.53 -50.55 -4.49
C ARG E 90 31.80 -50.43 -3.69
N VAL E 91 32.91 -50.20 -4.36
CA VAL E 91 34.21 -50.25 -3.71
C VAL E 91 34.29 -49.13 -2.71
N VAL E 92 33.73 -47.97 -3.07
CA VAL E 92 33.82 -46.82 -2.23
C VAL E 92 32.90 -47.04 -1.00
N LEU E 93 31.67 -47.54 -1.22
CA LEU E 93 30.78 -47.81 -0.08
C LEU E 93 31.40 -48.81 0.89
N MSE E 94 31.99 -49.88 0.36
CA MSE E 94 32.59 -50.89 1.22
C MSE E 94 33.80 -50.33 1.94
O MSE E 94 34.04 -50.66 3.09
CB MSE E 94 32.97 -52.13 0.45
CG MSE E 94 31.77 -52.91 0.03
SE MSE E 94 32.24 -54.42 -1.11
CE MSE E 94 30.54 -55.34 -1.10
N ALA E 95 34.55 -49.47 1.27
CA ALA E 95 35.69 -48.87 1.93
C ALA E 95 35.17 -48.00 3.07
N PHE E 96 34.06 -47.25 2.86
CA PHE E 96 33.55 -46.40 3.97
C PHE E 96 33.11 -47.24 5.14
N VAL E 97 32.45 -48.35 4.88
CA VAL E 97 32.15 -49.17 5.99
C VAL E 97 33.35 -49.78 6.74
N ALA E 98 34.41 -50.21 6.02
CA ALA E 98 35.62 -50.70 6.67
C ALA E 98 36.22 -49.61 7.53
N TRP E 99 36.32 -48.41 6.96
CA TRP E 99 36.81 -47.24 7.66
C TRP E 99 36.04 -47.01 8.96
N GLY E 100 34.72 -47.13 8.89
CA GLY E 100 33.92 -46.82 10.04
C GLY E 100 33.99 -47.93 11.07
N ASN E 101 34.41 -49.13 10.64
CA ASN E 101 34.61 -50.27 11.52
C ASN E 101 36.04 -50.46 12.00
N ARG E 102 36.96 -49.64 11.48
CA ARG E 102 38.32 -49.71 11.94
C ARG E 102 38.25 -49.42 13.46
N HIS E 103 38.81 -50.29 14.26
CA HIS E 103 38.77 -50.02 15.71
C HIS E 103 37.57 -50.63 16.47
N TYR E 104 36.68 -51.34 15.77
CA TYR E 104 35.59 -52.07 16.40
C TYR E 104 35.93 -53.51 16.24
N ALA E 105 36.03 -54.21 17.37
CA ALA E 105 36.09 -55.65 17.34
C ALA E 105 34.79 -56.14 16.74
N GLN E 106 34.78 -57.33 16.17
CA GLN E 106 33.59 -57.96 15.54
C GLN E 106 32.23 -57.89 16.27
N GLN E 107 32.11 -58.54 17.43
CA GLN E 107 30.97 -58.32 18.33
C GLN E 107 31.02 -56.82 18.55
N GLY E 108 29.95 -56.15 18.93
CA GLY E 108 30.08 -54.66 18.86
C GLY E 108 29.99 -53.96 17.48
N GLN E 109 30.11 -54.69 16.37
CA GLN E 109 29.79 -54.05 15.05
C GLN E 109 28.30 -54.17 14.73
N SER E 110 27.72 -53.06 14.28
CA SER E 110 26.34 -52.99 13.81
C SER E 110 26.24 -53.21 12.29
N VAL E 111 27.28 -52.78 11.56
CA VAL E 111 27.38 -52.92 10.10
C VAL E 111 28.70 -53.60 9.80
N GLN E 112 28.66 -54.65 8.99
CA GLN E 112 29.84 -55.50 8.72
C GLN E 112 29.99 -55.71 7.23
N LEU E 113 31.23 -55.76 6.79
CA LEU E 113 31.59 -56.18 5.48
C LEU E 113 31.95 -57.69 5.50
N VAL E 114 31.17 -58.52 4.79
CA VAL E 114 31.40 -59.97 4.79
C VAL E 114 31.51 -60.61 3.40
N GLU E 115 32.12 -61.79 3.34
CA GLU E 115 32.08 -62.62 2.12
C GLU E 115 30.68 -63.15 1.97
N ARG E 116 30.07 -62.95 0.81
CA ARG E 116 28.65 -63.26 0.65
C ARG E 116 28.27 -64.72 0.93
N THR E 117 29.10 -65.66 0.51
CA THR E 117 28.80 -67.09 0.65
C THR E 117 28.81 -67.52 2.11
N SER E 118 29.95 -67.32 2.78
CA SER E 118 30.16 -67.77 4.17
C SER E 118 29.70 -66.64 5.06
N GLY E 119 29.88 -66.79 6.37
CA GLY E 119 29.66 -65.61 7.24
C GLY E 119 30.83 -64.62 7.37
N ARG E 120 31.95 -64.94 6.72
CA ARG E 120 33.26 -64.44 7.15
C ARG E 120 33.46 -62.94 7.01
N PRO E 121 33.83 -62.26 8.11
CA PRO E 121 34.09 -60.85 8.05
C PRO E 121 35.38 -60.51 7.29
N VAL E 122 35.34 -59.45 6.50
CA VAL E 122 36.50 -58.95 5.78
C VAL E 122 37.40 -58.24 6.82
N ARG E 123 38.64 -58.72 6.97
CA ARG E 123 39.56 -58.13 7.93
C ARG E 123 40.21 -56.86 7.38
N SER E 124 40.58 -56.86 6.11
CA SER E 124 41.11 -55.65 5.45
C SER E 124 41.08 -55.78 3.94
N PHE E 125 41.48 -54.70 3.26
CA PHE E 125 41.61 -54.67 1.82
C PHE E 125 43.05 -54.89 1.40
N MSE E 126 43.22 -55.57 0.28
CA MSE E 126 44.54 -55.76 -0.29
C MSE E 126 44.54 -55.13 -1.67
O MSE E 126 43.51 -54.72 -2.16
CB MSE E 126 44.82 -57.23 -0.40
CG MSE E 126 44.59 -57.98 0.88
SE MSE E 126 46.17 -57.89 2.03
CE MSE E 126 45.56 -56.62 3.37
N ALA E 127 45.69 -55.04 -2.30
CA ALA E 127 45.78 -54.53 -3.63
C ALA E 127 46.37 -55.60 -4.51
N ALA E 128 45.58 -56.04 -5.50
CA ALA E 128 46.09 -56.89 -6.60
C ALA E 128 46.82 -56.00 -7.58
N LEU E 129 48.06 -56.36 -7.88
CA LEU E 129 48.88 -55.51 -8.70
C LEU E 129 48.90 -56.00 -10.12
N ALA E 130 49.48 -55.18 -10.99
CA ALA E 130 49.56 -55.51 -12.42
C ALA E 130 50.51 -56.67 -12.69
N ASP E 131 51.56 -56.80 -11.87
CA ASP E 131 52.47 -57.97 -12.01
C ASP E 131 52.00 -59.31 -11.39
N GLY E 132 50.74 -59.42 -10.97
CA GLY E 132 50.23 -60.65 -10.33
C GLY E 132 50.30 -60.70 -8.80
N ARG E 133 51.17 -59.90 -8.20
CA ARG E 133 51.29 -59.84 -6.74
C ARG E 133 50.11 -59.15 -6.07
N THR E 134 49.81 -59.56 -4.84
CA THR E 134 48.85 -58.88 -3.97
C THR E 134 49.55 -58.38 -2.70
N VAL E 135 49.41 -57.10 -2.39
CA VAL E 135 50.13 -56.46 -1.29
C VAL E 135 49.13 -55.69 -0.42
N PRO E 136 49.53 -55.31 0.81
CA PRO E 136 48.57 -54.55 1.62
C PRO E 136 48.38 -53.16 1.05
N LEU E 137 47.14 -52.67 1.14
CA LEU E 137 46.75 -51.33 0.69
C LEU E 137 47.60 -50.29 1.42
N GLU E 138 47.87 -50.59 2.70
CA GLU E 138 48.83 -49.81 3.49
C GLU E 138 50.13 -49.56 2.71
N GLN E 139 50.50 -50.44 1.79
CA GLN E 139 51.75 -50.28 1.02
C GLN E 139 51.59 -49.59 -0.35
N CYS E 140 50.40 -49.15 -0.66
CA CYS E 140 50.14 -48.46 -1.93
C CYS E 140 50.07 -46.97 -1.75
N THR E 141 50.11 -46.23 -2.84
CA THR E 141 49.98 -44.79 -2.71
C THR E 141 49.33 -44.18 -3.93
N VAL E 142 48.74 -42.99 -3.75
CA VAL E 142 48.22 -42.20 -4.89
C VAL E 142 49.34 -41.32 -5.46
N GLN E 143 49.69 -41.47 -6.74
CA GLN E 143 50.72 -40.61 -7.34
C GLN E 143 50.33 -40.19 -8.76
N ALA E 144 51.06 -39.24 -9.33
CA ALA E 144 50.78 -38.79 -10.68
C ALA E 144 50.94 -39.90 -11.73
N GLY E 145 50.01 -39.95 -12.67
CA GLY E 145 50.04 -40.97 -13.65
C GLY E 145 50.76 -40.42 -14.84
N PRO E 146 51.04 -41.31 -15.82
CA PRO E 146 51.88 -40.97 -16.94
C PRO E 146 51.25 -39.85 -17.79
N ALA E 147 49.93 -39.69 -17.75
CA ALA E 147 49.31 -38.57 -18.51
C ALA E 147 49.22 -37.20 -17.77
N ALA E 148 49.71 -37.11 -16.54
CA ALA E 148 49.54 -35.89 -15.74
C ALA E 148 50.13 -34.61 -16.38
N SER E 149 49.34 -33.54 -16.38
CA SER E 149 49.79 -32.17 -16.78
C SER E 149 50.78 -31.67 -15.75
N GLU E 150 51.44 -30.54 -16.03
CA GLU E 150 52.33 -29.90 -15.06
C GLU E 150 51.66 -29.51 -13.72
N GLU E 151 50.50 -28.85 -13.77
CA GLU E 151 49.72 -28.58 -12.57
C GLU E 151 49.49 -29.84 -11.73
N MSE E 152 49.16 -30.94 -12.41
CA MSE E 152 48.76 -32.15 -11.72
C MSE E 152 49.95 -32.71 -10.98
O MSE E 152 49.82 -33.06 -9.80
CB MSE E 152 48.12 -33.17 -12.67
CG MSE E 152 47.67 -34.45 -11.98
SE MSE E 152 46.07 -34.15 -10.87
CE MSE E 152 44.69 -34.09 -12.27
N ARG E 153 51.09 -32.75 -11.65
CA ARG E 153 52.29 -33.30 -11.00
C ARG E 153 52.67 -32.47 -9.78
N GLN E 154 52.43 -31.14 -9.83
CA GLN E 154 52.59 -30.30 -8.66
C GLN E 154 51.61 -30.69 -7.57
N ARG E 155 50.33 -30.86 -7.89
CA ARG E 155 49.39 -31.25 -6.82
C ARG E 155 49.63 -32.64 -6.17
N LEU E 156 50.38 -33.53 -6.85
CA LEU E 156 50.59 -34.95 -6.41
C LEU E 156 51.99 -35.28 -5.86
N CYS F 11 40.80 -33.01 -16.57
CA CYS F 11 41.13 -34.42 -16.93
C CYS F 11 40.02 -35.31 -16.40
N PRO F 12 39.78 -36.47 -17.01
CA PRO F 12 38.60 -37.27 -16.60
C PRO F 12 38.46 -37.67 -15.11
N ILE F 13 39.51 -38.12 -14.42
CA ILE F 13 39.32 -38.47 -12.99
C ILE F 13 38.96 -37.26 -12.07
N ALA F 14 39.54 -36.09 -12.34
CA ALA F 14 39.25 -34.89 -11.56
C ALA F 14 37.79 -34.52 -11.71
N ARG F 15 37.30 -34.55 -12.95
CA ARG F 15 35.90 -34.28 -13.20
C ARG F 15 34.96 -35.28 -12.48
N SER F 16 35.23 -36.57 -12.55
CA SER F 16 34.42 -37.55 -11.81
C SER F 16 34.45 -37.27 -10.31
N LEU F 17 35.65 -36.98 -9.80
CA LEU F 17 35.85 -36.81 -8.39
C LEU F 17 35.25 -35.49 -7.90
N GLU F 18 35.32 -34.43 -8.70
CA GLU F 18 34.60 -33.17 -8.36
C GLU F 18 33.11 -33.36 -8.35
N ARG F 19 32.62 -34.09 -9.33
CA ARG F 19 31.19 -34.34 -9.48
C ARG F 19 30.61 -35.04 -8.23
N VAL F 20 31.43 -35.86 -7.58
CA VAL F 20 30.99 -36.61 -6.41
C VAL F 20 31.50 -35.85 -5.16
N GLY F 21 32.13 -34.69 -5.34
CA GLY F 21 32.46 -33.82 -4.20
C GLY F 21 33.62 -34.24 -3.34
N GLU F 22 34.55 -35.06 -3.86
CA GLU F 22 35.76 -35.52 -3.14
C GLU F 22 37.12 -35.10 -3.63
N TRP F 23 37.21 -34.43 -4.77
CA TRP F 23 38.51 -34.14 -5.38
C TRP F 23 39.49 -33.34 -4.46
N TRP F 24 39.12 -32.12 -4.07
CA TRP F 24 39.89 -31.35 -3.09
C TRP F 24 40.11 -32.06 -1.76
N SER F 25 39.13 -32.76 -1.24
CA SER F 25 39.39 -33.51 0.02
C SER F 25 40.51 -34.47 -0.14
N ILE F 26 40.59 -35.05 -1.34
CA ILE F 26 41.56 -36.10 -1.56
C ILE F 26 42.91 -35.51 -1.64
N LEU F 27 43.03 -34.37 -2.31
CA LEU F 27 44.32 -33.77 -2.53
C LEU F 27 44.82 -33.25 -1.20
N ILE F 28 43.95 -32.57 -0.45
CA ILE F 28 44.36 -32.00 0.83
C ILE F 28 44.69 -33.09 1.86
N MSE F 29 43.82 -34.09 2.00
CA MSE F 29 44.14 -35.21 2.91
C MSE F 29 45.46 -35.88 2.54
O MSE F 29 46.36 -36.06 3.38
CB MSE F 29 43.00 -36.20 2.95
CG MSE F 29 41.77 -35.67 3.64
SE MSE F 29 42.24 -35.11 5.52
CE MSE F 29 40.49 -35.15 6.28
N ARG F 30 45.63 -36.19 1.25
CA ARG F 30 46.91 -36.75 0.79
C ARG F 30 48.09 -35.92 1.26
N ASP F 31 48.03 -34.61 0.99
CA ASP F 31 49.09 -33.72 1.43
C ASP F 31 49.26 -33.68 2.93
N ALA F 32 48.16 -33.68 3.68
CA ALA F 32 48.30 -33.64 5.14
C ALA F 32 48.94 -34.94 5.63
N LEU F 33 48.46 -36.09 5.15
CA LEU F 33 49.07 -37.38 5.48
C LEU F 33 50.56 -37.44 5.12
N GLN F 34 51.00 -36.69 4.10
CA GLN F 34 52.43 -36.63 3.77
C GLN F 34 53.20 -35.61 4.60
N GLY F 35 52.53 -34.88 5.49
CA GLY F 35 53.25 -33.97 6.39
C GLY F 35 53.04 -32.47 6.21
N LEU F 36 52.37 -32.05 5.13
CA LEU F 36 52.01 -30.63 4.98
C LEU F 36 51.07 -30.18 6.12
N ARG F 37 51.26 -28.98 6.69
CA ARG F 37 50.53 -28.57 7.91
C ARG F 37 49.94 -27.19 7.81
N ARG F 38 50.67 -26.27 7.17
CA ARG F 38 50.35 -24.84 7.21
C ARG F 38 49.57 -24.43 5.99
N PHE F 39 48.65 -23.52 6.22
CA PHE F 39 47.74 -23.05 5.24
C PHE F 39 48.45 -22.69 3.94
N ASP F 40 49.58 -21.98 4.05
CA ASP F 40 50.35 -21.58 2.87
C ASP F 40 51.01 -22.75 2.15
N GLU F 41 51.49 -23.76 2.89
CA GLU F 41 51.93 -25.04 2.25
C GLU F 41 50.84 -25.61 1.40
N PHE F 42 49.65 -25.73 1.96
CA PHE F 42 48.54 -26.29 1.18
C PHE F 42 48.21 -25.43 -0.03
N SER F 43 48.15 -24.12 0.16
CA SER F 43 47.71 -23.21 -0.89
C SER F 43 48.64 -23.31 -2.08
N ARG F 44 49.93 -23.33 -1.79
CA ARG F 44 50.97 -23.19 -2.77
C ARG F 44 51.19 -24.54 -3.44
N SER F 45 51.04 -25.63 -2.71
CA SER F 45 51.24 -26.93 -3.27
C SER F 45 50.07 -27.41 -4.10
N LEU F 46 48.85 -27.22 -3.58
CA LEU F 46 47.65 -27.54 -4.33
C LEU F 46 47.21 -26.48 -5.37
N ASP F 47 47.80 -25.30 -5.31
CA ASP F 47 47.40 -24.19 -6.22
C ASP F 47 45.91 -23.89 -6.22
N ILE F 48 45.40 -23.64 -5.02
CA ILE F 48 44.01 -23.45 -4.76
C ILE F 48 43.84 -22.07 -4.11
N ALA F 49 42.81 -21.34 -4.51
CA ALA F 49 42.46 -20.08 -3.90
C ALA F 49 42.15 -20.25 -2.42
N PRO F 50 42.52 -19.27 -1.59
CA PRO F 50 42.39 -19.28 -0.14
C PRO F 50 40.98 -19.53 0.41
N ASN F 51 39.96 -18.89 -0.16
CA ASN F 51 38.62 -18.99 0.40
C ASN F 51 38.15 -20.41 0.26
N MSE F 52 38.50 -21.02 -0.86
CA MSE F 52 38.15 -22.42 -1.10
C MSE F 52 38.98 -23.38 -0.23
O MSE F 52 38.45 -24.37 0.28
CB MSE F 52 38.28 -22.74 -2.60
CG MSE F 52 38.30 -24.24 -2.97
SE MSE F 52 36.55 -25.20 -2.98
CE MSE F 52 35.69 -24.47 -4.60
N LEU F 53 40.28 -23.10 -0.08
CA LEU F 53 41.12 -23.91 0.79
C LEU F 53 40.55 -23.91 2.26
N THR F 54 40.06 -22.75 2.68
CA THR F 54 39.59 -22.57 4.03
C THR F 54 38.32 -23.38 4.26
N ARG F 55 37.41 -23.32 3.30
CA ARG F 55 36.16 -24.00 3.44
C ARG F 55 36.40 -25.51 3.50
N ARG F 56 37.38 -25.96 2.73
CA ARG F 56 37.70 -27.40 2.60
C ARG F 56 38.41 -27.92 3.84
N LEU F 57 39.40 -27.16 4.31
CA LEU F 57 40.06 -27.44 5.61
C LEU F 57 39.04 -27.50 6.70
N ASN F 58 38.18 -26.50 6.78
CA ASN F 58 37.17 -26.46 7.84
C ASN F 58 36.26 -27.67 7.76
N ALA F 59 35.88 -28.07 6.56
CA ALA F 59 34.98 -29.19 6.47
C ALA F 59 35.70 -30.50 6.87
N LEU F 60 37.00 -30.63 6.59
CA LEU F 60 37.79 -31.78 7.02
C LEU F 60 37.91 -31.84 8.55
N VAL F 61 38.05 -30.67 9.16
CA VAL F 61 38.06 -30.55 10.56
C VAL F 61 36.71 -30.96 11.18
N GLU F 62 35.63 -30.28 10.80
CA GLU F 62 34.27 -30.65 11.23
C GLU F 62 33.98 -32.14 11.07
N ALA F 63 34.40 -32.73 9.95
CA ALA F 63 34.18 -34.16 9.75
C ALA F 63 35.07 -35.09 10.60
N GLY F 64 35.96 -34.51 11.43
CA GLY F 64 36.82 -35.29 12.35
C GLY F 64 38.07 -35.88 11.71
N LEU F 65 38.35 -35.46 10.48
CA LEU F 65 39.48 -36.02 9.76
C LEU F 65 40.79 -35.27 9.98
N LEU F 66 40.70 -33.98 10.24
CA LEU F 66 41.87 -33.13 10.58
C LEU F 66 41.58 -32.41 11.88
N GLU F 67 42.63 -31.98 12.57
CA GLU F 67 42.44 -31.16 13.76
C GLU F 67 43.34 -29.93 13.70
N ARG F 68 42.83 -28.80 14.13
CA ARG F 68 43.61 -27.58 14.17
C ARG F 68 44.42 -27.57 15.44
N GLN F 69 45.68 -27.18 15.32
CA GLN F 69 46.48 -26.93 16.49
C GLN F 69 47.26 -25.65 16.38
N PRO F 70 47.41 -24.94 17.53
CA PRO F 70 48.04 -23.61 17.55
C PRO F 70 49.43 -23.70 16.94
N TYR F 71 49.85 -22.61 16.34
CA TYR F 71 51.11 -22.59 15.60
C TYR F 71 51.88 -21.35 15.85
N SER F 72 51.22 -20.27 16.28
CA SER F 72 51.84 -18.94 16.15
C SER F 72 51.39 -17.83 17.11
N GLN F 73 52.19 -16.77 17.12
CA GLN F 73 51.97 -15.59 17.94
C GLN F 73 50.99 -14.61 17.28
N ARG F 74 51.44 -14.02 16.17
CA ARG F 74 50.76 -12.92 15.51
C ARG F 74 50.76 -13.14 13.98
N PRO F 75 49.57 -13.11 13.35
CA PRO F 75 48.35 -13.35 14.15
C PRO F 75 48.44 -14.86 14.47
N LEU F 76 47.59 -15.40 15.33
CA LEU F 76 47.71 -16.84 15.53
C LEU F 76 47.39 -17.55 14.24
N ARG F 77 48.31 -18.37 13.76
CA ARG F 77 48.04 -19.24 12.64
C ARG F 77 47.76 -20.63 13.23
N TYR F 78 47.06 -21.47 12.47
CA TYR F 78 46.91 -22.87 12.85
C TYR F 78 47.58 -23.77 11.83
N GLN F 79 48.05 -24.91 12.30
CA GLN F 79 48.41 -25.99 11.41
C GLN F 79 47.29 -27.02 11.48
N TYR F 80 47.26 -27.92 10.48
CA TYR F 80 46.20 -28.90 10.33
C TYR F 80 46.84 -30.24 10.31
N VAL F 81 46.55 -31.08 11.28
CA VAL F 81 47.28 -32.32 11.30
C VAL F 81 46.24 -33.44 11.25
N PRO F 82 46.59 -34.57 10.62
CA PRO F 82 45.61 -35.61 10.53
C PRO F 82 45.34 -36.26 11.87
N THR F 83 44.13 -36.78 11.96
CA THR F 83 43.50 -37.32 13.12
C THR F 83 43.62 -38.84 12.95
N ALA F 84 43.28 -39.60 13.98
CA ALA F 84 43.28 -41.05 13.83
C ALA F 84 42.33 -41.50 12.71
N LYS F 85 41.09 -41.01 12.75
CA LYS F 85 40.16 -41.23 11.63
C LYS F 85 40.66 -40.81 10.26
N GLY F 86 41.40 -39.70 10.23
CA GLY F 86 41.93 -39.17 8.98
C GLY F 86 43.00 -40.08 8.49
N GLU F 87 43.80 -40.57 9.44
CA GLU F 87 44.85 -41.55 9.16
C GLU F 87 44.17 -42.78 8.52
N ASP F 88 43.05 -43.25 9.10
CA ASP F 88 42.34 -44.43 8.56
C ASP F 88 41.66 -44.13 7.22
N PHE F 89 41.49 -42.85 6.95
CA PHE F 89 40.67 -42.45 5.83
C PHE F 89 41.38 -42.73 4.49
N ARG F 90 42.68 -42.94 4.60
CA ARG F 90 43.53 -43.27 3.50
C ARG F 90 42.97 -44.38 2.62
N VAL F 91 42.24 -45.31 3.21
CA VAL F 91 41.68 -46.41 2.47
C VAL F 91 40.53 -45.94 1.57
N VAL F 92 39.75 -44.99 2.09
CA VAL F 92 38.64 -44.40 1.36
C VAL F 92 39.17 -43.54 0.20
N LEU F 93 40.15 -42.68 0.43
CA LEU F 93 40.76 -41.86 -0.63
C LEU F 93 41.23 -42.73 -1.79
N MSE F 94 41.89 -43.83 -1.44
CA MSE F 94 42.47 -44.78 -2.38
C MSE F 94 41.39 -45.46 -3.17
O MSE F 94 41.51 -45.65 -4.37
CB MSE F 94 43.28 -45.81 -1.62
CG MSE F 94 44.61 -45.27 -1.27
SE MSE F 94 45.92 -46.60 -0.54
CE MSE F 94 47.40 -45.61 -1.25
N ALA F 95 40.32 -45.81 -2.47
CA ALA F 95 39.15 -46.36 -3.13
C ALA F 95 38.54 -45.38 -4.13
N PHE F 96 38.43 -44.09 -3.77
CA PHE F 96 37.84 -43.10 -4.67
C PHE F 96 38.69 -43.04 -5.93
N VAL F 97 40.02 -43.19 -5.81
CA VAL F 97 40.78 -43.14 -7.02
C VAL F 97 40.66 -44.40 -7.90
N ALA F 98 40.59 -45.59 -7.31
CA ALA F 98 40.37 -46.84 -8.04
C ALA F 98 38.99 -46.79 -8.70
N TRP F 99 38.00 -46.28 -7.98
CA TRP F 99 36.70 -45.95 -8.59
C TRP F 99 36.78 -44.99 -9.78
N GLY F 100 37.46 -43.84 -9.60
CA GLY F 100 37.64 -42.85 -10.65
C GLY F 100 38.35 -43.41 -11.86
N ASN F 101 39.31 -44.30 -11.61
CA ASN F 101 40.08 -44.87 -12.71
C ASN F 101 39.43 -46.09 -13.37
N ARG F 102 38.30 -46.54 -12.85
CA ARG F 102 37.66 -47.72 -13.43
C ARG F 102 37.24 -47.42 -14.90
N HIS F 103 37.51 -48.38 -15.79
CA HIS F 103 37.23 -48.16 -17.23
C HIS F 103 38.15 -47.16 -17.91
N TYR F 104 39.32 -46.88 -17.33
CA TYR F 104 40.28 -46.02 -18.02
C TYR F 104 41.64 -46.67 -18.13
N ALA F 105 42.38 -46.36 -19.21
CA ALA F 105 43.89 -46.41 -19.28
C ALA F 105 44.42 -47.74 -18.82
N GLN F 106 45.41 -47.90 -17.93
CA GLN F 106 46.53 -47.09 -17.44
C GLN F 106 47.28 -45.94 -18.19
N GLN F 107 47.72 -46.14 -19.46
CA GLN F 107 48.56 -45.18 -20.23
C GLN F 107 47.99 -43.75 -20.26
N GLY F 108 46.70 -43.60 -20.03
CA GLY F 108 46.09 -42.30 -20.09
C GLY F 108 45.75 -41.67 -18.76
N GLN F 109 46.02 -42.38 -17.67
CA GLN F 109 45.64 -41.87 -16.38
C GLN F 109 46.54 -40.73 -15.92
N SER F 110 45.93 -39.67 -15.37
CA SER F 110 46.61 -38.55 -14.70
C SER F 110 46.89 -38.82 -13.22
N VAL F 111 46.07 -39.70 -12.61
CA VAL F 111 46.23 -40.09 -11.19
C VAL F 111 46.19 -41.62 -11.04
N GLN F 112 47.12 -42.17 -10.27
CA GLN F 112 47.21 -43.62 -10.14
C GLN F 112 47.38 -44.08 -8.70
N LEU F 113 46.76 -45.23 -8.41
CA LEU F 113 46.98 -45.96 -7.18
C LEU F 113 48.06 -46.94 -7.54
N VAL F 114 49.25 -46.80 -6.93
CA VAL F 114 50.39 -47.71 -7.17
C VAL F 114 50.98 -48.30 -5.88
N GLU F 115 51.81 -49.33 -6.05
CA GLU F 115 52.62 -49.86 -4.98
C GLU F 115 53.71 -48.82 -4.75
N ARG F 116 53.84 -48.30 -3.54
CA ARG F 116 54.81 -47.21 -3.30
C ARG F 116 56.26 -47.60 -3.63
N THR F 117 56.68 -48.79 -3.21
CA THR F 117 58.01 -49.36 -3.57
C THR F 117 58.37 -49.17 -5.04
N SER F 118 57.65 -49.87 -5.91
CA SER F 118 57.91 -49.90 -7.34
C SER F 118 56.94 -48.93 -7.92
N GLY F 119 56.90 -48.77 -9.23
CA GLY F 119 55.79 -47.92 -9.69
C GLY F 119 54.47 -48.63 -10.00
N ARG F 120 54.29 -49.87 -9.51
CA ARG F 120 53.30 -50.79 -10.09
C ARG F 120 51.85 -50.50 -9.81
N PRO F 121 51.08 -50.28 -10.88
CA PRO F 121 49.70 -49.93 -10.72
C PRO F 121 48.90 -51.04 -10.07
N VAL F 122 47.95 -50.63 -9.27
CA VAL F 122 46.97 -51.48 -8.69
C VAL F 122 45.82 -51.77 -9.68
N ARG F 123 45.64 -53.03 -10.05
CA ARG F 123 44.49 -53.44 -10.87
C ARG F 123 43.16 -53.37 -10.11
N SER F 124 43.09 -53.88 -8.89
CA SER F 124 41.86 -53.83 -8.10
C SER F 124 42.12 -54.03 -6.60
N PHE F 125 41.18 -53.55 -5.78
CA PHE F 125 41.10 -53.85 -4.37
C PHE F 125 40.74 -55.30 -4.26
N MSE F 126 41.24 -55.98 -3.22
CA MSE F 126 40.74 -57.32 -2.88
C MSE F 126 40.32 -57.36 -1.39
O MSE F 126 40.73 -56.50 -0.64
CB MSE F 126 41.85 -58.33 -3.16
CG MSE F 126 42.28 -58.44 -4.64
SE MSE F 126 41.00 -59.51 -5.74
CE MSE F 126 39.78 -58.14 -6.25
N ALA F 127 39.50 -58.32 -0.98
CA ALA F 127 39.12 -58.50 0.42
C ALA F 127 39.87 -59.65 1.09
N ALA F 128 40.55 -59.37 2.20
CA ALA F 128 41.29 -60.41 2.94
C ALA F 128 40.53 -60.80 4.17
N LEU F 129 40.23 -62.08 4.28
CA LEU F 129 39.49 -62.66 5.38
C LEU F 129 40.37 -63.06 6.54
N ALA F 130 39.72 -63.51 7.60
CA ALA F 130 40.38 -64.11 8.76
C ALA F 130 41.47 -65.04 8.27
N ASP F 131 41.05 -66.16 7.69
CA ASP F 131 41.90 -67.34 7.46
C ASP F 131 43.10 -67.22 6.50
N GLY F 132 43.23 -66.09 5.82
CA GLY F 132 44.32 -65.90 4.87
C GLY F 132 43.86 -65.61 3.46
N ARG F 133 42.69 -66.15 3.08
CA ARG F 133 42.10 -66.02 1.73
C ARG F 133 41.68 -64.59 1.28
N THR F 134 41.87 -64.33 -0.02
CA THR F 134 41.62 -63.09 -0.65
C THR F 134 40.61 -63.31 -1.75
N VAL F 135 39.51 -62.58 -1.68
CA VAL F 135 38.41 -62.68 -2.62
C VAL F 135 38.07 -61.32 -3.25
N PRO F 136 37.48 -61.32 -4.43
CA PRO F 136 37.10 -60.04 -5.01
C PRO F 136 35.91 -59.42 -4.28
N LEU F 137 35.86 -58.10 -4.31
CA LEU F 137 34.80 -57.34 -3.63
C LEU F 137 33.39 -57.64 -4.15
N GLU F 138 33.30 -58.09 -5.42
CA GLU F 138 32.08 -58.54 -6.07
C GLU F 138 31.47 -59.68 -5.26
N GLN F 139 32.36 -60.39 -4.56
CA GLN F 139 31.94 -61.55 -3.80
C GLN F 139 31.65 -61.25 -2.32
N CYS F 140 31.62 -59.96 -2.00
CA CYS F 140 31.44 -59.44 -0.64
C CYS F 140 30.13 -58.69 -0.51
N THR F 141 29.69 -58.47 0.72
CA THR F 141 28.48 -57.73 0.96
C THR F 141 28.47 -56.97 2.31
N VAL F 142 27.66 -55.91 2.39
CA VAL F 142 27.45 -55.17 3.62
C VAL F 142 26.20 -55.72 4.28
N GLN F 143 26.30 -56.22 5.51
CA GLN F 143 25.15 -56.82 6.17
C GLN F 143 25.13 -56.35 7.60
N ALA F 144 24.11 -56.75 8.34
CA ALA F 144 24.00 -56.31 9.70
C ALA F 144 24.94 -57.07 10.64
N GLY F 145 25.44 -56.36 11.64
CA GLY F 145 26.36 -56.89 12.61
C GLY F 145 25.69 -57.39 13.87
N PRO F 146 26.44 -58.13 14.71
CA PRO F 146 25.90 -58.66 15.96
C PRO F 146 25.39 -57.57 16.91
N ALA F 147 25.98 -56.38 16.87
CA ALA F 147 25.54 -55.28 17.74
C ALA F 147 24.29 -54.49 17.22
N ALA F 148 23.91 -54.75 15.96
CA ALA F 148 22.82 -54.02 15.24
C ALA F 148 21.48 -54.01 15.97
N SER F 149 20.90 -52.82 16.08
CA SER F 149 19.51 -52.64 16.55
C SER F 149 18.51 -53.17 15.54
N GLU F 150 17.27 -53.30 16.00
CA GLU F 150 16.08 -53.54 15.16
C GLU F 150 16.07 -52.59 13.95
N GLU F 151 16.20 -51.28 14.20
CA GLU F 151 16.23 -50.28 13.14
C GLU F 151 17.29 -50.61 12.08
N MSE F 152 18.52 -50.87 12.55
CA MSE F 152 19.62 -51.17 11.67
C MSE F 152 19.34 -52.41 10.84
O MSE F 152 19.59 -52.44 9.63
CB MSE F 152 20.92 -51.32 12.45
CG MSE F 152 22.05 -51.59 11.57
SE MSE F 152 22.48 -49.96 10.54
CE MSE F 152 23.58 -49.04 11.89
N ARG F 153 18.80 -53.43 11.49
CA ARG F 153 18.43 -54.67 10.80
C ARG F 153 17.45 -54.44 9.66
N GLN F 154 16.46 -53.55 9.87
CA GLN F 154 15.51 -53.20 8.83
C GLN F 154 16.21 -52.53 7.67
N ARG F 155 17.11 -51.59 7.97
CA ARG F 155 17.80 -50.84 6.95
C ARG F 155 18.67 -51.68 6.01
N LEU F 156 19.14 -52.80 6.54
CA LEU F 156 20.15 -53.62 5.88
C LEU F 156 19.57 -54.95 5.39
N CYS G 11 18.17 -6.59 -19.03
CA CYS G 11 19.29 -7.49 -19.49
C CYS G 11 19.52 -7.36 -20.99
N PRO G 12 20.69 -7.77 -21.51
CA PRO G 12 20.90 -7.42 -22.90
C PRO G 12 19.92 -8.00 -23.93
N ILE G 13 19.44 -9.23 -23.75
CA ILE G 13 18.52 -9.76 -24.77
C ILE G 13 17.16 -9.03 -24.80
N ALA G 14 16.62 -8.71 -23.63
CA ALA G 14 15.33 -7.99 -23.61
C ALA G 14 15.52 -6.61 -24.27
N ARG G 15 16.63 -5.96 -24.00
CA ARG G 15 16.91 -4.69 -24.61
C ARG G 15 16.94 -4.81 -26.11
N SER G 16 17.55 -5.87 -26.61
CA SER G 16 17.67 -6.05 -28.06
C SER G 16 16.36 -6.34 -28.73
N LEU G 17 15.61 -7.25 -28.14
CA LEU G 17 14.32 -7.65 -28.65
C LEU G 17 13.34 -6.50 -28.50
N GLU G 18 13.51 -5.66 -27.49
CA GLU G 18 12.74 -4.43 -27.43
C GLU G 18 13.04 -3.49 -28.61
N ARG G 19 14.32 -3.29 -28.98
CA ARG G 19 14.65 -2.32 -30.05
C ARG G 19 14.06 -2.78 -31.36
N VAL G 20 13.90 -4.08 -31.49
CA VAL G 20 13.43 -4.65 -32.71
C VAL G 20 11.91 -4.80 -32.64
N GLY G 21 11.34 -4.55 -31.45
CA GLY G 21 9.89 -4.55 -31.25
C GLY G 21 9.22 -5.90 -31.11
N GLU G 22 9.93 -6.89 -30.56
CA GLU G 22 9.40 -8.24 -30.47
C GLU G 22 9.37 -8.84 -29.11
N TRP G 23 9.74 -8.06 -28.10
CA TRP G 23 9.94 -8.60 -26.74
C TRP G 23 8.61 -9.01 -26.12
N TRP G 24 7.64 -8.10 -26.04
CA TRP G 24 6.30 -8.47 -25.55
C TRP G 24 5.55 -9.44 -26.45
N SER G 25 5.76 -9.37 -27.75
CA SER G 25 5.11 -10.30 -28.64
C SER G 25 5.54 -11.72 -28.32
N ILE G 26 6.82 -11.91 -28.03
CA ILE G 26 7.36 -13.23 -27.72
C ILE G 26 6.77 -13.75 -26.42
N LEU G 27 6.88 -12.92 -25.38
CA LEU G 27 6.36 -13.28 -24.07
C LEU G 27 4.90 -13.63 -24.16
N ILE G 28 4.11 -12.81 -24.86
CA ILE G 28 2.65 -13.05 -24.94
C ILE G 28 2.31 -14.29 -25.77
N MSE G 29 2.86 -14.37 -26.97
CA MSE G 29 2.63 -15.50 -27.83
C MSE G 29 3.06 -16.78 -27.11
O MSE G 29 2.33 -17.76 -27.10
CB MSE G 29 3.38 -15.33 -29.15
CG MSE G 29 2.72 -14.30 -30.05
SE MSE G 29 0.84 -14.81 -30.46
CE MSE G 29 0.40 -13.43 -31.68
N ARG G 30 4.22 -16.74 -26.49
CA ARG G 30 4.66 -17.87 -25.67
C ARG G 30 3.57 -18.28 -24.65
N ASP G 31 3.02 -17.31 -23.91
CA ASP G 31 2.02 -17.64 -22.92
C ASP G 31 0.73 -18.14 -23.56
N ALA G 32 0.27 -17.51 -24.63
CA ALA G 32 -0.95 -17.95 -25.26
C ALA G 32 -0.73 -19.36 -25.91
N LEU G 33 0.45 -19.63 -26.42
CA LEU G 33 0.67 -20.98 -26.94
C LEU G 33 0.57 -21.96 -25.80
N GLN G 34 1.03 -21.53 -24.62
CA GLN G 34 1.02 -22.38 -23.43
C GLN G 34 -0.35 -22.48 -22.77
N GLY G 35 -1.36 -21.75 -23.27
CA GLY G 35 -2.73 -21.88 -22.75
C GLY G 35 -3.37 -20.72 -21.98
N LEU G 36 -2.59 -19.68 -21.66
CA LEU G 36 -3.15 -18.49 -21.04
C LEU G 36 -4.11 -17.90 -22.05
N ARG G 37 -5.20 -17.30 -21.60
CA ARG G 37 -6.26 -16.91 -22.51
C ARG G 37 -6.79 -15.52 -22.20
N ARG G 38 -6.89 -15.19 -20.91
CA ARG G 38 -7.56 -13.99 -20.40
C ARG G 38 -6.62 -12.82 -20.07
N PHE G 39 -7.11 -11.61 -20.32
CA PHE G 39 -6.34 -10.41 -20.10
C PHE G 39 -5.59 -10.38 -18.77
N ASP G 40 -6.31 -10.67 -17.68
CA ASP G 40 -5.67 -10.65 -16.35
C ASP G 40 -4.59 -11.72 -16.14
N GLU G 41 -4.71 -12.86 -16.81
CA GLU G 41 -3.64 -13.85 -16.71
C GLU G 41 -2.38 -13.34 -17.37
N PHE G 42 -2.51 -12.72 -18.54
CA PHE G 42 -1.32 -12.14 -19.18
C PHE G 42 -0.70 -11.06 -18.29
N SER G 43 -1.52 -10.18 -17.73
CA SER G 43 -1.00 -9.05 -16.96
C SER G 43 -0.19 -9.56 -15.80
N ARG G 44 -0.75 -10.48 -15.01
CA ARG G 44 -0.10 -10.99 -13.80
C ARG G 44 1.06 -11.90 -14.16
N SER G 45 0.89 -12.74 -15.18
CA SER G 45 1.99 -13.66 -15.51
C SER G 45 3.16 -12.89 -16.10
N LEU G 46 2.86 -11.90 -16.92
CA LEU G 46 3.92 -11.15 -17.61
C LEU G 46 4.37 -9.88 -16.89
N ASP G 47 3.59 -9.51 -15.87
CA ASP G 47 3.84 -8.30 -15.12
C ASP G 47 3.99 -7.11 -16.05
N ILE G 48 2.97 -6.85 -16.82
CA ILE G 48 3.03 -5.84 -17.83
C ILE G 48 1.86 -4.96 -17.53
N ALA G 49 2.03 -3.65 -17.72
CA ALA G 49 0.95 -2.70 -17.52
C ALA G 49 -0.14 -2.85 -18.58
N PRO G 50 -1.39 -2.57 -18.20
CA PRO G 50 -2.56 -2.75 -19.06
C PRO G 50 -2.61 -2.00 -20.40
N ASN G 51 -2.16 -0.75 -20.47
CA ASN G 51 -2.21 -0.05 -21.78
C ASN G 51 -1.36 -0.77 -22.80
N MSE G 52 -0.19 -1.19 -22.35
CA MSE G 52 0.78 -1.91 -23.19
C MSE G 52 0.32 -3.31 -23.56
O MSE G 52 0.49 -3.76 -24.69
CB MSE G 52 2.14 -1.94 -22.47
CG MSE G 52 3.18 -2.88 -23.10
SE MSE G 52 3.87 -2.16 -24.89
CE MSE G 52 4.71 -0.46 -24.35
N LEU G 53 -0.24 -4.04 -22.61
CA LEU G 53 -0.78 -5.34 -22.91
C LEU G 53 -1.89 -5.21 -23.96
N THR G 54 -2.71 -4.18 -23.86
CA THR G 54 -3.84 -3.96 -24.79
C THR G 54 -3.37 -3.62 -26.23
N ARG G 55 -2.39 -2.73 -26.32
CA ARG G 55 -1.69 -2.42 -27.55
C ARG G 55 -1.14 -3.73 -28.21
N ARG G 56 -0.45 -4.55 -27.41
CA ARG G 56 0.25 -5.75 -27.92
C ARG G 56 -0.73 -6.88 -28.28
N LEU G 57 -1.73 -7.13 -27.45
CA LEU G 57 -2.79 -8.04 -27.86
C LEU G 57 -3.48 -7.57 -29.15
N ASN G 58 -3.78 -6.27 -29.26
CA ASN G 58 -4.47 -5.80 -30.43
C ASN G 58 -3.62 -5.98 -31.68
N ALA G 59 -2.34 -5.74 -31.57
CA ALA G 59 -1.45 -5.91 -32.70
C ALA G 59 -1.34 -7.38 -33.07
N LEU G 60 -1.27 -8.25 -32.09
CA LEU G 60 -1.20 -9.68 -32.39
C LEU G 60 -2.46 -10.19 -33.05
N VAL G 61 -3.61 -9.71 -32.61
CA VAL G 61 -4.86 -10.08 -33.26
C VAL G 61 -4.91 -9.52 -34.69
N GLU G 62 -4.60 -8.23 -34.86
CA GLU G 62 -4.71 -7.58 -36.17
C GLU G 62 -3.83 -8.33 -37.18
N ALA G 63 -2.72 -8.86 -36.68
CA ALA G 63 -1.75 -9.59 -37.45
C ALA G 63 -2.18 -11.02 -37.77
N GLY G 64 -3.36 -11.45 -37.32
CA GLY G 64 -3.86 -12.80 -37.57
C GLY G 64 -3.17 -13.93 -36.80
N LEU G 65 -2.37 -13.56 -35.79
CA LEU G 65 -1.60 -14.51 -34.92
C LEU G 65 -2.38 -14.97 -33.70
N LEU G 66 -3.34 -14.14 -33.28
CA LEU G 66 -4.32 -14.45 -32.19
C LEU G 66 -5.70 -14.11 -32.64
N GLU G 67 -6.70 -14.79 -32.11
CA GLU G 67 -8.03 -14.21 -32.23
C GLU G 67 -8.74 -13.97 -30.89
N ARG G 68 -9.51 -12.91 -30.87
CA ARG G 68 -10.20 -12.45 -29.68
C ARG G 68 -11.64 -12.97 -29.75
N GLN G 69 -11.95 -13.94 -28.90
CA GLN G 69 -13.29 -14.53 -28.86
C GLN G 69 -13.97 -14.16 -27.55
N PRO G 70 -15.30 -13.92 -27.60
CA PRO G 70 -16.16 -13.66 -26.42
C PRO G 70 -15.86 -14.61 -25.26
N TYR G 71 -15.90 -14.09 -24.03
CA TYR G 71 -15.54 -14.92 -22.86
C TYR G 71 -16.50 -14.83 -21.67
N SER G 72 -17.09 -13.66 -21.41
CA SER G 72 -18.02 -13.50 -20.27
C SER G 72 -19.39 -12.87 -20.66
N TYR G 78 -13.07 -10.71 -23.03
CA TYR G 78 -12.58 -11.42 -24.22
C TYR G 78 -11.46 -12.39 -23.84
N GLN G 79 -11.30 -13.44 -24.65
CA GLN G 79 -10.14 -14.36 -24.56
C GLN G 79 -9.32 -14.35 -25.85
N TYR G 80 -8.02 -14.64 -25.71
CA TYR G 80 -7.06 -14.58 -26.83
C TYR G 80 -6.49 -15.95 -27.12
N VAL G 81 -6.82 -16.48 -28.30
CA VAL G 81 -6.48 -17.86 -28.63
C VAL G 81 -5.62 -17.94 -29.88
N PRO G 82 -4.54 -18.70 -29.84
CA PRO G 82 -3.70 -18.74 -31.03
C PRO G 82 -4.41 -19.33 -32.25
N THR G 83 -4.12 -18.70 -33.37
CA THR G 83 -4.52 -19.10 -34.71
C THR G 83 -3.57 -20.19 -35.20
N ALA G 84 -3.97 -20.88 -36.26
CA ALA G 84 -2.99 -21.70 -37.00
C ALA G 84 -1.77 -20.86 -37.44
N LYS G 85 -1.99 -19.67 -38.00
CA LYS G 85 -0.83 -18.80 -38.30
C LYS G 85 -0.01 -18.56 -37.05
N GLY G 86 -0.71 -18.36 -35.93
CA GLY G 86 -0.02 -18.09 -34.68
C GLY G 86 0.82 -19.24 -34.15
N GLU G 87 0.33 -20.48 -34.23
CA GLU G 87 1.21 -21.56 -33.77
C GLU G 87 2.39 -21.85 -34.71
N ASP G 88 2.24 -21.52 -35.99
CA ASP G 88 3.35 -21.68 -36.90
C ASP G 88 4.45 -20.64 -36.58
N PHE G 89 4.04 -19.46 -36.10
CA PHE G 89 4.94 -18.33 -35.82
C PHE G 89 5.95 -18.64 -34.72
N ARG G 90 5.65 -19.69 -33.96
CA ARG G 90 6.59 -20.11 -32.90
C ARG G 90 8.02 -20.29 -33.44
N VAL G 91 8.16 -20.74 -34.68
CA VAL G 91 9.50 -20.81 -35.32
C VAL G 91 10.18 -19.43 -35.38
N VAL G 92 9.39 -18.38 -35.69
CA VAL G 92 9.92 -17.04 -35.78
C VAL G 92 10.38 -16.53 -34.41
N LEU G 93 9.58 -16.75 -33.39
CA LEU G 93 9.94 -16.32 -32.04
C LEU G 93 11.27 -16.89 -31.57
N MSE G 94 11.47 -18.19 -31.82
CA MSE G 94 12.65 -18.89 -31.38
C MSE G 94 13.83 -18.32 -32.13
O MSE G 94 14.95 -18.15 -31.59
CB MSE G 94 12.47 -20.37 -31.65
CG MSE G 94 11.10 -20.93 -31.16
SE MSE G 94 11.20 -22.92 -30.98
CE MSE G 94 12.46 -22.71 -29.49
N ALA G 95 13.56 -17.93 -33.39
CA ALA G 95 14.60 -17.31 -34.19
C ALA G 95 15.00 -15.96 -33.61
N PHE G 96 14.03 -15.18 -33.14
CA PHE G 96 14.37 -13.89 -32.52
C PHE G 96 15.20 -14.18 -31.29
N VAL G 97 14.88 -15.22 -30.52
CA VAL G 97 15.78 -15.48 -29.41
C VAL G 97 17.23 -15.92 -29.78
N ALA G 98 17.38 -16.90 -30.68
CA ALA G 98 18.69 -17.33 -31.15
C ALA G 98 19.45 -16.08 -31.62
N TRP G 99 18.73 -15.20 -32.33
CA TRP G 99 19.32 -13.96 -32.80
C TRP G 99 19.83 -13.10 -31.65
N GLY G 100 19.00 -12.91 -30.64
CA GLY G 100 19.36 -12.04 -29.53
C GLY G 100 20.53 -12.56 -28.68
N ASN G 101 20.78 -13.87 -28.75
CA ASN G 101 21.86 -14.46 -27.95
C ASN G 101 23.22 -14.56 -28.66
N ARG G 102 23.30 -14.15 -29.93
CA ARG G 102 24.55 -14.31 -30.65
C ARG G 102 25.60 -13.51 -29.91
N HIS G 103 26.81 -14.04 -29.87
CA HIS G 103 27.90 -13.36 -29.17
C HIS G 103 27.75 -13.27 -27.65
N TYR G 104 26.71 -13.90 -27.10
CA TYR G 104 26.54 -13.97 -25.67
C TYR G 104 26.81 -15.38 -25.18
N ALA G 105 27.67 -15.51 -24.18
CA ALA G 105 28.00 -16.83 -23.63
C ALA G 105 26.77 -17.42 -22.97
N GLN G 106 26.55 -18.72 -23.15
CA GLN G 106 25.47 -19.45 -22.52
C GLN G 106 25.34 -19.20 -21.04
N GLN G 107 26.46 -19.17 -20.32
CA GLN G 107 26.42 -18.97 -18.86
C GLN G 107 25.73 -17.66 -18.50
N GLY G 108 25.88 -16.63 -19.32
CA GLY G 108 25.37 -15.32 -18.98
C GLY G 108 24.00 -14.99 -19.53
N GLN G 109 23.35 -15.95 -20.19
CA GLN G 109 22.03 -15.68 -20.78
C GLN G 109 20.88 -15.67 -19.79
N SER G 110 19.90 -14.80 -20.03
CA SER G 110 18.70 -14.76 -19.23
C SER G 110 17.59 -15.49 -19.94
N VAL G 111 17.69 -15.57 -21.27
CA VAL G 111 16.64 -16.22 -22.04
C VAL G 111 17.30 -17.26 -22.93
N GLN G 112 16.74 -18.48 -22.97
CA GLN G 112 17.38 -19.59 -23.74
C GLN G 112 16.49 -20.46 -24.60
N LEU G 113 17.02 -20.73 -25.78
CA LEU G 113 16.50 -21.74 -26.67
C LEU G 113 17.01 -23.10 -26.23
N VAL G 114 16.10 -23.98 -25.80
CA VAL G 114 16.50 -25.35 -25.40
C VAL G 114 15.59 -26.43 -25.95
N GLU G 115 16.12 -27.66 -25.91
CA GLU G 115 15.35 -28.86 -26.17
C GLU G 115 14.43 -29.01 -24.98
N ARG G 116 13.13 -29.14 -25.27
CA ARG G 116 12.12 -29.14 -24.22
C ARG G 116 12.29 -30.29 -23.23
N THR G 117 12.55 -31.50 -23.70
CA THR G 117 12.70 -32.65 -22.77
C THR G 117 13.85 -32.55 -21.73
N SER G 118 14.97 -31.95 -22.10
CA SER G 118 16.18 -31.99 -21.27
C SER G 118 16.72 -30.60 -20.99
N GLY G 119 17.79 -30.56 -20.21
CA GLY G 119 18.53 -29.29 -20.07
C GLY G 119 18.84 -28.52 -21.37
N ARG G 120 19.08 -29.27 -22.45
CA ARG G 120 20.06 -28.91 -23.49
C ARG G 120 19.83 -27.67 -24.33
N PRO G 121 20.80 -26.73 -24.29
CA PRO G 121 20.72 -25.53 -25.09
C PRO G 121 21.03 -25.81 -26.56
N VAL G 122 20.58 -24.90 -27.39
CA VAL G 122 20.57 -25.02 -28.83
C VAL G 122 21.62 -24.10 -29.41
N ARG G 123 22.62 -24.69 -30.08
CA ARG G 123 23.78 -23.96 -30.63
C ARG G 123 23.54 -23.20 -31.94
N SER G 124 22.75 -23.76 -32.86
CA SER G 124 22.33 -23.00 -34.05
C SER G 124 21.12 -23.62 -34.67
N PHE G 125 20.35 -22.82 -35.40
CA PHE G 125 19.37 -23.38 -36.29
C PHE G 125 20.10 -24.18 -37.33
N MSE G 126 19.47 -25.23 -37.83
CA MSE G 126 19.95 -25.92 -39.01
C MSE G 126 18.78 -25.97 -39.95
O MSE G 126 17.64 -25.84 -39.54
CB MSE G 126 20.43 -27.33 -38.67
CG MSE G 126 21.67 -27.44 -37.80
SE MSE G 126 23.28 -26.83 -38.71
CE MSE G 126 23.52 -25.05 -38.01
N ALA G 127 19.07 -26.17 -41.22
CA ALA G 127 18.04 -26.29 -42.23
C ALA G 127 17.97 -27.75 -42.69
N ALA G 128 16.78 -28.34 -42.66
CA ALA G 128 16.62 -29.66 -43.29
C ALA G 128 16.03 -29.58 -44.68
N LEU G 129 16.52 -30.42 -45.57
CA LEU G 129 16.06 -30.52 -46.96
C LEU G 129 15.09 -31.71 -47.18
N ALA G 130 14.43 -31.77 -48.33
CA ALA G 130 13.48 -32.88 -48.61
C ALA G 130 14.16 -34.22 -48.48
N ASP G 131 15.34 -34.34 -49.07
CA ASP G 131 16.07 -35.61 -49.15
C ASP G 131 16.74 -36.15 -47.87
N GLY G 132 16.45 -35.58 -46.71
CA GLY G 132 17.07 -36.04 -45.47
C GLY G 132 18.22 -35.22 -44.92
N ARG G 133 18.95 -34.54 -45.80
CA ARG G 133 20.14 -33.77 -45.43
C ARG G 133 19.90 -32.46 -44.65
N THR G 134 20.90 -32.07 -43.86
CA THR G 134 20.83 -30.93 -42.98
C THR G 134 22.05 -30.02 -43.18
N VAL G 135 21.79 -28.73 -43.44
CA VAL G 135 22.82 -27.75 -43.74
C VAL G 135 22.67 -26.49 -42.88
N PRO G 136 23.77 -25.78 -42.61
CA PRO G 136 23.74 -24.52 -41.86
C PRO G 136 23.12 -23.36 -42.65
N LEU G 137 22.59 -22.36 -41.94
CA LEU G 137 21.83 -21.31 -42.60
C LEU G 137 22.69 -20.49 -43.58
N GLU G 138 23.98 -20.38 -43.27
CA GLU G 138 24.91 -19.71 -44.16
C GLU G 138 24.92 -20.34 -45.55
N GLN G 139 24.66 -21.65 -45.61
CA GLN G 139 24.57 -22.29 -46.89
C GLN G 139 23.24 -22.04 -47.63
N CYS G 140 22.31 -21.33 -46.98
CA CYS G 140 20.95 -21.12 -47.51
C CYS G 140 20.75 -19.69 -47.95
N THR G 141 19.71 -19.48 -48.76
CA THR G 141 19.47 -18.17 -49.32
C THR G 141 17.98 -18.01 -49.64
N VAL G 142 17.49 -16.78 -49.56
CA VAL G 142 16.13 -16.46 -49.98
C VAL G 142 16.21 -16.00 -51.41
N GLN G 143 15.62 -16.77 -52.32
CA GLN G 143 15.58 -16.43 -53.71
C GLN G 143 14.15 -16.44 -54.25
N ALA G 144 13.97 -16.04 -55.52
CA ALA G 144 12.68 -16.15 -56.19
C ALA G 144 12.31 -17.60 -56.42
N GLY G 145 11.08 -17.96 -56.09
CA GLY G 145 10.53 -19.26 -56.43
C GLY G 145 10.01 -19.34 -57.86
N PRO G 146 9.45 -20.49 -58.26
CA PRO G 146 8.99 -20.75 -59.62
C PRO G 146 7.84 -19.87 -60.09
N ALA G 147 6.96 -19.47 -59.18
CA ALA G 147 5.81 -18.65 -59.56
C ALA G 147 6.02 -17.14 -59.44
N ALA G 148 7.25 -16.72 -59.13
CA ALA G 148 7.53 -15.29 -59.01
C ALA G 148 7.08 -14.52 -60.25
N SER G 149 6.39 -13.40 -60.04
CA SER G 149 6.12 -12.45 -61.12
C SER G 149 7.43 -11.74 -61.50
N GLU G 150 7.35 -10.92 -62.55
CA GLU G 150 8.44 -10.05 -62.98
C GLU G 150 8.81 -9.05 -61.89
N GLU G 151 7.79 -8.48 -61.26
CA GLU G 151 7.96 -7.64 -60.08
C GLU G 151 8.76 -8.32 -58.96
N MSE G 152 8.36 -9.54 -58.59
CA MSE G 152 9.00 -10.28 -57.50
C MSE G 152 10.46 -10.54 -57.82
O MSE G 152 11.35 -10.32 -57.00
CB MSE G 152 8.28 -11.59 -57.25
CG MSE G 152 8.77 -12.32 -56.02
SE MSE G 152 8.56 -11.22 -54.41
CE MSE G 152 6.68 -11.62 -53.96
N ARG G 153 10.69 -11.00 -59.05
CA ARG G 153 12.01 -11.36 -59.50
C ARG G 153 12.96 -10.17 -59.62
N GLN G 154 12.46 -8.96 -59.91
CA GLN G 154 13.29 -7.74 -59.79
C GLN G 154 13.62 -7.55 -58.32
N ARG G 155 12.61 -7.66 -57.47
CA ARG G 155 12.77 -7.44 -56.04
C ARG G 155 13.84 -8.27 -55.32
N LEU G 156 14.11 -9.48 -55.79
CA LEU G 156 15.03 -10.40 -55.09
C LEU G 156 16.42 -10.55 -55.71
N CYS H 11 0.85 -11.26 -54.14
CA CYS H 11 0.98 -12.74 -53.94
C CYS H 11 0.77 -13.13 -52.48
N PRO H 12 0.36 -14.38 -52.21
CA PRO H 12 0.11 -14.81 -50.82
C PRO H 12 1.18 -14.45 -49.80
N ILE H 13 2.43 -14.82 -50.03
CA ILE H 13 3.47 -14.59 -49.02
C ILE H 13 3.70 -13.10 -48.71
N ALA H 14 3.54 -12.23 -49.72
CA ALA H 14 3.76 -10.79 -49.47
C ALA H 14 2.69 -10.33 -48.55
N ARG H 15 1.47 -10.75 -48.87
CA ARG H 15 0.27 -10.44 -48.09
C ARG H 15 0.49 -10.80 -46.61
N SER H 16 0.94 -12.03 -46.36
CA SER H 16 1.24 -12.53 -45.00
C SER H 16 2.37 -11.76 -44.30
N LEU H 17 3.45 -11.54 -45.02
CA LEU H 17 4.53 -10.78 -44.45
C LEU H 17 4.09 -9.33 -44.16
N GLU H 18 3.38 -8.71 -45.09
CA GLU H 18 2.73 -7.42 -44.82
C GLU H 18 1.81 -7.41 -43.57
N ARG H 19 0.92 -8.38 -43.46
CA ARG H 19 0.01 -8.44 -42.29
C ARG H 19 0.75 -8.45 -40.91
N VAL H 20 1.93 -9.07 -40.90
CA VAL H 20 2.77 -9.09 -39.72
C VAL H 20 3.82 -7.93 -39.72
N GLY H 21 3.77 -7.00 -40.68
CA GLY H 21 4.67 -5.82 -40.62
C GLY H 21 6.16 -6.09 -40.93
N GLU H 22 6.43 -7.08 -41.78
CA GLU H 22 7.79 -7.54 -41.94
C GLU H 22 8.28 -7.60 -43.37
N TRP H 23 7.34 -7.46 -44.30
CA TRP H 23 7.62 -7.65 -45.69
C TRP H 23 8.67 -6.72 -46.25
N TRP H 24 8.47 -5.41 -46.14
CA TRP H 24 9.46 -4.46 -46.66
C TRP H 24 10.80 -4.55 -45.91
N SER H 25 10.75 -4.78 -44.61
CA SER H 25 11.95 -4.88 -43.77
C SER H 25 12.82 -6.01 -44.25
N ILE H 26 12.18 -7.07 -44.70
CA ILE H 26 12.91 -8.25 -45.14
C ILE H 26 13.66 -7.87 -46.41
N LEU H 27 12.93 -7.26 -47.35
CA LEU H 27 13.45 -6.99 -48.67
C LEU H 27 14.55 -5.94 -48.57
N ILE H 28 14.31 -4.94 -47.73
CA ILE H 28 15.32 -3.96 -47.50
C ILE H 28 16.57 -4.59 -46.83
N MSE H 29 16.39 -5.38 -45.77
CA MSE H 29 17.54 -6.00 -45.09
C MSE H 29 18.31 -6.92 -46.04
O MSE H 29 19.55 -6.90 -46.11
CB MSE H 29 17.13 -6.75 -43.82
CG MSE H 29 16.80 -5.82 -42.70
SE MSE H 29 18.31 -4.66 -42.20
CE MSE H 29 19.65 -5.99 -41.72
N ARG H 30 17.58 -7.70 -46.81
CA ARG H 30 18.19 -8.53 -47.82
C ARG H 30 19.00 -7.68 -48.82
N ASP H 31 18.45 -6.55 -49.25
CA ASP H 31 19.24 -5.68 -50.14
C ASP H 31 20.49 -5.10 -49.53
N ALA H 32 20.40 -4.64 -48.28
CA ALA H 32 21.54 -4.05 -47.62
C ALA H 32 22.58 -5.13 -47.39
N LEU H 33 22.15 -6.31 -46.95
CA LEU H 33 23.12 -7.37 -46.70
C LEU H 33 23.90 -7.67 -47.97
N GLN H 34 23.29 -7.36 -49.11
CA GLN H 34 23.87 -7.63 -50.42
C GLN H 34 24.72 -6.53 -51.06
N GLY H 35 24.81 -5.35 -50.47
CA GLY H 35 25.62 -4.27 -51.07
C GLY H 35 24.95 -2.90 -51.20
N LEU H 36 23.64 -2.90 -51.40
CA LEU H 36 22.82 -1.69 -51.54
C LEU H 36 22.95 -0.75 -50.33
N ARG H 37 23.12 0.53 -50.61
CA ARG H 37 23.53 1.45 -49.56
C ARG H 37 22.72 2.72 -49.59
N ARG H 38 22.34 3.15 -50.78
CA ARG H 38 21.83 4.47 -51.01
C ARG H 38 20.32 4.43 -51.23
N PHE H 39 19.65 5.51 -50.84
CA PHE H 39 18.20 5.59 -50.90
C PHE H 39 17.65 5.25 -52.28
N ASP H 40 18.19 5.87 -53.33
CA ASP H 40 17.72 5.58 -54.67
C ASP H 40 18.01 4.13 -55.15
N GLU H 41 19.00 3.47 -54.59
CA GLU H 41 19.25 2.07 -54.97
C GLU H 41 18.12 1.21 -54.44
N PHE H 42 17.78 1.37 -53.17
CA PHE H 42 16.71 0.58 -52.58
C PHE H 42 15.45 0.87 -53.35
N SER H 43 15.24 2.14 -53.63
CA SER H 43 14.02 2.58 -54.27
C SER H 43 13.83 1.89 -55.61
N ARG H 44 14.83 1.98 -56.47
CA ARG H 44 14.72 1.38 -57.79
C ARG H 44 14.76 -0.17 -57.74
N SER H 45 15.57 -0.75 -56.85
CA SER H 45 15.65 -2.23 -56.76
C SER H 45 14.34 -2.84 -56.30
N LEU H 46 13.75 -2.26 -55.27
CA LEU H 46 12.61 -2.84 -54.61
C LEU H 46 11.27 -2.33 -55.13
N ASP H 47 11.32 -1.26 -55.93
CA ASP H 47 10.10 -0.62 -56.39
C ASP H 47 9.18 -0.21 -55.27
N ILE H 48 9.71 0.57 -54.33
CA ILE H 48 8.95 1.03 -53.19
C ILE H 48 8.83 2.55 -53.21
N ALA H 49 7.66 3.05 -52.81
CA ALA H 49 7.41 4.47 -52.80
C ALA H 49 8.27 5.06 -51.71
N PRO H 50 8.69 6.31 -51.88
CA PRO H 50 9.67 6.93 -50.97
C PRO H 50 9.25 7.11 -49.50
N ASN H 51 8.02 7.57 -49.23
CA ASN H 51 7.55 7.69 -47.83
C ASN H 51 7.63 6.34 -47.11
N MSE H 52 7.24 5.26 -47.78
CA MSE H 52 7.30 3.94 -47.20
C MSE H 52 8.76 3.57 -47.01
O MSE H 52 9.14 3.09 -45.94
CB MSE H 52 6.61 2.88 -48.06
CG MSE H 52 6.73 1.43 -47.53
SE MSE H 52 5.88 1.09 -45.71
CE MSE H 52 3.98 1.09 -46.26
N LEU H 53 9.58 3.82 -48.01
CA LEU H 53 11.00 3.48 -47.87
C LEU H 53 11.66 4.25 -46.73
N THR H 54 11.29 5.52 -46.55
CA THR H 54 11.86 6.36 -45.49
C THR H 54 11.52 5.84 -44.09
N ARG H 55 10.26 5.45 -43.91
CA ARG H 55 9.76 4.97 -42.64
C ARG H 55 10.44 3.63 -42.25
N ARG H 56 10.62 2.74 -43.23
CA ARG H 56 11.24 1.43 -42.99
C ARG H 56 12.75 1.51 -42.79
N LEU H 57 13.42 2.36 -43.56
CA LEU H 57 14.83 2.60 -43.34
C LEU H 57 15.07 3.21 -41.98
N ASN H 58 14.20 4.13 -41.56
CA ASN H 58 14.36 4.74 -40.23
C ASN H 58 14.16 3.74 -39.10
N ALA H 59 13.17 2.86 -39.28
CA ALA H 59 12.80 1.93 -38.23
C ALA H 59 13.89 0.88 -38.10
N LEU H 60 14.47 0.46 -39.22
CA LEU H 60 15.64 -0.43 -39.20
C LEU H 60 16.88 0.17 -38.51
N VAL H 61 17.12 1.46 -38.67
CA VAL H 61 18.24 2.09 -37.99
C VAL H 61 17.87 2.19 -36.51
N GLU H 62 16.64 2.59 -36.21
CA GLU H 62 16.22 2.68 -34.82
C GLU H 62 16.35 1.36 -34.09
N ALA H 63 16.03 0.28 -34.78
CA ALA H 63 16.18 -1.06 -34.27
C ALA H 63 17.63 -1.55 -34.17
N GLY H 64 18.60 -0.78 -34.67
CA GLY H 64 20.01 -1.22 -34.66
C GLY H 64 20.44 -2.19 -35.75
N LEU H 65 19.59 -2.43 -36.75
CA LEU H 65 19.87 -3.37 -37.82
C LEU H 65 20.67 -2.76 -38.98
N LEU H 66 20.46 -1.47 -39.21
CA LEU H 66 21.25 -0.66 -40.15
C LEU H 66 21.93 0.53 -39.45
N GLU H 67 23.10 0.93 -39.92
CA GLU H 67 23.72 2.20 -39.50
C GLU H 67 23.54 3.31 -40.55
N ARG H 68 23.13 4.50 -40.11
CA ARG H 68 23.01 5.62 -41.04
C ARG H 68 24.31 6.36 -41.07
N GLN H 69 24.93 6.44 -42.24
CA GLN H 69 26.15 7.22 -42.34
C GLN H 69 26.14 8.22 -43.51
N PRO H 70 26.63 9.45 -43.25
CA PRO H 70 26.82 10.46 -44.28
C PRO H 70 27.47 9.94 -45.56
N TYR H 71 26.93 10.38 -46.69
CA TYR H 71 27.46 10.03 -48.00
C TYR H 71 28.01 11.31 -48.65
N SER H 72 27.17 12.35 -48.68
CA SER H 72 27.53 13.63 -49.28
C SER H 72 26.69 14.75 -48.66
N GLN H 73 27.25 15.97 -48.68
CA GLN H 73 26.55 17.19 -48.23
C GLN H 73 25.91 17.98 -49.41
N ARG H 74 26.23 17.59 -50.64
CA ARG H 74 25.85 18.33 -51.87
C ARG H 74 25.03 17.53 -52.92
N PRO H 75 23.74 17.20 -52.63
CA PRO H 75 22.89 17.57 -51.50
C PRO H 75 23.01 16.58 -50.33
N LEU H 76 22.18 16.78 -49.32
CA LEU H 76 22.17 15.94 -48.14
C LEU H 76 21.83 14.49 -48.53
N ARG H 77 22.78 13.57 -48.34
CA ARG H 77 22.57 12.16 -48.70
C ARG H 77 23.14 11.23 -47.63
N TYR H 78 22.47 10.11 -47.38
CA TYR H 78 22.96 9.10 -46.43
C TYR H 78 23.12 7.71 -47.10
N GLN H 79 23.94 6.88 -46.49
CA GLN H 79 24.01 5.48 -46.87
C GLN H 79 23.73 4.61 -45.66
N TYR H 80 23.18 3.42 -45.92
CA TYR H 80 22.79 2.49 -44.87
C TYR H 80 23.60 1.21 -44.99
N VAL H 81 24.47 0.99 -44.00
CA VAL H 81 25.20 -0.28 -43.86
C VAL H 81 24.62 -1.12 -42.73
N PRO H 82 24.61 -2.47 -42.91
CA PRO H 82 24.11 -3.34 -41.83
C PRO H 82 25.00 -3.26 -40.62
N THR H 83 24.44 -3.39 -39.44
CA THR H 83 25.30 -3.43 -38.27
C THR H 83 25.71 -4.88 -38.00
N ALA H 84 26.53 -5.11 -36.98
CA ALA H 84 26.76 -6.47 -36.49
C ALA H 84 25.43 -7.21 -36.26
N LYS H 85 24.53 -6.61 -35.49
CA LYS H 85 23.21 -7.24 -35.26
C LYS H 85 22.41 -7.45 -36.55
N GLY H 86 22.54 -6.49 -37.47
CA GLY H 86 21.88 -6.61 -38.78
C GLY H 86 22.44 -7.80 -39.51
N GLU H 87 23.76 -7.91 -39.53
CA GLU H 87 24.40 -9.11 -40.06
C GLU H 87 23.81 -10.40 -39.46
N ASP H 88 23.69 -10.45 -38.13
CA ASP H 88 23.18 -11.64 -37.45
C ASP H 88 21.72 -11.91 -37.75
N PHE H 89 20.99 -10.92 -38.31
CA PHE H 89 19.53 -10.98 -38.43
C PHE H 89 19.03 -11.94 -39.49
N ARG H 90 19.95 -12.47 -40.29
CA ARG H 90 19.64 -13.42 -41.34
C ARG H 90 18.75 -14.62 -40.97
N VAL H 91 18.98 -15.21 -39.79
CA VAL H 91 18.11 -16.28 -39.28
C VAL H 91 16.66 -15.84 -39.22
N VAL H 92 16.45 -14.64 -38.68
CA VAL H 92 15.09 -14.13 -38.52
C VAL H 92 14.39 -13.97 -39.86
N LEU H 93 15.02 -13.29 -40.82
CA LEU H 93 14.45 -13.15 -42.16
C LEU H 93 14.17 -14.53 -42.76
N MSE H 94 15.09 -15.47 -42.60
CA MSE H 94 14.87 -16.81 -43.11
C MSE H 94 13.70 -17.50 -42.42
O MSE H 94 12.86 -18.15 -43.07
CB MSE H 94 16.15 -17.61 -42.99
CG MSE H 94 17.13 -17.19 -44.02
SE MSE H 94 18.79 -18.18 -43.85
CE MSE H 94 19.65 -17.54 -45.50
N ALA H 95 13.62 -17.31 -41.11
CA ALA H 95 12.49 -17.83 -40.35
C ALA H 95 11.16 -17.24 -40.82
N PHE H 96 11.10 -15.93 -41.09
CA PHE H 96 9.82 -15.31 -41.48
C PHE H 96 9.31 -15.88 -42.80
N VAL H 97 10.25 -16.01 -43.75
CA VAL H 97 9.99 -16.63 -45.02
C VAL H 97 9.53 -18.10 -44.84
N ALA H 98 10.27 -18.94 -44.12
CA ALA H 98 9.77 -20.32 -43.87
C ALA H 98 8.32 -20.29 -43.39
N TRP H 99 8.03 -19.41 -42.42
CA TRP H 99 6.71 -19.33 -41.83
C TRP H 99 5.69 -18.93 -42.88
N GLY H 100 6.06 -17.98 -43.71
CA GLY H 100 5.10 -17.48 -44.69
C GLY H 100 4.76 -18.52 -45.76
N ASN H 101 5.73 -19.37 -46.09
CA ASN H 101 5.51 -20.41 -47.05
C ASN H 101 4.90 -21.68 -46.47
N ARG H 102 4.65 -21.73 -45.17
CA ARG H 102 4.11 -22.97 -44.61
C ARG H 102 2.68 -23.19 -45.19
N HIS H 103 2.33 -24.43 -45.50
CA HIS H 103 1.03 -24.78 -46.19
C HIS H 103 0.89 -24.43 -47.69
N TYR H 104 1.92 -23.85 -48.30
CA TYR H 104 1.90 -23.66 -49.76
C TYR H 104 2.86 -24.62 -50.45
N ALA H 105 2.38 -25.24 -51.50
CA ALA H 105 3.22 -26.15 -52.27
C ALA H 105 4.43 -25.41 -52.82
N GLN H 106 5.57 -26.10 -52.86
CA GLN H 106 6.81 -25.58 -53.44
C GLN H 106 6.65 -25.05 -54.88
N GLN H 107 5.90 -25.77 -55.72
CA GLN H 107 5.31 -25.16 -56.91
C GLN H 107 4.33 -24.11 -56.43
N GLY H 108 4.21 -23.01 -57.14
CA GLY H 108 3.28 -22.04 -56.63
C GLY H 108 3.91 -20.96 -55.77
N GLN H 109 4.97 -21.27 -55.04
CA GLN H 109 5.61 -20.25 -54.18
C GLN H 109 6.29 -19.23 -55.03
N SER H 110 6.29 -17.99 -54.57
CA SER H 110 6.96 -16.93 -55.28
C SER H 110 8.27 -16.55 -54.62
N VAL H 111 8.41 -16.91 -53.35
CA VAL H 111 9.62 -16.71 -52.61
C VAL H 111 9.94 -18.04 -51.91
N GLN H 112 11.19 -18.51 -52.00
CA GLN H 112 11.57 -19.75 -51.32
C GLN H 112 12.84 -19.54 -50.53
N LEU H 113 12.99 -20.33 -49.46
CA LEU H 113 14.25 -20.47 -48.74
C LEU H 113 14.91 -21.74 -49.21
N VAL H 114 16.08 -21.64 -49.83
CA VAL H 114 16.69 -22.84 -50.42
C VAL H 114 18.16 -23.02 -50.05
N GLU H 115 18.70 -24.18 -50.39
CA GLU H 115 20.13 -24.43 -50.32
C GLU H 115 20.75 -23.71 -51.51
N ARG H 116 21.66 -22.78 -51.23
CA ARG H 116 22.14 -21.89 -52.27
C ARG H 116 22.76 -22.61 -53.48
N THR H 117 23.58 -23.62 -53.26
CA THR H 117 24.24 -24.30 -54.38
C THR H 117 23.29 -25.13 -55.21
N SER H 118 22.49 -25.98 -54.57
CA SER H 118 21.54 -26.81 -55.32
C SER H 118 20.34 -25.91 -55.46
N GLY H 119 19.28 -26.35 -56.11
CA GLY H 119 18.05 -25.51 -56.03
C GLY H 119 17.07 -25.87 -54.92
N ARG H 120 17.51 -26.71 -53.97
CA ARG H 120 16.60 -27.50 -53.12
C ARG H 120 16.02 -26.72 -51.94
N PRO H 121 14.67 -26.65 -51.85
CA PRO H 121 14.02 -25.88 -50.81
C PRO H 121 14.21 -26.44 -49.41
N VAL H 122 14.22 -25.57 -48.43
CA VAL H 122 14.28 -25.95 -47.03
C VAL H 122 12.88 -26.40 -46.58
N ARG H 123 12.77 -27.64 -46.10
CA ARG H 123 11.51 -28.18 -45.54
C ARG H 123 11.17 -27.62 -44.19
N SER H 124 12.17 -27.49 -43.32
CA SER H 124 11.93 -27.02 -41.94
C SER H 124 13.26 -26.71 -41.24
N PHE H 125 13.18 -26.11 -40.06
CA PHE H 125 14.37 -25.90 -39.24
C PHE H 125 14.58 -27.01 -38.25
N MSE H 126 15.84 -27.21 -37.91
CA MSE H 126 16.30 -28.21 -36.98
C MSE H 126 17.12 -27.47 -35.97
O MSE H 126 17.55 -26.35 -36.24
CB MSE H 126 17.19 -29.16 -37.72
CG MSE H 126 16.50 -29.83 -38.89
SE MSE H 126 15.30 -31.21 -38.22
CE MSE H 126 13.52 -30.44 -38.47
N ALA H 127 17.34 -28.09 -34.82
CA ALA H 127 18.09 -27.47 -33.75
C ALA H 127 19.25 -28.38 -33.41
N ALA H 128 20.47 -27.87 -33.60
CA ALA H 128 21.67 -28.62 -33.29
C ALA H 128 21.95 -28.24 -31.87
N LEU H 129 22.16 -29.23 -31.02
CA LEU H 129 22.33 -28.98 -29.60
C LEU H 129 23.77 -28.91 -29.12
N ALA H 130 23.88 -28.60 -27.83
CA ALA H 130 25.15 -28.55 -27.12
C ALA H 130 25.79 -29.90 -27.10
N ASP H 131 24.96 -30.94 -26.94
CA ASP H 131 25.44 -32.34 -26.85
C ASP H 131 25.66 -33.11 -28.17
N GLY H 132 25.66 -32.42 -29.31
CA GLY H 132 25.95 -33.10 -30.59
C GLY H 132 24.74 -33.43 -31.46
N ARG H 133 23.64 -33.81 -30.82
CA ARG H 133 22.40 -34.21 -31.47
C ARG H 133 21.71 -33.06 -32.24
N THR H 134 20.77 -33.42 -33.10
CA THR H 134 19.95 -32.43 -33.84
C THR H 134 18.51 -32.92 -33.73
N VAL H 135 17.62 -32.05 -33.27
CA VAL H 135 16.24 -32.40 -33.05
C VAL H 135 15.35 -31.39 -33.78
N PRO H 136 14.11 -31.79 -34.12
CA PRO H 136 13.26 -30.82 -34.83
C PRO H 136 13.13 -29.55 -33.98
N LEU H 137 13.25 -28.38 -34.61
CA LEU H 137 13.09 -27.09 -33.91
C LEU H 137 11.76 -27.06 -33.19
N GLU H 138 10.78 -27.72 -33.78
CA GLU H 138 9.47 -27.91 -33.18
C GLU H 138 9.46 -28.55 -31.77
N GLN H 139 10.62 -29.03 -31.28
CA GLN H 139 10.69 -29.81 -30.01
C GLN H 139 11.58 -29.10 -28.99
N CYS H 140 11.87 -27.85 -29.33
CA CYS H 140 12.64 -26.96 -28.52
C CYS H 140 11.68 -25.92 -27.98
N THR H 141 12.22 -25.03 -27.14
CA THR H 141 11.43 -24.08 -26.40
C THR H 141 12.29 -22.98 -25.78
N VAL H 142 11.68 -21.80 -25.66
CA VAL H 142 12.26 -20.68 -24.89
C VAL H 142 11.96 -20.88 -23.42
N GLN H 143 13.01 -20.97 -22.61
CA GLN H 143 12.88 -21.03 -21.16
C GLN H 143 13.86 -20.00 -20.61
N ALA H 144 13.82 -19.80 -19.28
CA ALA H 144 14.77 -18.96 -18.53
C ALA H 144 16.20 -19.46 -18.60
N GLY H 145 17.13 -18.53 -18.75
CA GLY H 145 18.53 -18.88 -18.75
C GLY H 145 19.09 -18.95 -17.37
N PRO H 146 20.36 -19.38 -17.23
CA PRO H 146 20.89 -19.48 -15.87
C PRO H 146 21.07 -18.11 -15.23
N ALA H 147 21.13 -17.04 -16.01
CA ALA H 147 21.29 -15.68 -15.44
C ALA H 147 19.99 -14.92 -15.16
N ALA H 148 18.84 -15.56 -15.36
CA ALA H 148 17.59 -14.83 -15.19
C ALA H 148 17.35 -14.32 -13.78
N SER H 149 16.78 -13.12 -13.69
CA SER H 149 16.24 -12.57 -12.43
C SER H 149 14.97 -13.31 -11.97
N GLU H 150 14.44 -12.92 -10.83
CA GLU H 150 13.20 -13.50 -10.32
C GLU H 150 12.05 -13.12 -11.26
N GLU H 151 12.10 -11.89 -11.75
CA GLU H 151 11.08 -11.32 -12.61
C GLU H 151 11.11 -12.02 -13.97
N MSE H 152 12.31 -12.28 -14.47
CA MSE H 152 12.47 -12.95 -15.76
C MSE H 152 11.92 -14.37 -15.67
O MSE H 152 11.11 -14.76 -16.51
CB MSE H 152 13.95 -12.93 -16.22
CG MSE H 152 14.22 -13.51 -17.61
SE MSE H 152 13.25 -12.57 -19.03
CE MSE H 152 14.61 -11.19 -19.43
N ARG H 153 12.34 -15.09 -14.61
CA ARG H 153 11.83 -16.44 -14.32
C ARG H 153 10.30 -16.48 -14.27
N GLN H 154 9.67 -15.51 -13.60
CA GLN H 154 8.21 -15.44 -13.57
C GLN H 154 7.68 -15.29 -14.97
N ARG H 155 8.28 -14.39 -15.73
CA ARG H 155 7.86 -14.13 -17.10
C ARG H 155 7.91 -15.34 -18.03
N LEU H 156 8.90 -16.22 -17.82
CA LEU H 156 9.15 -17.36 -18.70
C LEU H 156 8.71 -18.71 -18.11
N CYS I 11 -57.72 119.80 46.09
CA CYS I 11 -57.19 118.65 45.31
C CYS I 11 -58.23 118.17 44.31
N PRO I 12 -57.78 117.54 43.21
CA PRO I 12 -58.73 117.17 42.13
C PRO I 12 -59.90 116.32 42.56
N ILE I 13 -59.69 115.31 43.38
CA ILE I 13 -60.79 114.41 43.74
C ILE I 13 -61.85 115.12 44.60
N ALA I 14 -61.46 116.10 45.41
CA ALA I 14 -62.42 116.85 46.23
C ALA I 14 -63.29 117.62 45.32
N ARG I 15 -62.63 118.24 44.35
CA ARG I 15 -63.23 119.12 43.38
C ARG I 15 -64.26 118.37 42.57
N SER I 16 -63.89 117.21 42.05
CA SER I 16 -64.85 116.39 41.30
C SER I 16 -66.02 115.89 42.14
N LEU I 17 -65.73 115.44 43.37
CA LEU I 17 -66.82 115.01 44.25
C LEU I 17 -67.72 116.18 44.66
N GLU I 18 -67.10 117.31 44.96
CA GLU I 18 -67.88 118.52 45.12
C GLU I 18 -68.76 118.83 43.88
N ARG I 19 -68.22 118.75 42.66
CA ARG I 19 -69.05 119.10 41.49
C ARG I 19 -70.35 118.23 41.34
N VAL I 20 -70.27 116.97 41.79
CA VAL I 20 -71.41 116.05 41.80
C VAL I 20 -72.18 116.06 43.19
N GLY I 21 -71.84 116.98 44.09
CA GLY I 21 -72.58 117.14 45.36
C GLY I 21 -72.38 116.05 46.43
N GLU I 22 -71.21 115.38 46.41
CA GLU I 22 -71.06 114.16 47.17
C GLU I 22 -69.90 114.14 48.10
N TRP I 23 -69.01 115.10 47.97
CA TRP I 23 -67.82 115.12 48.76
C TRP I 23 -68.09 115.12 50.28
N TRP I 24 -68.76 116.14 50.80
CA TRP I 24 -69.04 116.19 52.24
C TRP I 24 -69.84 114.98 52.72
N SER I 25 -70.84 114.55 51.93
CA SER I 25 -71.63 113.37 52.30
C SER I 25 -70.76 112.13 52.47
N ILE I 26 -69.78 111.97 51.62
CA ILE I 26 -68.94 110.80 51.69
C ILE I 26 -68.16 110.88 53.03
N LEU I 27 -67.58 112.05 53.32
CA LEU I 27 -66.69 112.22 54.45
C LEU I 27 -67.50 112.05 55.73
N ILE I 28 -68.72 112.59 55.74
CA ILE I 28 -69.58 112.48 56.88
C ILE I 28 -70.00 111.03 57.11
N MSE I 29 -70.46 110.36 56.07
CA MSE I 29 -70.89 108.95 56.18
C MSE I 29 -69.77 108.02 56.61
O MSE I 29 -69.95 107.12 57.45
CB MSE I 29 -71.52 108.46 54.87
CG MSE I 29 -72.86 109.08 54.58
SE MSE I 29 -74.05 108.46 56.01
CE MSE I 29 -75.48 109.70 55.92
N ARG I 30 -68.60 108.26 56.07
CA ARG I 30 -67.42 107.51 56.45
C ARG I 30 -67.13 107.69 57.94
N ASP I 31 -67.20 108.93 58.41
CA ASP I 31 -67.04 109.18 59.87
C ASP I 31 -68.09 108.52 60.74
N ALA I 32 -69.35 108.56 60.31
CA ALA I 32 -70.44 107.96 61.10
C ALA I 32 -70.25 106.45 61.14
N LEU I 33 -69.85 105.85 60.03
CA LEU I 33 -69.71 104.40 59.99
C LEU I 33 -68.65 104.00 60.97
N GLN I 34 -67.73 104.93 61.25
CA GLN I 34 -66.58 104.66 62.12
C GLN I 34 -66.83 104.95 63.58
N GLY I 35 -68.01 105.46 63.93
CA GLY I 35 -68.37 105.68 65.33
C GLY I 35 -68.66 107.13 65.73
N LEU I 36 -68.37 108.08 64.84
CA LEU I 36 -68.66 109.49 65.06
C LEU I 36 -70.17 109.76 65.15
N ARG I 37 -70.58 110.59 66.10
CA ARG I 37 -71.98 110.63 66.46
C ARG I 37 -72.51 112.03 66.59
N ARG I 38 -71.70 112.92 67.14
CA ARG I 38 -72.20 114.21 67.56
C ARG I 38 -71.68 115.33 66.67
N PHE I 39 -72.44 116.43 66.62
CA PHE I 39 -72.13 117.55 65.74
C PHE I 39 -70.70 118.10 65.86
N ASP I 40 -70.20 118.28 67.09
CA ASP I 40 -68.85 118.78 67.27
C ASP I 40 -67.75 117.76 66.90
N GLU I 41 -68.08 116.48 66.88
CA GLU I 41 -67.10 115.49 66.41
C GLU I 41 -66.84 115.64 64.92
N PHE I 42 -67.92 115.60 64.15
CA PHE I 42 -67.87 115.73 62.70
C PHE I 42 -67.18 117.04 62.37
N SER I 43 -67.58 118.08 63.10
CA SER I 43 -67.04 119.42 62.92
C SER I 43 -65.54 119.42 63.09
N ARG I 44 -65.07 118.98 64.26
CA ARG I 44 -63.64 118.97 64.56
C ARG I 44 -62.88 118.02 63.62
N SER I 45 -63.34 116.78 63.51
CA SER I 45 -62.63 115.84 62.66
C SER I 45 -62.60 116.21 61.17
N LEU I 46 -63.69 116.75 60.63
CA LEU I 46 -63.75 116.98 59.18
C LEU I 46 -63.30 118.38 58.74
N ASP I 47 -63.14 119.28 59.72
CA ASP I 47 -62.86 120.70 59.45
C ASP I 47 -63.88 121.35 58.53
N ILE I 48 -65.14 121.28 58.94
CA ILE I 48 -66.25 121.77 58.12
C ILE I 48 -67.01 122.85 58.89
N ALA I 49 -67.47 123.90 58.19
CA ALA I 49 -68.14 125.00 58.83
C ALA I 49 -69.53 124.53 59.21
N PRO I 50 -70.05 125.07 60.30
CA PRO I 50 -71.32 124.58 60.84
C PRO I 50 -72.56 124.63 59.91
N ASN I 51 -72.77 125.68 59.13
CA ASN I 51 -73.95 125.67 58.25
C ASN I 51 -73.90 124.56 57.22
N MSE I 52 -72.73 124.36 56.61
CA MSE I 52 -72.53 123.27 55.67
C MSE I 52 -72.78 121.96 56.39
O MSE I 52 -73.49 121.12 55.88
CB MSE I 52 -71.12 123.25 55.07
CG MSE I 52 -70.83 122.07 54.09
SE MSE I 52 -72.09 121.99 52.49
CE MSE I 52 -71.29 123.49 51.47
N LEU I 53 -72.26 121.81 57.60
CA LEU I 53 -72.38 120.52 58.28
C LEU I 53 -73.85 120.25 58.63
N THR I 54 -74.56 121.30 59.02
CA THR I 54 -75.98 121.15 59.32
C THR I 54 -76.79 120.73 58.10
N ARG I 55 -76.46 121.24 56.91
CA ARG I 55 -77.25 120.95 55.72
C ARG I 55 -77.07 119.50 55.29
N ARG I 56 -75.83 119.02 55.32
CA ARG I 56 -75.49 117.67 54.90
C ARG I 56 -76.00 116.62 55.87
N LEU I 57 -75.96 116.92 57.16
CA LEU I 57 -76.51 116.02 58.16
C LEU I 57 -78.00 115.91 57.99
N ASN I 58 -78.67 117.06 57.85
CA ASN I 58 -80.11 117.01 57.65
C ASN I 58 -80.46 116.23 56.39
N ALA I 59 -79.69 116.43 55.33
CA ALA I 59 -79.98 115.76 54.08
C ALA I 59 -79.75 114.26 54.25
N LEU I 60 -78.68 113.86 54.94
CA LEU I 60 -78.45 112.45 55.21
C LEU I 60 -79.58 111.74 55.99
N VAL I 61 -80.19 112.42 56.95
CA VAL I 61 -81.30 111.90 57.69
C VAL I 61 -82.53 111.82 56.77
N GLU I 62 -82.80 112.89 56.04
CA GLU I 62 -83.93 112.88 55.13
C GLU I 62 -83.82 111.72 54.16
N ALA I 63 -82.60 111.42 53.73
CA ALA I 63 -82.34 110.34 52.83
C ALA I 63 -82.39 108.93 53.43
N GLY I 64 -82.51 108.80 54.75
CA GLY I 64 -82.57 107.48 55.39
C GLY I 64 -81.22 106.85 55.71
N LEU I 65 -80.15 107.58 55.42
CA LEU I 65 -78.79 107.09 55.60
C LEU I 65 -78.30 107.21 57.03
N LEU I 66 -78.78 108.26 57.69
CA LEU I 66 -78.50 108.54 59.09
C LEU I 66 -79.78 108.67 59.88
N GLU I 67 -79.74 108.27 61.15
CA GLU I 67 -80.85 108.48 62.09
C GLU I 67 -80.52 109.54 63.17
N ARG I 68 -81.38 110.54 63.31
CA ARG I 68 -81.17 111.59 64.31
C ARG I 68 -81.88 111.20 65.61
N GLN I 69 -81.12 111.11 66.69
CA GLN I 69 -81.72 110.76 67.97
C GLN I 69 -81.22 111.63 69.12
N PRO I 70 -82.12 111.95 70.08
CA PRO I 70 -81.83 112.91 71.14
C PRO I 70 -80.58 112.54 71.91
N TYR I 71 -79.89 113.56 72.41
CA TYR I 71 -78.70 113.38 73.22
C TYR I 71 -78.86 114.10 74.56
N SER I 72 -79.48 115.27 74.54
CA SER I 72 -79.60 116.13 75.72
C SER I 72 -81.04 116.23 76.24
N TYR I 78 -78.52 116.26 69.98
CA TYR I 78 -78.69 115.16 69.00
C TYR I 78 -77.39 114.41 68.64
N GLN I 79 -77.53 113.10 68.40
CA GLN I 79 -76.46 112.30 67.83
C GLN I 79 -76.96 111.63 66.56
N TYR I 80 -76.02 111.28 65.69
CA TYR I 80 -76.30 110.75 64.33
C TYR I 80 -75.69 109.40 64.13
N VAL I 81 -76.57 108.43 63.94
CA VAL I 81 -76.23 107.02 63.88
C VAL I 81 -76.61 106.45 62.50
N PRO I 82 -75.73 105.63 61.89
CA PRO I 82 -76.04 105.07 60.60
C PRO I 82 -77.24 104.21 60.69
N THR I 83 -77.99 104.22 59.61
CA THR I 83 -79.14 103.39 59.46
C THR I 83 -78.68 102.05 58.83
N ALA I 84 -79.50 101.00 58.91
CA ALA I 84 -79.21 99.81 58.11
C ALA I 84 -78.87 100.22 56.65
N LYS I 85 -79.76 101.00 56.02
CA LYS I 85 -79.48 101.54 54.65
C LYS I 85 -78.16 102.31 54.56
N GLY I 86 -77.85 103.07 55.61
CA GLY I 86 -76.58 103.82 55.70
C GLY I 86 -75.40 102.88 55.75
N GLU I 87 -75.53 101.81 56.55
CA GLU I 87 -74.52 100.75 56.59
C GLU I 87 -74.35 100.19 55.19
N ASP I 88 -75.45 99.87 54.52
CA ASP I 88 -75.41 99.32 53.15
C ASP I 88 -74.74 100.25 52.14
N PHE I 89 -74.61 101.53 52.50
CA PHE I 89 -74.20 102.57 51.55
C PHE I 89 -72.73 102.53 51.18
N ARG I 90 -71.96 101.69 51.87
CA ARG I 90 -70.53 101.57 51.61
C ARG I 90 -70.10 101.43 50.17
N VAL I 91 -70.81 100.59 49.40
CA VAL I 91 -70.55 100.37 47.95
C VAL I 91 -70.64 101.66 47.17
N VAL I 92 -71.63 102.49 47.53
CA VAL I 92 -71.85 103.71 46.80
C VAL I 92 -70.68 104.66 47.06
N LEU I 93 -70.35 104.84 48.33
CA LEU I 93 -69.24 105.67 48.71
C LEU I 93 -67.94 105.21 48.01
N MSE I 94 -67.67 103.91 48.02
CA MSE I 94 -66.49 103.38 47.34
C MSE I 94 -66.52 103.55 45.82
O MSE I 94 -65.51 103.84 45.21
CB MSE I 94 -66.31 101.92 47.70
CG MSE I 94 -66.24 101.72 49.19
SE MSE I 94 -65.82 99.88 49.64
CE MSE I 94 -65.13 100.16 51.47
N ALA I 95 -67.70 103.41 45.22
CA ALA I 95 -67.85 103.66 43.82
C ALA I 95 -67.55 105.12 43.45
N PHE I 96 -67.95 106.05 44.31
CA PHE I 96 -67.71 107.47 44.00
C PHE I 96 -66.22 107.80 43.98
N VAL I 97 -65.49 107.31 44.98
CA VAL I 97 -64.07 107.54 44.93
C VAL I 97 -63.35 106.82 43.79
N ALA I 98 -63.69 105.55 43.48
CA ALA I 98 -63.16 104.91 42.28
C ALA I 98 -63.36 105.83 41.06
N TRP I 99 -64.57 106.38 40.92
CA TRP I 99 -64.92 107.27 39.80
C TRP I 99 -64.07 108.53 39.81
N GLY I 100 -63.95 109.15 40.97
CA GLY I 100 -63.16 110.36 41.07
C GLY I 100 -61.67 110.16 40.85
N ASN I 101 -61.17 108.96 41.14
CA ASN I 101 -59.77 108.65 40.93
C ASN I 101 -59.48 108.12 39.52
N ARG I 102 -60.53 107.87 38.73
CA ARG I 102 -60.35 107.36 37.40
C ARG I 102 -59.48 108.37 36.63
N HIS I 103 -58.51 107.89 35.85
CA HIS I 103 -57.54 108.72 35.07
C HIS I 103 -56.44 109.46 35.87
N TYR I 104 -56.27 109.12 37.14
CA TYR I 104 -55.26 109.86 37.88
C TYR I 104 -53.90 109.22 38.16
N ALA I 105 -53.80 108.34 39.14
CA ALA I 105 -52.47 108.15 39.74
C ALA I 105 -51.91 106.73 39.64
N GLN I 106 -51.58 105.99 40.71
CA GLN I 106 -51.87 106.18 42.12
C GLN I 106 -50.92 107.10 42.92
N GLN I 107 -49.70 107.37 42.40
CA GLN I 107 -48.90 108.46 42.98
C GLN I 107 -49.65 109.73 42.66
N GLY I 108 -49.74 110.63 43.60
CA GLY I 108 -50.48 111.82 43.26
C GLY I 108 -51.90 111.82 43.77
N GLN I 109 -52.50 110.65 43.95
CA GLN I 109 -53.88 110.58 44.50
C GLN I 109 -53.83 110.97 45.96
N SER I 110 -54.84 111.72 46.41
CA SER I 110 -54.94 112.09 47.82
C SER I 110 -55.86 111.17 48.57
N VAL I 111 -56.79 110.57 47.84
CA VAL I 111 -57.77 109.66 48.39
C VAL I 111 -57.68 108.38 47.57
N GLN I 112 -57.72 107.22 48.23
CA GLN I 112 -57.53 105.94 47.55
C GLN I 112 -58.43 104.88 48.11
N LEU I 113 -58.92 103.99 47.23
CA LEU I 113 -59.70 102.83 47.62
C LEU I 113 -58.76 101.66 47.55
N VAL I 114 -58.52 101.01 48.68
CA VAL I 114 -57.53 99.95 48.72
C VAL I 114 -58.02 98.73 49.49
N GLU I 115 -57.31 97.62 49.31
CA GLU I 115 -57.52 96.45 50.14
C GLU I 115 -56.99 96.82 51.53
N ARG I 116 -57.81 96.68 52.56
CA ARG I 116 -57.45 97.24 53.87
C ARG I 116 -56.19 96.59 54.41
N THR I 117 -56.12 95.29 54.21
CA THR I 117 -55.04 94.48 54.76
C THR I 117 -53.68 94.88 54.21
N SER I 118 -53.52 94.78 52.90
CA SER I 118 -52.29 95.18 52.22
C SER I 118 -52.43 96.65 51.92
N GLY I 119 -51.43 97.26 51.32
CA GLY I 119 -51.68 98.66 50.87
C GLY I 119 -52.43 98.82 49.55
N ARG I 120 -52.83 97.70 48.93
CA ARG I 120 -53.03 97.66 47.47
C ARG I 120 -54.31 98.32 46.96
N PRO I 121 -54.16 99.29 46.04
CA PRO I 121 -55.30 100.00 45.47
C PRO I 121 -56.17 99.12 44.61
N VAL I 122 -57.45 99.47 44.56
CA VAL I 122 -58.41 98.78 43.74
C VAL I 122 -58.32 99.37 42.34
N ARG I 123 -58.04 98.54 41.33
CA ARG I 123 -58.01 98.99 39.93
C ARG I 123 -59.38 99.26 39.35
N SER I 124 -60.35 98.39 39.67
CA SER I 124 -61.73 98.50 39.13
C SER I 124 -62.65 97.58 39.88
N PHE I 125 -63.93 97.64 39.54
CA PHE I 125 -64.90 96.77 40.12
C PHE I 125 -65.22 95.64 39.15
N MSE I 126 -65.64 94.52 39.74
CA MSE I 126 -66.00 93.30 39.04
C MSE I 126 -67.37 92.93 39.52
O MSE I 126 -67.80 93.37 40.57
CB MSE I 126 -65.04 92.19 39.43
CG MSE I 126 -63.58 92.48 39.11
SE MSE I 126 -63.30 92.44 37.20
CE MSE I 126 -62.24 94.06 36.96
N ALA I 127 -68.07 92.13 38.76
CA ALA I 127 -69.40 91.72 39.12
C ALA I 127 -69.39 90.21 39.30
N ALA I 128 -69.73 89.78 40.50
CA ALA I 128 -69.80 88.36 40.82
C ALA I 128 -71.24 88.00 40.54
N LEU I 129 -71.42 87.00 39.70
CA LEU I 129 -72.73 86.64 39.20
C LEU I 129 -73.34 85.45 39.92
N ALA I 130 -74.55 85.11 39.50
CA ALA I 130 -75.36 84.08 40.15
C ALA I 130 -74.92 82.72 39.71
N ASP I 131 -74.34 82.61 38.53
CA ASP I 131 -73.82 81.33 38.04
C ASP I 131 -72.37 81.00 38.44
N GLY I 132 -71.77 81.76 39.36
CA GLY I 132 -70.37 81.46 39.77
C GLY I 132 -69.31 82.40 39.20
N ARG I 133 -69.47 82.77 37.92
CA ARG I 133 -68.58 83.68 37.20
C ARG I 133 -68.45 85.11 37.79
N THR I 134 -67.37 85.77 37.37
CA THR I 134 -67.10 87.16 37.72
C THR I 134 -66.68 87.83 36.43
N VAL I 135 -67.37 88.89 36.03
CA VAL I 135 -67.07 89.62 34.81
C VAL I 135 -66.79 91.06 35.14
N PRO I 136 -66.13 91.80 34.22
CA PRO I 136 -65.91 93.24 34.56
C PRO I 136 -67.24 93.95 34.68
N LEU I 137 -67.36 94.86 35.67
CA LEU I 137 -68.62 95.62 35.88
C LEU I 137 -69.00 96.40 34.64
N GLU I 138 -67.99 96.81 33.89
CA GLU I 138 -68.20 97.46 32.61
C GLU I 138 -69.10 96.65 31.65
N GLN I 139 -69.30 95.36 31.93
CA GLN I 139 -69.96 94.44 30.97
C GLN I 139 -71.37 94.08 31.47
N CYS I 140 -71.79 94.81 32.49
CA CYS I 140 -73.06 94.61 33.13
C CYS I 140 -73.96 95.80 32.84
N THR I 141 -75.24 95.67 33.19
CA THR I 141 -76.19 96.72 32.94
C THR I 141 -77.41 96.65 33.85
N VAL I 142 -78.01 97.82 34.10
CA VAL I 142 -79.31 97.94 34.76
C VAL I 142 -80.46 97.62 33.79
N GLN I 143 -81.33 96.68 34.15
CA GLN I 143 -82.45 96.27 33.29
C GLN I 143 -83.66 96.13 34.19
N ALA I 144 -84.83 96.01 33.56
CA ALA I 144 -86.07 95.65 34.25
C ALA I 144 -85.96 94.27 34.89
N GLY I 145 -86.25 94.22 36.19
CA GLY I 145 -86.29 92.99 36.92
C GLY I 145 -87.60 92.25 36.72
N PRO I 146 -87.70 91.01 37.28
CA PRO I 146 -88.86 90.23 36.94
C PRO I 146 -90.18 90.88 37.40
N ALA I 147 -90.15 91.73 38.41
CA ALA I 147 -91.38 92.34 38.97
C ALA I 147 -91.78 93.71 38.38
N ALA I 148 -91.09 94.16 37.33
CA ALA I 148 -91.36 95.50 36.79
C ALA I 148 -92.76 95.67 36.20
N SER I 149 -93.46 96.72 36.62
CA SER I 149 -94.69 97.19 35.95
C SER I 149 -94.43 97.59 34.50
N GLU I 150 -95.49 97.89 33.76
CA GLU I 150 -95.36 98.28 32.35
C GLU I 150 -94.62 99.60 32.25
N GLU I 151 -94.86 100.50 33.22
CA GLU I 151 -94.20 101.81 33.30
C GLU I 151 -92.71 101.64 33.50
N MSE I 152 -92.36 100.75 34.42
CA MSE I 152 -90.97 100.50 34.74
C MSE I 152 -90.24 99.96 33.52
O MSE I 152 -89.15 100.47 33.18
CB MSE I 152 -90.84 99.56 35.92
CG MSE I 152 -89.41 99.40 36.42
SE MSE I 152 -88.65 101.08 37.08
CE MSE I 152 -89.18 100.94 38.95
N ARG I 153 -90.85 98.96 32.84
CA ARG I 153 -90.29 98.39 31.61
C ARG I 153 -90.07 99.45 30.54
N GLN I 154 -91.00 100.41 30.41
CA GLN I 154 -90.87 101.48 29.44
C GLN I 154 -89.66 102.30 29.83
N ARG I 155 -89.61 102.67 31.10
CA ARG I 155 -88.50 103.45 31.63
C ARG I 155 -87.11 102.83 31.42
N LEU I 156 -87.03 101.49 31.55
CA LEU I 156 -85.77 100.77 31.43
C LEU I 156 -85.51 100.10 30.05
N CYS J 11 -92.42 101.51 43.65
CA CYS J 11 -91.78 100.25 44.18
C CYS J 11 -90.64 100.55 45.16
N PRO J 12 -90.21 99.57 45.97
CA PRO J 12 -89.33 100.02 47.01
C PRO J 12 -87.97 100.55 46.53
N ILE J 13 -87.41 100.05 45.44
CA ILE J 13 -86.14 100.64 44.97
C ILE J 13 -86.29 102.05 44.41
N ALA J 14 -87.39 102.33 43.71
CA ALA J 14 -87.64 103.70 43.26
C ALA J 14 -87.78 104.63 44.49
N ARG J 15 -88.53 104.21 45.51
CA ARG J 15 -88.72 105.05 46.67
C ARG J 15 -87.38 105.33 47.32
N SER J 16 -86.52 104.31 47.38
CA SER J 16 -85.22 104.46 48.04
C SER J 16 -84.29 105.38 47.27
N LEU J 17 -84.21 105.17 45.95
CA LEU J 17 -83.38 105.97 45.10
C LEU J 17 -83.88 107.41 45.01
N GLU J 18 -85.18 107.61 45.06
CA GLU J 18 -85.75 108.98 45.19
C GLU J 18 -85.33 109.66 46.49
N ARG J 19 -85.34 108.94 47.60
CA ARG J 19 -85.01 109.57 48.88
C ARG J 19 -83.55 110.00 48.94
N VAL J 20 -82.74 109.29 48.19
CA VAL J 20 -81.33 109.60 48.14
C VAL J 20 -81.06 110.56 46.95
N GLY J 21 -82.12 110.91 46.19
CA GLY J 21 -82.01 111.89 45.10
C GLY J 21 -81.27 111.46 43.85
N GLU J 22 -81.31 110.16 43.54
CA GLU J 22 -80.66 109.64 42.35
C GLU J 22 -81.53 108.93 41.36
N TRP J 23 -82.85 108.89 41.58
CA TRP J 23 -83.73 108.07 40.73
C TRP J 23 -83.77 108.53 39.25
N TRP J 24 -84.13 109.80 38.99
CA TRP J 24 -84.12 110.36 37.62
C TRP J 24 -82.72 110.53 37.03
N SER J 25 -81.71 110.80 37.86
CA SER J 25 -80.36 110.87 37.33
C SER J 25 -79.93 109.54 36.71
N ILE J 26 -80.36 108.45 37.34
CA ILE J 26 -80.04 107.12 36.86
C ILE J 26 -80.77 106.87 35.55
N LEU J 27 -82.08 107.11 35.55
CA LEU J 27 -82.87 106.85 34.36
C LEU J 27 -82.34 107.71 33.22
N ILE J 28 -82.08 108.99 33.46
CA ILE J 28 -81.61 109.88 32.40
C ILE J 28 -80.22 109.52 31.86
N MSE J 29 -79.25 109.39 32.76
CA MSE J 29 -77.90 109.05 32.36
C MSE J 29 -77.92 107.75 31.60
O MSE J 29 -77.27 107.61 30.55
CB MSE J 29 -76.99 108.95 33.57
CG MSE J 29 -76.65 110.30 34.20
SE MSE J 29 -75.76 111.44 32.85
CE MSE J 29 -75.64 113.07 33.83
N ARG J 30 -78.69 106.79 32.09
CA ARG J 30 -78.80 105.52 31.39
C ARG J 30 -79.31 105.73 29.96
N ASP J 31 -80.31 106.59 29.80
CA ASP J 31 -80.85 106.81 28.48
C ASP J 31 -79.84 107.53 27.57
N ALA J 32 -79.22 108.56 28.11
CA ALA J 32 -78.22 109.29 27.38
C ALA J 32 -77.03 108.37 27.00
N LEU J 33 -76.62 107.47 27.89
CA LEU J 33 -75.53 106.57 27.56
C LEU J 33 -75.96 105.65 26.44
N GLN J 34 -77.24 105.25 26.47
CA GLN J 34 -77.82 104.50 25.34
C GLN J 34 -78.10 105.36 24.11
N GLY J 35 -77.81 106.66 24.17
CA GLY J 35 -77.89 107.51 22.97
C GLY J 35 -79.08 108.44 22.74
N LEU J 36 -80.05 108.44 23.68
CA LEU J 36 -81.11 109.45 23.61
C LEU J 36 -80.41 110.78 23.74
N ARG J 37 -80.95 111.83 23.11
CA ARG J 37 -80.23 113.11 23.00
C ARG J 37 -81.09 114.36 23.25
N ARG J 38 -82.31 114.32 22.71
CA ARG J 38 -83.22 115.46 22.71
C ARG J 38 -84.21 115.38 23.87
N PHE J 39 -84.63 116.55 24.33
CA PHE J 39 -85.48 116.70 25.48
C PHE J 39 -86.73 115.85 25.38
N ASP J 40 -87.37 115.89 24.21
CA ASP J 40 -88.62 115.13 23.99
C ASP J 40 -88.45 113.61 24.08
N GLU J 41 -87.29 113.10 23.65
CA GLU J 41 -87.04 111.65 23.76
C GLU J 41 -86.96 111.23 25.22
N PHE J 42 -86.27 112.02 26.03
CA PHE J 42 -86.20 111.75 27.45
C PHE J 42 -87.62 111.84 28.03
N SER J 43 -88.37 112.89 27.67
CA SER J 43 -89.71 113.07 28.25
C SER J 43 -90.55 111.84 27.98
N ARG J 44 -90.64 111.45 26.72
CA ARG J 44 -91.49 110.35 26.32
C ARG J 44 -90.95 108.99 26.76
N SER J 45 -89.64 108.79 26.66
CA SER J 45 -89.10 107.49 27.00
C SER J 45 -89.25 107.29 28.49
N LEU J 46 -89.05 108.35 29.27
CA LEU J 46 -89.03 108.20 30.73
C LEU J 46 -90.36 108.51 31.39
N ASP J 47 -91.29 109.05 30.60
CA ASP J 47 -92.56 109.51 31.09
C ASP J 47 -92.38 110.44 32.26
N ILE J 48 -91.68 111.53 32.04
CA ILE J 48 -91.34 112.41 33.13
C ILE J 48 -91.82 113.79 32.73
N ALA J 49 -92.38 114.53 33.68
CA ALA J 49 -92.87 115.86 33.38
C ALA J 49 -91.74 116.81 33.09
N PRO J 50 -91.99 117.76 32.20
CA PRO J 50 -91.01 118.70 31.70
C PRO J 50 -90.29 119.57 32.74
N ASN J 51 -90.96 120.11 33.75
CA ASN J 51 -90.22 120.90 34.77
C ASN J 51 -89.16 120.08 35.48
N MSE J 52 -89.55 118.88 35.89
CA MSE J 52 -88.68 117.90 36.54
C MSE J 52 -87.52 117.48 35.64
O MSE J 52 -86.37 117.48 36.06
CB MSE J 52 -89.48 116.67 36.99
CG MSE J 52 -88.61 115.54 37.55
SE MSE J 52 -87.67 116.10 39.25
CE MSE J 52 -89.20 116.27 40.49
N LEU J 53 -87.83 117.11 34.40
CA LEU J 53 -86.81 116.75 33.46
C LEU J 53 -85.81 117.90 33.23
N THR J 54 -86.30 119.15 33.22
CA THR J 54 -85.44 120.32 33.04
C THR J 54 -84.48 120.56 34.21
N ARG J 55 -85.01 120.45 35.42
CA ARG J 55 -84.22 120.55 36.64
C ARG J 55 -83.06 119.53 36.61
N ARG J 56 -83.41 118.28 36.28
CA ARG J 56 -82.48 117.14 36.29
C ARG J 56 -81.43 117.20 35.18
N LEU J 57 -81.83 117.52 33.95
CA LEU J 57 -80.80 117.78 32.94
C LEU J 57 -79.86 118.90 33.36
N ASN J 58 -80.38 119.94 34.02
CA ASN J 58 -79.53 121.07 34.30
C ASN J 58 -78.54 120.66 35.36
N ALA J 59 -79.00 119.89 36.34
CA ALA J 59 -78.13 119.40 37.39
C ALA J 59 -77.05 118.50 36.80
N LEU J 60 -77.42 117.61 35.87
CA LEU J 60 -76.45 116.72 35.24
C LEU J 60 -75.40 117.43 34.44
N VAL J 61 -75.83 118.42 33.66
CA VAL J 61 -74.91 119.20 32.90
C VAL J 61 -73.94 119.92 33.85
N GLU J 62 -74.48 120.57 34.90
CA GLU J 62 -73.67 121.37 35.84
C GLU J 62 -72.63 120.53 36.54
N ALA J 63 -73.00 119.29 36.85
CA ALA J 63 -72.10 118.36 37.47
C ALA J 63 -71.05 117.87 36.48
N GLY J 64 -71.15 118.31 35.23
CA GLY J 64 -70.22 117.90 34.18
C GLY J 64 -70.34 116.46 33.67
N LEU J 65 -71.48 115.81 33.94
CA LEU J 65 -71.81 114.44 33.48
C LEU J 65 -72.43 114.41 32.08
N LEU J 66 -73.07 115.51 31.69
CA LEU J 66 -73.59 115.73 30.32
C LEU J 66 -73.16 117.09 29.82
N GLU J 67 -73.06 117.23 28.52
CA GLU J 67 -72.96 118.58 27.98
C GLU J 67 -74.14 118.93 27.10
N ARG J 68 -74.50 120.20 27.13
CA ARG J 68 -75.62 120.71 26.36
C ARG J 68 -75.02 121.37 25.13
N GLN J 69 -75.31 120.81 23.97
CA GLN J 69 -74.78 121.39 22.75
C GLN J 69 -75.91 121.67 21.76
N PRO J 70 -75.79 122.80 21.02
CA PRO J 70 -76.77 123.26 20.03
C PRO J 70 -77.31 122.14 19.18
N TYR J 71 -78.60 122.20 18.88
CA TYR J 71 -79.23 121.21 18.04
C TYR J 71 -80.32 121.85 17.19
N SER J 72 -81.05 122.81 17.78
CA SER J 72 -82.26 123.46 17.19
C SER J 72 -81.93 124.26 15.93
N TYR J 78 -81.29 122.29 21.61
CA TYR J 78 -80.29 121.60 22.46
C TYR J 78 -80.43 120.07 22.49
N GLN J 79 -79.27 119.39 22.50
CA GLN J 79 -79.16 117.95 22.79
C GLN J 79 -78.19 117.74 23.97
N TYR J 80 -78.30 116.58 24.61
CA TYR J 80 -77.59 116.30 25.87
C TYR J 80 -76.68 115.09 25.69
N VAL J 81 -75.37 115.33 25.70
CA VAL J 81 -74.45 114.26 25.32
C VAL J 81 -73.51 113.88 26.46
N PRO J 82 -73.37 112.58 26.72
CA PRO J 82 -72.50 112.21 27.82
C PRO J 82 -71.07 112.61 27.56
N THR J 83 -70.43 112.91 28.66
CA THR J 83 -69.12 113.43 28.70
C THR J 83 -68.25 112.23 29.14
N ALA J 84 -66.93 112.36 29.05
CA ALA J 84 -66.05 111.31 29.58
C ALA J 84 -66.37 111.00 31.06
N LYS J 85 -66.51 112.05 31.86
CA LYS J 85 -66.94 111.86 33.26
C LYS J 85 -68.24 111.10 33.36
N GLY J 86 -69.21 111.50 32.54
CA GLY J 86 -70.52 110.84 32.61
C GLY J 86 -70.46 109.37 32.23
N GLU J 87 -69.67 109.02 31.21
CA GLU J 87 -69.47 107.59 30.92
C GLU J 87 -68.82 106.85 32.08
N ASP J 88 -67.89 107.48 32.77
CA ASP J 88 -67.27 106.81 33.91
C ASP J 88 -68.27 106.71 35.07
N PHE J 89 -69.24 107.62 35.13
CA PHE J 89 -70.17 107.63 36.28
C PHE J 89 -71.06 106.40 36.27
N ARG J 90 -71.03 105.69 35.16
CA ARG J 90 -71.87 104.51 35.06
C ARG J 90 -71.63 103.49 36.18
N VAL J 91 -70.40 103.39 36.65
CA VAL J 91 -70.06 102.54 37.80
C VAL J 91 -70.88 102.94 39.02
N VAL J 92 -71.02 104.24 39.23
CA VAL J 92 -71.75 104.77 40.38
C VAL J 92 -73.24 104.43 40.32
N LEU J 93 -73.88 104.68 39.17
CA LEU J 93 -75.28 104.35 38.99
C LEU J 93 -75.57 102.88 39.31
N MSE J 94 -74.72 102.00 38.82
CA MSE J 94 -74.84 100.57 39.08
C MSE J 94 -74.73 100.29 40.56
O MSE J 94 -75.43 99.43 41.11
CB MSE J 94 -73.80 99.80 38.27
CG MSE J 94 -73.99 99.99 36.75
SE MSE J 94 -73.08 98.61 35.71
CE MSE J 94 -71.45 99.53 35.19
N ALA J 95 -73.85 101.04 41.21
CA ALA J 95 -73.68 100.87 42.64
C ALA J 95 -74.93 101.34 43.37
N PHE J 96 -75.49 102.48 42.98
CA PHE J 96 -76.79 102.86 43.50
C PHE J 96 -77.83 101.75 43.34
N VAL J 97 -77.88 101.08 42.20
CA VAL J 97 -78.85 99.97 42.12
C VAL J 97 -78.58 98.76 43.02
N ALA J 98 -77.33 98.28 43.08
CA ALA J 98 -76.97 97.17 43.99
C ALA J 98 -77.33 97.57 45.44
N TRP J 99 -77.07 98.84 45.77
CA TRP J 99 -77.38 99.36 47.09
C TRP J 99 -78.87 99.30 47.34
N GLY J 100 -79.67 99.80 46.41
CA GLY J 100 -81.13 99.75 46.60
C GLY J 100 -81.78 98.35 46.60
N ASN J 101 -81.11 97.35 46.05
CA ASN J 101 -81.69 95.97 46.00
C ASN J 101 -81.29 95.12 47.24
N ARG J 102 -80.46 95.68 48.09
CA ARG J 102 -79.92 94.93 49.22
C ARG J 102 -81.10 94.47 50.05
N HIS J 103 -81.05 93.23 50.54
CA HIS J 103 -82.16 92.69 51.33
C HIS J 103 -83.47 92.49 50.55
N TYR J 104 -83.41 92.55 49.22
CA TYR J 104 -84.59 92.28 48.42
C TYR J 104 -84.37 91.02 47.60
N ALA J 105 -85.28 90.07 47.70
CA ALA J 105 -85.19 88.88 46.86
C ALA J 105 -85.15 89.25 45.37
N GLN J 106 -84.33 88.54 44.61
CA GLN J 106 -84.23 88.72 43.17
C GLN J 106 -85.57 88.60 42.41
N GLN J 107 -86.31 87.51 42.55
CA GLN J 107 -87.73 87.55 42.15
C GLN J 107 -88.26 88.64 43.06
N GLY J 108 -89.14 89.50 42.60
CA GLY J 108 -89.46 90.60 43.49
C GLY J 108 -88.88 91.93 43.04
N GLN J 109 -87.69 91.93 42.45
CA GLN J 109 -87.06 93.21 42.00
C GLN J 109 -87.67 93.81 40.75
N SER J 110 -87.82 95.12 40.72
CA SER J 110 -88.32 95.77 39.51
C SER J 110 -87.14 96.24 38.69
N VAL J 111 -86.02 96.44 39.37
CA VAL J 111 -84.84 97.00 38.74
C VAL J 111 -83.68 96.06 39.08
N GLN J 112 -82.90 95.67 38.08
CA GLN J 112 -81.76 94.73 38.32
C GLN J 112 -80.49 95.11 37.65
N LEU J 113 -79.42 94.83 38.38
CA LEU J 113 -78.09 94.79 37.84
C LEU J 113 -77.83 93.39 37.25
N VAL J 114 -77.57 93.31 35.94
CA VAL J 114 -77.26 92.01 35.30
C VAL J 114 -76.09 92.07 34.32
N GLU J 115 -75.58 90.88 33.96
CA GLU J 115 -74.60 90.76 32.88
C GLU J 115 -75.33 91.02 31.61
N ARG J 116 -74.80 91.93 30.80
CA ARG J 116 -75.47 92.36 29.56
C ARG J 116 -75.84 91.20 28.64
N THR J 117 -74.90 90.31 28.33
CA THR J 117 -75.12 89.26 27.31
C THR J 117 -76.09 88.14 27.72
N SER J 118 -75.81 87.43 28.81
CA SER J 118 -76.81 86.51 29.35
C SER J 118 -77.80 87.45 29.96
N GLY J 119 -78.74 86.99 30.75
CA GLY J 119 -79.41 87.99 31.62
C GLY J 119 -79.12 87.80 33.10
N ARG J 120 -77.97 87.20 33.41
CA ARG J 120 -77.62 86.76 34.77
C ARG J 120 -77.51 87.93 35.78
N PRO J 121 -78.22 87.83 36.92
CA PRO J 121 -78.19 88.90 37.92
C PRO J 121 -76.85 88.95 38.62
N VAL J 122 -76.39 90.16 38.86
CA VAL J 122 -75.15 90.41 39.53
C VAL J 122 -75.45 90.20 40.98
N ARG J 123 -74.91 89.11 41.52
CA ARG J 123 -75.02 88.80 42.95
C ARG J 123 -74.28 89.76 43.87
N SER J 124 -73.11 90.24 43.48
CA SER J 124 -72.36 91.12 44.38
C SER J 124 -71.29 91.92 43.65
N PHE J 125 -70.94 93.10 44.16
CA PHE J 125 -69.83 93.84 43.58
C PHE J 125 -68.58 93.15 44.05
N MSE J 126 -67.46 93.26 43.31
CA MSE J 126 -66.16 92.80 43.82
C MSE J 126 -65.10 93.80 43.44
O MSE J 126 -65.26 94.54 42.48
CB MSE J 126 -65.76 91.41 43.28
CG MSE J 126 -66.70 90.27 43.58
SE MSE J 126 -66.45 89.57 45.36
CE MSE J 126 -67.81 90.46 46.38
N ALA J 127 -63.99 93.77 44.15
CA ALA J 127 -62.88 94.67 43.87
C ALA J 127 -61.74 93.89 43.24
N ALA J 128 -61.28 94.34 42.07
CA ALA J 128 -60.05 93.79 41.47
C ALA J 128 -58.78 94.60 41.75
N LEU J 129 -57.72 93.90 42.09
CA LEU J 129 -56.44 94.52 42.41
C LEU J 129 -55.48 94.42 41.22
N ALA J 130 -54.35 95.14 41.27
CA ALA J 130 -53.37 95.13 40.17
C ALA J 130 -53.05 93.73 39.65
N ASP J 131 -52.61 92.82 40.53
CA ASP J 131 -52.10 91.48 40.12
C ASP J 131 -53.04 90.47 39.46
N GLY J 132 -54.34 90.57 39.73
CA GLY J 132 -55.30 89.57 39.28
C GLY J 132 -56.28 89.23 40.37
N ARG J 133 -55.84 89.33 41.64
CA ARG J 133 -56.70 89.04 42.79
C ARG J 133 -57.97 89.91 42.89
N THR J 134 -59.03 89.30 43.40
CA THR J 134 -60.35 89.86 43.47
C THR J 134 -60.86 89.69 44.92
N VAL J 135 -61.26 90.78 45.58
CA VAL J 135 -61.67 90.74 46.98
C VAL J 135 -63.04 91.37 47.20
N PRO J 136 -63.75 90.96 48.27
CA PRO J 136 -65.02 91.55 48.68
C PRO J 136 -64.87 92.99 49.18
N LEU J 137 -65.90 93.81 49.00
CA LEU J 137 -65.75 95.21 49.37
C LEU J 137 -65.51 95.42 50.89
N GLU J 138 -66.07 94.52 51.69
CA GLU J 138 -65.87 94.60 53.12
C GLU J 138 -64.40 94.46 53.46
N GLN J 139 -63.63 93.90 52.52
CA GLN J 139 -62.17 93.82 52.62
C GLN J 139 -61.43 95.11 52.18
N CYS J 140 -62.17 96.10 51.69
CA CYS J 140 -61.58 97.34 51.18
C CYS J 140 -61.91 98.50 52.07
N THR J 141 -61.29 99.64 51.80
CA THR J 141 -61.46 100.80 52.65
C THR J 141 -60.99 102.05 51.90
N VAL J 142 -61.61 103.18 52.20
CA VAL J 142 -61.16 104.47 51.68
C VAL J 142 -60.17 105.05 52.68
N GLN J 143 -58.95 105.26 52.22
CA GLN J 143 -57.93 105.82 53.07
C GLN J 143 -57.21 106.94 52.32
N ALA J 144 -56.32 107.63 53.04
CA ALA J 144 -55.49 108.67 52.49
C ALA J 144 -54.48 108.08 51.53
N GLY J 145 -54.31 108.69 50.37
CA GLY J 145 -53.27 108.28 49.44
C GLY J 145 -51.94 108.97 49.69
N PRO J 146 -50.92 108.68 48.86
CA PRO J 146 -49.58 109.22 49.11
C PRO J 146 -49.48 110.75 49.04
N ALA J 147 -50.30 111.37 48.21
CA ALA J 147 -50.24 112.82 47.99
C ALA J 147 -51.11 113.62 48.96
N ALA J 148 -51.70 112.97 49.96
CA ALA J 148 -52.68 113.61 50.85
C ALA J 148 -52.03 114.74 51.63
N SER J 149 -52.70 115.89 51.67
CA SER J 149 -52.28 117.02 52.51
C SER J 149 -52.56 116.71 53.96
N GLU J 150 -52.10 117.58 54.86
CA GLU J 150 -52.32 117.39 56.27
C GLU J 150 -53.82 117.49 56.58
N GLU J 151 -54.49 118.46 55.95
CA GLU J 151 -55.93 118.55 55.99
C GLU J 151 -56.57 117.22 55.60
N MSE J 152 -56.24 116.73 54.41
CA MSE J 152 -56.84 115.50 53.92
C MSE J 152 -56.63 114.35 54.91
O MSE J 152 -57.57 113.62 55.21
CB MSE J 152 -56.28 115.10 52.57
CG MSE J 152 -57.05 113.95 51.95
SE MSE J 152 -58.93 114.44 51.58
CE MSE J 152 -58.72 115.28 49.82
N ARG J 153 -55.42 114.22 55.39
CA ARG J 153 -55.09 113.17 56.35
C ARG J 153 -55.89 113.24 57.63
N GLN J 154 -56.17 114.46 58.12
CA GLN J 154 -57.05 114.64 59.27
C GLN J 154 -58.44 114.16 58.89
N ARG J 155 -58.92 114.61 57.74
CA ARG J 155 -60.25 114.27 57.28
C ARG J 155 -60.50 112.75 57.24
N LEU J 156 -59.48 111.96 56.90
CA LEU J 156 -59.67 110.53 56.62
C LEU J 156 -59.36 109.56 57.77
N CYS K 11 70.00 -103.17 -31.79
CA CYS K 11 71.04 -104.18 -32.21
C CYS K 11 71.22 -104.08 -33.72
N PRO K 12 72.35 -104.54 -34.26
CA PRO K 12 72.59 -104.27 -35.68
C PRO K 12 71.57 -104.80 -36.72
N ILE K 13 71.02 -106.01 -36.55
CA ILE K 13 70.08 -106.52 -37.56
C ILE K 13 68.74 -105.73 -37.54
N ALA K 14 68.29 -105.30 -36.36
CA ALA K 14 67.08 -104.49 -36.27
C ALA K 14 67.24 -103.17 -37.02
N ARG K 15 68.35 -102.51 -36.79
CA ARG K 15 68.66 -101.25 -37.47
C ARG K 15 68.71 -101.39 -39.00
N SER K 16 69.42 -102.39 -39.52
CA SER K 16 69.47 -102.64 -40.96
C SER K 16 68.09 -102.88 -41.54
N LEU K 17 67.33 -103.77 -40.89
CA LEU K 17 66.02 -104.15 -41.31
C LEU K 17 65.01 -103.02 -41.18
N GLU K 18 65.07 -102.27 -40.09
CA GLU K 18 64.33 -100.98 -40.00
C GLU K 18 64.69 -100.01 -41.10
N ARG K 19 65.98 -99.90 -41.40
CA ARG K 19 66.44 -98.95 -42.42
C ARG K 19 65.84 -99.32 -43.77
N VAL K 20 65.57 -100.61 -43.94
CA VAL K 20 65.11 -101.15 -45.21
C VAL K 20 63.59 -101.30 -45.20
N GLY K 21 62.96 -101.02 -44.06
CA GLY K 21 61.50 -100.97 -44.02
C GLY K 21 60.80 -102.27 -43.75
N GLU K 22 61.52 -103.29 -43.29
CA GLU K 22 60.92 -104.62 -43.09
C GLU K 22 60.86 -105.21 -41.67
N TRP K 23 61.45 -104.57 -40.68
CA TRP K 23 61.59 -105.15 -39.35
C TRP K 23 60.27 -105.55 -38.67
N TRP K 24 59.36 -104.61 -38.44
CA TRP K 24 58.04 -104.91 -37.88
C TRP K 24 57.21 -105.83 -38.77
N SER K 25 57.29 -105.66 -40.10
CA SER K 25 56.61 -106.61 -40.99
C SER K 25 57.08 -108.00 -40.71
N ILE K 26 58.38 -108.12 -40.46
CA ILE K 26 58.94 -109.44 -40.25
C ILE K 26 58.48 -110.03 -38.96
N LEU K 27 58.47 -109.20 -37.91
CA LEU K 27 58.09 -109.65 -36.60
C LEU K 27 56.61 -109.99 -36.62
N ILE K 28 55.79 -109.12 -37.19
CA ILE K 28 54.35 -109.40 -37.22
C ILE K 28 54.01 -110.62 -38.07
N MSE K 29 54.58 -110.72 -39.27
CA MSE K 29 54.26 -111.88 -40.14
C MSE K 29 54.67 -113.17 -39.46
O MSE K 29 53.90 -114.16 -39.45
CB MSE K 29 54.93 -111.73 -41.50
CG MSE K 29 54.26 -110.70 -42.37
SE MSE K 29 52.32 -111.25 -42.61
CE MSE K 29 51.84 -110.07 -44.03
N ARG K 30 55.86 -113.17 -38.86
CA ARG K 30 56.35 -114.35 -38.15
C ARG K 30 55.36 -114.77 -37.08
N ASP K 31 54.88 -113.80 -36.28
CA ASP K 31 53.92 -114.11 -35.24
C ASP K 31 52.62 -114.57 -35.84
N ALA K 32 52.16 -113.94 -36.91
CA ALA K 32 50.91 -114.44 -37.52
C ALA K 32 51.07 -115.90 -38.05
N LEU K 33 52.18 -116.16 -38.74
CA LEU K 33 52.46 -117.52 -39.21
C LEU K 33 52.58 -118.50 -38.05
N GLN K 34 52.94 -118.03 -36.85
CA GLN K 34 52.90 -118.90 -35.68
C GLN K 34 51.51 -119.02 -35.05
N GLY K 35 50.49 -118.37 -35.59
CA GLY K 35 49.14 -118.50 -35.02
C GLY K 35 48.57 -117.38 -34.15
N LEU K 36 49.31 -116.29 -33.98
CA LEU K 36 48.75 -115.11 -33.30
C LEU K 36 47.74 -114.42 -34.24
N ARG K 37 46.62 -113.92 -33.72
CA ARG K 37 45.50 -113.48 -34.57
C ARG K 37 44.95 -112.13 -34.10
N ARG K 38 44.86 -111.95 -32.79
CA ARG K 38 44.12 -110.83 -32.22
C ARG K 38 45.05 -109.64 -31.95
N PHE K 39 44.54 -108.45 -32.23
CA PHE K 39 45.30 -107.25 -32.09
C PHE K 39 46.12 -107.17 -30.79
N ASP K 40 45.48 -107.48 -29.64
CA ASP K 40 46.14 -107.47 -28.33
C ASP K 40 47.25 -108.50 -28.17
N GLU K 41 47.07 -109.68 -28.79
CA GLU K 41 48.15 -110.67 -28.85
C GLU K 41 49.35 -110.07 -29.50
N PHE K 42 49.18 -109.41 -30.64
CA PHE K 42 50.35 -108.85 -31.32
C PHE K 42 50.99 -107.77 -30.47
N SER K 43 50.15 -106.94 -29.85
CA SER K 43 50.61 -105.76 -29.18
C SER K 43 51.48 -106.18 -28.04
N ARG K 44 51.06 -107.21 -27.32
CA ARG K 44 51.73 -107.52 -26.11
C ARG K 44 52.88 -108.48 -26.33
N SER K 45 52.81 -109.24 -27.42
CA SER K 45 53.93 -110.09 -27.71
C SER K 45 55.09 -109.32 -28.35
N LEU K 46 54.78 -108.41 -29.26
CA LEU K 46 55.80 -107.56 -29.88
C LEU K 46 56.19 -106.26 -29.15
N ASP K 47 55.46 -105.92 -28.09
CA ASP K 47 55.70 -104.67 -27.34
C ASP K 47 55.81 -103.44 -28.23
N ILE K 48 54.73 -103.16 -28.95
CA ILE K 48 54.67 -102.09 -29.91
C ILE K 48 53.40 -101.29 -29.62
N ALA K 49 53.50 -99.98 -29.74
CA ALA K 49 52.39 -99.07 -29.52
C ALA K 49 51.28 -99.37 -30.52
N PRO K 50 50.01 -99.17 -30.13
CA PRO K 50 48.80 -99.46 -30.94
C PRO K 50 48.75 -98.80 -32.30
N ASN K 51 49.09 -97.50 -32.37
CA ASN K 51 48.89 -96.74 -33.60
C ASN K 51 49.73 -97.33 -34.67
N MSE K 52 50.93 -97.72 -34.32
CA MSE K 52 51.84 -98.26 -35.30
C MSE K 52 51.57 -99.75 -35.63
O MSE K 52 51.75 -100.18 -36.78
CB MSE K 52 53.28 -98.08 -34.81
CG MSE K 52 54.28 -98.05 -35.95
SE MSE K 52 55.99 -98.78 -35.35
CE MSE K 52 56.47 -97.60 -33.87
N LEU K 53 51.16 -100.53 -34.62
CA LEU K 53 50.69 -101.89 -34.92
C LEU K 53 49.55 -101.85 -35.98
N THR K 54 48.64 -100.88 -35.83
CA THR K 54 47.52 -100.75 -36.72
C THR K 54 47.96 -100.44 -38.15
N ARG K 55 48.94 -99.54 -38.27
CA ARG K 55 49.43 -99.11 -39.56
C ARG K 55 50.15 -100.28 -40.24
N ARG K 56 50.85 -101.06 -39.44
CA ARG K 56 51.62 -102.17 -39.97
C ARG K 56 50.71 -103.35 -40.35
N LEU K 57 49.71 -103.65 -39.52
CA LEU K 57 48.65 -104.63 -39.90
C LEU K 57 47.92 -104.24 -41.17
N ASN K 58 47.36 -103.04 -41.19
CA ASN K 58 46.69 -102.57 -42.40
C ASN K 58 47.58 -102.61 -43.62
N ALA K 59 48.86 -102.27 -43.48
CA ALA K 59 49.74 -102.37 -44.64
C ALA K 59 49.94 -103.85 -45.06
N LEU K 60 50.08 -104.77 -44.10
CA LEU K 60 50.13 -106.17 -44.43
C LEU K 60 48.85 -106.70 -45.11
N VAL K 61 47.70 -106.18 -44.71
CA VAL K 61 46.48 -106.53 -45.34
C VAL K 61 46.42 -106.00 -46.80
N GLU K 62 46.66 -104.70 -46.98
CA GLU K 62 46.66 -104.05 -48.31
C GLU K 62 47.56 -104.79 -49.27
N ALA K 63 48.72 -105.22 -48.78
CA ALA K 63 49.69 -105.93 -49.60
C ALA K 63 49.27 -107.40 -49.93
N GLY K 64 48.17 -107.87 -49.34
CA GLY K 64 47.59 -109.20 -49.60
C GLY K 64 48.24 -110.30 -48.76
N LEU K 65 49.04 -109.90 -47.77
CA LEU K 65 49.77 -110.86 -47.00
C LEU K 65 48.97 -111.41 -45.83
N LEU K 66 48.07 -110.57 -45.29
CA LEU K 66 47.17 -110.96 -44.19
C LEU K 66 45.77 -110.64 -44.62
N GLU K 67 44.81 -111.31 -44.01
CA GLU K 67 43.41 -110.94 -44.20
C GLU K 67 42.70 -110.76 -42.87
N ARG K 68 41.79 -109.82 -42.85
CA ARG K 68 41.06 -109.50 -41.68
C ARG K 68 39.76 -110.32 -41.71
N GLN K 69 39.41 -110.89 -40.58
CA GLN K 69 38.17 -111.61 -40.48
C GLN K 69 37.53 -111.39 -39.11
N PRO K 70 36.17 -111.28 -39.07
CA PRO K 70 35.32 -110.95 -37.92
C PRO K 70 35.59 -111.76 -36.65
N TYR K 71 35.14 -111.20 -35.53
CA TYR K 71 35.50 -111.72 -34.21
C TYR K 71 34.54 -111.29 -33.12
N SER K 72 33.73 -110.23 -33.27
CA SER K 72 33.07 -109.70 -32.05
C SER K 72 31.74 -108.89 -32.08
N GLN K 73 31.25 -108.59 -30.87
CA GLN K 73 30.00 -107.86 -30.67
C GLN K 73 30.22 -106.36 -30.52
N ARG K 74 30.57 -105.95 -29.29
CA ARG K 74 30.74 -104.54 -28.92
C ARG K 74 32.20 -104.25 -28.50
N PRO K 75 32.95 -103.55 -29.37
CA PRO K 75 32.52 -103.43 -30.77
C PRO K 75 33.03 -104.69 -31.50
N LEU K 76 32.88 -104.79 -32.82
CA LEU K 76 33.49 -105.94 -33.46
C LEU K 76 35.00 -105.80 -33.48
N ARG K 77 35.63 -106.93 -33.24
CA ARG K 77 37.06 -107.06 -33.22
C ARG K 77 37.39 -107.76 -34.52
N TYR K 78 38.60 -107.56 -35.02
CA TYR K 78 39.04 -108.37 -36.14
C TYR K 78 40.24 -109.19 -35.70
N GLN K 79 40.38 -110.38 -36.26
CA GLN K 79 41.63 -111.11 -36.17
C GLN K 79 42.29 -111.05 -37.53
N TYR K 80 43.59 -111.38 -37.57
CA TYR K 80 44.41 -111.20 -38.76
C TYR K 80 45.07 -112.50 -39.07
N VAL K 81 44.72 -113.10 -40.19
CA VAL K 81 45.20 -114.44 -40.43
C VAL K 81 46.03 -114.46 -41.71
N PRO K 82 47.09 -115.28 -41.75
CA PRO K 82 47.85 -115.27 -42.96
C PRO K 82 47.08 -115.86 -44.16
N THR K 83 47.33 -115.22 -45.27
CA THR K 83 46.83 -115.49 -46.58
C THR K 83 47.78 -116.51 -47.25
N ALA K 84 47.37 -117.06 -48.37
CA ALA K 84 48.25 -117.97 -49.10
C ALA K 84 49.55 -117.27 -49.52
N LYS K 85 49.48 -116.09 -50.09
CA LYS K 85 50.69 -115.28 -50.33
C LYS K 85 51.55 -115.00 -49.06
N GLY K 86 50.89 -114.87 -47.91
CA GLY K 86 51.57 -114.50 -46.65
C GLY K 86 52.34 -115.69 -46.19
N GLU K 87 51.69 -116.87 -46.29
CA GLU K 87 52.36 -118.16 -46.06
C GLU K 87 53.58 -118.32 -46.97
N ASP K 88 53.48 -118.05 -48.27
CA ASP K 88 54.68 -118.11 -49.14
C ASP K 88 55.74 -117.05 -48.81
N PHE K 89 55.32 -115.98 -48.14
CA PHE K 89 56.22 -114.86 -47.92
C PHE K 89 57.31 -115.19 -46.93
N ARG K 90 57.09 -116.27 -46.21
CA ARG K 90 58.06 -116.81 -45.29
C ARG K 90 59.48 -116.95 -45.86
N VAL K 91 59.58 -117.25 -47.14
CA VAL K 91 60.86 -117.35 -47.79
C VAL K 91 61.53 -116.00 -47.82
N VAL K 92 60.75 -114.96 -48.17
CA VAL K 92 61.24 -113.59 -48.21
C VAL K 92 61.68 -113.09 -46.83
N LEU K 93 60.92 -113.38 -45.78
CA LEU K 93 61.28 -112.95 -44.41
C LEU K 93 62.59 -113.60 -44.02
N MSE K 94 62.72 -114.88 -44.34
CA MSE K 94 63.93 -115.65 -44.04
C MSE K 94 65.13 -115.07 -44.76
O MSE K 94 66.22 -114.95 -44.19
CB MSE K 94 63.72 -117.09 -44.42
CG MSE K 94 63.09 -117.84 -43.30
SE MSE K 94 62.68 -119.76 -43.63
CE MSE K 94 62.56 -120.10 -41.74
N ALA K 95 64.89 -114.69 -46.01
CA ALA K 95 65.95 -114.07 -46.77
C ALA K 95 66.38 -112.73 -46.17
N PHE K 96 65.43 -111.91 -45.65
CA PHE K 96 65.78 -110.59 -45.15
C PHE K 96 66.67 -110.84 -43.94
N VAL K 97 66.44 -111.94 -43.20
CA VAL K 97 67.26 -112.11 -42.04
C VAL K 97 68.68 -112.59 -42.38
N ALA K 98 68.81 -113.43 -43.41
CA ALA K 98 70.09 -113.92 -43.86
C ALA K 98 70.85 -112.75 -44.52
N TRP K 99 70.12 -111.90 -45.22
CA TRP K 99 70.68 -110.61 -45.63
C TRP K 99 71.21 -109.73 -44.48
N GLY K 100 70.39 -109.51 -43.44
CA GLY K 100 70.80 -108.68 -42.30
C GLY K 100 71.95 -109.32 -41.53
N ASN K 101 72.07 -110.64 -41.56
CA ASN K 101 73.14 -111.30 -40.80
C ASN K 101 74.44 -111.51 -41.58
N ARG K 102 74.44 -111.22 -42.87
CA ARG K 102 75.66 -111.34 -43.64
C ARG K 102 76.73 -110.44 -43.05
N HIS K 103 77.94 -110.96 -42.95
CA HIS K 103 79.05 -110.23 -42.31
C HIS K 103 78.92 -110.06 -40.79
N TYR K 104 78.02 -110.80 -40.14
CA TYR K 104 78.04 -110.82 -38.68
C TYR K 104 78.29 -112.24 -38.24
N ALA K 105 79.16 -112.39 -37.25
CA ALA K 105 79.52 -113.68 -36.71
C ALA K 105 78.39 -114.24 -35.88
N GLN K 106 78.19 -115.55 -35.95
CA GLN K 106 77.07 -116.22 -35.29
C GLN K 106 76.91 -115.83 -33.83
N GLN K 107 78.02 -115.85 -33.05
CA GLN K 107 77.94 -115.65 -31.59
C GLN K 107 77.41 -114.27 -31.15
N GLY K 108 77.42 -113.29 -32.05
CA GLY K 108 76.95 -111.98 -31.69
C GLY K 108 75.54 -111.69 -32.19
N GLN K 109 74.89 -112.65 -32.83
CA GLN K 109 73.61 -112.35 -33.45
C GLN K 109 72.46 -112.40 -32.45
N SER K 110 71.55 -111.45 -32.58
CA SER K 110 70.32 -111.40 -31.80
C SER K 110 69.19 -112.14 -32.51
N VAL K 111 69.29 -112.24 -33.84
CA VAL K 111 68.27 -112.95 -34.61
C VAL K 111 68.94 -113.96 -35.53
N GLN K 112 68.38 -115.16 -35.63
CA GLN K 112 69.03 -116.20 -36.42
C GLN K 112 68.04 -117.02 -37.21
N LEU K 113 68.46 -117.37 -38.42
CA LEU K 113 67.79 -118.37 -39.25
C LEU K 113 68.45 -119.68 -38.92
N VAL K 114 67.67 -120.61 -38.37
CA VAL K 114 68.17 -121.94 -37.98
C VAL K 114 67.30 -123.08 -38.48
N GLU K 115 67.83 -124.30 -38.38
CA GLU K 115 67.07 -125.48 -38.70
C GLU K 115 66.09 -125.71 -37.54
N ARG K 116 64.79 -125.82 -37.81
CA ARG K 116 63.81 -125.90 -36.70
C ARG K 116 64.05 -127.04 -35.68
N THR K 117 64.36 -128.25 -36.12
CA THR K 117 64.58 -129.38 -35.21
C THR K 117 65.79 -129.24 -34.28
N SER K 118 66.96 -128.97 -34.85
CA SER K 118 68.17 -128.78 -34.06
C SER K 118 68.28 -127.30 -33.95
N GLY K 119 69.26 -126.76 -33.26
CA GLY K 119 69.36 -125.29 -33.39
C GLY K 119 70.23 -124.77 -34.54
N ARG K 120 70.58 -125.61 -35.52
CA ARG K 120 71.74 -125.36 -36.41
C ARG K 120 71.56 -124.17 -37.34
N PRO K 121 72.45 -123.18 -37.21
CA PRO K 121 72.33 -121.99 -38.04
C PRO K 121 72.55 -122.29 -39.50
N VAL K 122 71.79 -121.57 -40.30
CA VAL K 122 71.90 -121.54 -41.71
C VAL K 122 73.08 -120.64 -42.11
N ARG K 123 74.02 -121.23 -42.85
CA ARG K 123 75.12 -120.51 -43.46
C ARG K 123 74.71 -119.70 -44.67
N SER K 124 73.98 -120.29 -45.62
CA SER K 124 73.47 -119.57 -46.78
C SER K 124 72.33 -120.28 -47.48
N PHE K 125 71.61 -119.50 -48.29
CA PHE K 125 70.54 -119.97 -49.11
C PHE K 125 71.22 -120.71 -50.21
N MSE K 126 70.63 -121.78 -50.72
CA MSE K 126 71.14 -122.41 -51.95
C MSE K 126 69.99 -122.54 -52.98
O MSE K 126 68.84 -122.46 -52.61
CB MSE K 126 71.74 -123.78 -51.61
CG MSE K 126 72.96 -123.73 -50.66
SE MSE K 126 74.63 -123.06 -51.53
CE MSE K 126 74.49 -121.16 -51.33
N ALA K 127 70.28 -122.70 -54.26
CA ALA K 127 69.21 -122.86 -55.23
C ALA K 127 69.11 -124.28 -55.69
N ALA K 128 67.94 -124.90 -55.53
CA ALA K 128 67.75 -126.30 -55.96
C ALA K 128 67.15 -126.31 -57.33
N LEU K 129 67.77 -127.00 -58.26
CA LEU K 129 67.27 -127.13 -59.61
C LEU K 129 66.35 -128.34 -59.80
N ALA K 130 65.74 -128.42 -60.97
CA ALA K 130 64.86 -129.52 -61.29
C ALA K 130 65.57 -130.84 -60.93
N ASP K 131 66.67 -131.12 -61.62
CA ASP K 131 67.38 -132.42 -61.54
C ASP K 131 67.94 -132.93 -60.19
N GLY K 132 67.92 -132.12 -59.13
CA GLY K 132 68.51 -132.55 -57.88
C GLY K 132 69.68 -131.69 -57.41
N ARG K 133 70.41 -131.08 -58.35
CA ARG K 133 71.58 -130.24 -58.05
C ARG K 133 71.27 -128.90 -57.37
N THR K 134 72.14 -128.53 -56.45
CA THR K 134 72.07 -127.35 -55.65
C THR K 134 73.28 -126.51 -56.01
N VAL K 135 73.02 -125.25 -56.37
CA VAL K 135 74.07 -124.30 -56.68
C VAL K 135 73.86 -123.01 -55.86
N PRO K 136 74.96 -122.28 -55.60
CA PRO K 136 74.84 -121.04 -54.83
C PRO K 136 74.18 -119.91 -55.61
N LEU K 137 73.64 -118.95 -54.89
CA LEU K 137 72.82 -117.92 -55.48
C LEU K 137 73.53 -117.03 -56.47
N GLU K 138 74.81 -116.75 -56.20
CA GLU K 138 75.59 -115.89 -57.06
C GLU K 138 75.90 -116.59 -58.37
N GLN K 139 75.57 -117.89 -58.44
CA GLN K 139 75.61 -118.62 -59.69
C GLN K 139 74.27 -118.61 -60.47
N CYS K 140 73.27 -117.91 -59.92
CA CYS K 140 71.93 -117.81 -60.52
C CYS K 140 71.66 -116.43 -61.09
N THR K 141 70.59 -116.31 -61.85
CA THR K 141 70.18 -115.01 -62.38
C THR K 141 68.64 -114.84 -62.60
N VAL K 142 68.20 -113.58 -62.60
CA VAL K 142 66.84 -113.22 -62.88
C VAL K 142 66.81 -112.86 -64.37
N GLN K 143 65.95 -113.51 -65.16
CA GLN K 143 65.88 -113.29 -66.59
C GLN K 143 64.43 -113.25 -67.04
N ALA K 144 64.23 -112.94 -68.31
CA ALA K 144 62.90 -112.95 -68.87
C ALA K 144 62.42 -114.39 -69.09
N GLY K 145 61.17 -114.66 -68.73
CA GLY K 145 60.58 -115.98 -68.85
C GLY K 145 59.81 -116.11 -70.14
N PRO K 146 59.32 -117.32 -70.47
CA PRO K 146 58.62 -117.57 -71.73
C PRO K 146 57.37 -116.73 -71.97
N ALA K 147 56.66 -116.32 -70.91
CA ALA K 147 55.46 -115.49 -71.09
C ALA K 147 55.70 -113.96 -71.14
N ALA K 148 56.95 -113.54 -70.85
CA ALA K 148 57.43 -112.14 -71.02
C ALA K 148 56.91 -111.37 -72.25
N SER K 149 56.31 -110.21 -72.00
CA SER K 149 56.00 -109.23 -73.06
C SER K 149 57.26 -108.55 -73.58
N GLU K 150 57.15 -107.87 -74.72
CA GLU K 150 58.21 -107.01 -75.29
C GLU K 150 58.82 -106.11 -74.20
N GLU K 151 57.95 -105.41 -73.48
CA GLU K 151 58.33 -104.47 -72.44
C GLU K 151 59.12 -105.15 -71.30
N MSE K 152 58.63 -106.31 -70.87
CA MSE K 152 59.29 -107.06 -69.82
C MSE K 152 60.69 -107.46 -70.28
O MSE K 152 61.65 -107.37 -69.51
CB MSE K 152 58.47 -108.28 -69.44
CG MSE K 152 59.12 -109.10 -68.40
SE MSE K 152 59.25 -108.08 -66.72
CE MSE K 152 57.42 -108.43 -66.04
N ARG K 153 60.81 -107.88 -71.55
CA ARG K 153 62.09 -108.31 -72.10
C ARG K 153 63.13 -107.19 -72.12
N GLN K 154 62.67 -105.96 -72.42
CA GLN K 154 63.51 -104.78 -72.39
C GLN K 154 63.99 -104.51 -70.98
N ARG K 155 63.08 -104.55 -70.01
CA ARG K 155 63.42 -104.28 -68.63
C ARG K 155 64.42 -105.27 -68.03
N LEU K 156 64.48 -106.47 -68.61
CA LEU K 156 65.34 -107.53 -68.09
C LEU K 156 66.52 -107.83 -69.00
N CYS L 11 50.97 -107.19 -66.00
CA CYS L 11 51.52 -108.56 -65.78
C CYS L 11 51.43 -109.06 -64.31
N PRO L 12 51.16 -110.37 -64.14
CA PRO L 12 50.83 -110.88 -62.81
C PRO L 12 51.91 -110.67 -61.76
N ILE L 13 53.12 -111.14 -62.01
CA ILE L 13 54.12 -110.98 -60.99
C ILE L 13 54.38 -109.50 -60.71
N ALA L 14 54.33 -108.66 -61.75
CA ALA L 14 54.67 -107.27 -61.53
C ALA L 14 53.69 -106.68 -60.53
N ARG L 15 52.41 -107.04 -60.66
CA ARG L 15 51.36 -106.49 -59.83
C ARG L 15 51.58 -106.90 -58.38
N SER L 16 51.81 -108.20 -58.16
CA SER L 16 52.16 -108.69 -56.79
C SER L 16 53.35 -108.00 -56.17
N LEU L 17 54.41 -107.84 -56.96
CA LEU L 17 55.65 -107.28 -56.46
C LEU L 17 55.42 -105.80 -56.19
N GLU L 18 54.59 -105.16 -57.02
CA GLU L 18 54.14 -103.78 -56.76
C GLU L 18 53.31 -103.62 -55.49
N ARG L 19 52.40 -104.55 -55.23
CA ARG L 19 51.55 -104.43 -54.02
C ARG L 19 52.43 -104.48 -52.77
N VAL L 20 53.50 -105.25 -52.84
CA VAL L 20 54.45 -105.39 -51.73
C VAL L 20 55.54 -104.30 -51.78
N GLY L 21 55.42 -103.36 -52.74
CA GLY L 21 56.37 -102.23 -52.80
C GLY L 21 57.78 -102.57 -53.25
N GLU L 22 57.98 -103.68 -53.96
CA GLU L 22 59.34 -104.11 -54.38
C GLU L 22 59.63 -104.18 -55.90
N TRP L 23 58.64 -103.95 -56.74
CA TRP L 23 58.86 -104.22 -58.17
C TRP L 23 59.96 -103.34 -58.73
N TRP L 24 59.79 -102.03 -58.63
CA TRP L 24 60.75 -101.07 -59.11
C TRP L 24 62.11 -101.18 -58.40
N SER L 25 62.12 -101.47 -57.10
CA SER L 25 63.36 -101.77 -56.40
C SER L 25 64.08 -102.97 -56.96
N ILE L 26 63.34 -104.00 -57.34
CA ILE L 26 63.99 -105.18 -57.87
C ILE L 26 64.65 -104.79 -59.17
N LEU L 27 63.92 -104.12 -60.06
CA LEU L 27 64.45 -103.80 -61.38
C LEU L 27 65.61 -102.83 -61.31
N ILE L 28 65.50 -101.82 -60.45
CA ILE L 28 66.59 -100.85 -60.31
C ILE L 28 67.89 -101.47 -59.72
N MSE L 29 67.77 -102.17 -58.59
CA MSE L 29 68.90 -102.94 -58.03
C MSE L 29 69.55 -103.86 -59.05
O MSE L 29 70.74 -103.86 -59.24
CB MSE L 29 68.51 -103.72 -56.76
CG MSE L 29 68.19 -102.84 -55.62
SE MSE L 29 69.70 -101.53 -55.37
CE MSE L 29 69.09 -100.66 -53.79
N ARG L 30 68.75 -104.63 -59.74
CA ARG L 30 69.28 -105.51 -60.73
C ARG L 30 70.07 -104.71 -61.77
N ASP L 31 69.56 -103.56 -62.18
CA ASP L 31 70.35 -102.70 -63.11
C ASP L 31 71.60 -102.08 -62.50
N ALA L 32 71.52 -101.69 -61.22
CA ALA L 32 72.67 -101.13 -60.55
C ALA L 32 73.72 -102.23 -60.41
N LEU L 33 73.29 -103.44 -60.06
CA LEU L 33 74.26 -104.53 -59.87
C LEU L 33 74.99 -104.88 -61.15
N GLN L 34 74.38 -104.51 -62.28
CA GLN L 34 74.93 -104.77 -63.60
C GLN L 34 75.75 -103.60 -64.14
N GLY L 35 75.86 -102.51 -63.38
CA GLY L 35 76.72 -101.40 -63.78
C GLY L 35 75.99 -100.18 -64.32
N LEU L 36 74.66 -100.20 -64.38
CA LEU L 36 73.97 -98.94 -64.69
C LEU L 36 74.18 -97.97 -63.53
N ARG L 37 74.45 -96.72 -63.84
CA ARG L 37 74.77 -95.78 -62.79
C ARG L 37 74.01 -94.44 -62.90
N ARG L 38 73.69 -94.01 -64.13
CA ARG L 38 73.13 -92.66 -64.34
C ARG L 38 71.64 -92.64 -64.59
N PHE L 39 71.01 -91.55 -64.14
CA PHE L 39 69.58 -91.39 -64.17
C PHE L 39 68.95 -91.78 -65.52
N ASP L 40 69.46 -91.25 -66.63
CA ASP L 40 68.83 -91.57 -67.93
C ASP L 40 69.01 -93.03 -68.40
N GLU L 41 70.13 -93.68 -68.02
CA GLU L 41 70.33 -95.10 -68.27
C GLU L 41 69.22 -95.93 -67.62
N PHE L 42 69.00 -95.71 -66.32
CA PHE L 42 67.90 -96.35 -65.62
C PHE L 42 66.60 -95.96 -66.28
N SER L 43 66.48 -94.68 -66.68
CA SER L 43 65.21 -94.25 -67.19
C SER L 43 64.87 -94.99 -68.47
N ARG L 44 65.86 -95.14 -69.35
CA ARG L 44 65.67 -95.69 -70.67
C ARG L 44 65.64 -97.21 -70.65
N SER L 45 66.48 -97.82 -69.83
CA SER L 45 66.54 -99.27 -69.76
C SER L 45 65.25 -99.83 -69.19
N LEU L 46 64.73 -99.14 -68.18
CA LEU L 46 63.60 -99.63 -67.41
C LEU L 46 62.27 -99.05 -67.89
N ASP L 47 62.31 -97.98 -68.71
CA ASP L 47 61.12 -97.31 -69.21
C ASP L 47 60.21 -96.85 -68.07
N ILE L 48 60.81 -96.06 -67.19
CA ILE L 48 60.17 -95.65 -65.98
C ILE L 48 60.13 -94.10 -65.98
N ALA L 49 58.99 -93.54 -65.56
CA ALA L 49 58.83 -92.11 -65.51
C ALA L 49 59.74 -91.46 -64.47
N PRO L 50 60.18 -90.23 -64.76
CA PRO L 50 61.20 -89.61 -63.91
C PRO L 50 60.85 -89.42 -62.42
N ASN L 51 59.62 -89.00 -62.10
CA ASN L 51 59.26 -88.80 -60.66
C ASN L 51 59.34 -90.10 -59.87
N MSE L 52 58.83 -91.16 -60.46
CA MSE L 52 58.85 -92.51 -59.87
C MSE L 52 60.29 -93.01 -59.72
O MSE L 52 60.62 -93.63 -58.72
CB MSE L 52 57.99 -93.48 -60.69
CG MSE L 52 58.11 -94.96 -60.27
SE MSE L 52 57.42 -95.38 -58.43
CE MSE L 52 55.50 -95.49 -58.90
N LEU L 53 61.13 -92.73 -60.70
CA LEU L 53 62.53 -93.14 -60.61
C LEU L 53 63.21 -92.39 -59.47
N THR L 54 62.95 -91.10 -59.34
CA THR L 54 63.48 -90.28 -58.26
C THR L 54 63.03 -90.79 -56.91
N ARG L 55 61.73 -91.06 -56.73
CA ARG L 55 61.30 -91.66 -55.47
C ARG L 55 62.02 -92.97 -55.12
N ARG L 56 62.14 -93.86 -56.10
CA ARG L 56 62.72 -95.17 -55.90
C ARG L 56 64.21 -95.07 -55.68
N LEU L 57 64.92 -94.30 -56.53
CA LEU L 57 66.35 -94.13 -56.30
C LEU L 57 66.63 -93.55 -54.91
N ASN L 58 65.94 -92.47 -54.54
CA ASN L 58 66.18 -91.88 -53.23
C ASN L 58 65.95 -92.86 -52.09
N ALA L 59 64.93 -93.70 -52.22
CA ALA L 59 64.58 -94.61 -51.15
C ALA L 59 65.61 -95.73 -51.03
N LEU L 60 66.19 -96.14 -52.17
CA LEU L 60 67.24 -97.15 -52.17
C LEU L 60 68.51 -96.61 -51.49
N VAL L 61 68.83 -95.35 -51.75
CA VAL L 61 69.88 -94.62 -51.03
C VAL L 61 69.64 -94.50 -49.53
N GLU L 62 68.48 -93.96 -49.10
CA GLU L 62 68.16 -93.86 -47.65
C GLU L 62 68.22 -95.21 -46.91
N ALA L 63 67.84 -96.29 -47.60
CA ALA L 63 67.94 -97.66 -47.07
C ALA L 63 69.35 -98.28 -47.06
N GLY L 64 70.32 -97.58 -47.63
CA GLY L 64 71.72 -97.97 -47.58
C GLY L 64 72.12 -99.02 -48.61
N LEU L 65 71.23 -99.21 -49.57
CA LEU L 65 71.42 -100.17 -50.65
C LEU L 65 72.12 -99.58 -51.86
N LEU L 66 71.94 -98.29 -52.10
CA LEU L 66 72.69 -97.61 -53.16
C LEU L 66 73.48 -96.47 -52.53
N GLU L 67 74.57 -96.08 -53.18
CA GLU L 67 75.21 -94.83 -52.82
C GLU L 67 75.11 -93.82 -53.98
N ARG L 68 74.90 -92.55 -53.62
CA ARG L 68 74.83 -91.46 -54.57
C ARG L 68 76.15 -90.67 -54.55
N GLN L 69 76.96 -90.83 -55.60
CA GLN L 69 78.11 -89.95 -55.80
C GLN L 69 77.85 -88.88 -56.86
N PRO L 70 78.43 -87.68 -56.66
CA PRO L 70 78.41 -86.57 -57.63
C PRO L 70 78.86 -87.00 -59.02
N TYR L 71 78.24 -86.43 -60.03
CA TYR L 71 78.63 -86.73 -61.40
C TYR L 71 79.15 -85.48 -62.13
N SER L 72 78.53 -84.33 -61.88
CA SER L 72 78.91 -83.04 -62.49
C SER L 72 78.30 -81.87 -61.72
N TYR L 78 74.48 -86.73 -60.55
CA TYR L 78 74.63 -87.92 -59.66
C TYR L 78 74.70 -89.29 -60.35
N GLN L 79 75.59 -90.15 -59.88
CA GLN L 79 75.49 -91.59 -60.22
C GLN L 79 75.28 -92.42 -58.99
N TYR L 80 74.72 -93.63 -59.20
CA TYR L 80 74.25 -94.49 -58.14
C TYR L 80 74.94 -95.81 -58.17
N VAL L 81 75.65 -96.12 -57.09
CA VAL L 81 76.47 -97.35 -57.03
C VAL L 81 76.02 -98.27 -55.89
N PRO L 82 75.88 -99.59 -56.18
CA PRO L 82 75.49 -100.49 -55.14
C PRO L 82 76.52 -100.44 -54.04
N THR L 83 76.01 -100.62 -52.85
CA THR L 83 76.73 -100.57 -51.62
C THR L 83 76.97 -102.03 -51.23
N ALA L 84 77.76 -102.28 -50.20
CA ALA L 84 77.99 -103.67 -49.81
C ALA L 84 76.67 -104.36 -49.46
N LYS L 85 75.85 -103.69 -48.66
CA LYS L 85 74.48 -104.15 -48.41
C LYS L 85 73.68 -104.36 -49.72
N GLY L 86 73.89 -103.51 -50.70
CA GLY L 86 73.15 -103.63 -51.97
C GLY L 86 73.55 -104.88 -52.73
N GLU L 87 74.84 -105.13 -52.79
CA GLU L 87 75.34 -106.37 -53.40
C GLU L 87 74.80 -107.60 -52.65
N ASP L 88 74.76 -107.56 -51.32
CA ASP L 88 74.21 -108.68 -50.56
C ASP L 88 72.69 -108.79 -50.71
N PHE L 89 72.07 -107.70 -51.14
CA PHE L 89 70.63 -107.71 -51.24
C PHE L 89 70.13 -108.67 -52.31
N ARG L 90 71.00 -109.14 -53.21
CA ARG L 90 70.67 -110.12 -54.24
C ARG L 90 69.80 -111.28 -53.71
N VAL L 91 70.10 -111.76 -52.53
CA VAL L 91 69.34 -112.87 -51.98
C VAL L 91 67.89 -112.47 -51.75
N VAL L 92 67.65 -111.23 -51.35
CA VAL L 92 66.33 -110.79 -51.13
C VAL L 92 65.60 -110.59 -52.49
N LEU L 93 66.27 -110.00 -53.46
CA LEU L 93 65.60 -109.77 -54.74
C LEU L 93 65.21 -111.10 -55.32
N MSE L 94 66.06 -112.10 -55.19
CA MSE L 94 65.78 -113.39 -55.77
C MSE L 94 64.71 -114.10 -55.00
O MSE L 94 63.88 -114.82 -55.58
CB MSE L 94 67.03 -114.25 -55.80
CG MSE L 94 67.99 -113.80 -56.82
SE MSE L 94 69.58 -114.91 -56.93
CE MSE L 94 70.21 -114.36 -58.66
N ALA L 95 64.68 -113.89 -53.69
CA ALA L 95 63.61 -114.48 -52.92
C ALA L 95 62.26 -113.85 -53.33
N PHE L 96 62.23 -112.54 -53.60
CA PHE L 96 60.95 -111.92 -53.96
C PHE L 96 60.47 -112.43 -55.31
N VAL L 97 61.39 -112.63 -56.25
CA VAL L 97 60.96 -113.25 -57.46
C VAL L 97 60.44 -114.68 -57.32
N ALA L 98 61.07 -115.51 -56.47
CA ALA L 98 60.60 -116.87 -56.29
C ALA L 98 59.23 -116.81 -55.63
N TRP L 99 59.08 -115.90 -54.67
CA TRP L 99 57.82 -115.69 -54.00
C TRP L 99 56.73 -115.43 -55.02
N GLY L 100 57.04 -114.56 -55.97
CA GLY L 100 56.02 -114.12 -56.89
C GLY L 100 55.77 -115.12 -57.99
N ASN L 101 56.67 -116.10 -58.21
CA ASN L 101 56.49 -117.22 -59.19
C ASN L 101 55.99 -118.49 -58.57
N ARG L 102 55.83 -118.44 -57.26
CA ARG L 102 55.29 -119.51 -56.51
C ARG L 102 53.86 -119.70 -57.11
N HIS L 103 53.49 -120.90 -57.50
CA HIS L 103 52.15 -121.06 -58.17
C HIS L 103 52.08 -120.76 -59.68
N TYR L 104 53.18 -120.40 -60.32
CA TYR L 104 53.18 -120.31 -61.78
C TYR L 104 53.97 -121.49 -62.28
N ALA L 105 53.32 -122.33 -63.08
CA ALA L 105 54.04 -123.30 -63.84
C ALA L 105 54.97 -122.50 -64.71
N GLN L 106 56.13 -123.07 -65.06
CA GLN L 106 57.23 -122.36 -65.78
C GLN L 106 56.91 -121.65 -67.12
N GLN L 107 56.28 -122.36 -68.04
CA GLN L 107 55.63 -121.71 -69.18
C GLN L 107 54.64 -120.74 -68.54
N GLY L 108 54.41 -119.55 -69.03
CA GLY L 108 53.56 -118.66 -68.20
C GLY L 108 54.25 -117.78 -67.13
N GLN L 109 55.53 -118.00 -66.87
CA GLN L 109 56.31 -117.04 -66.09
C GLN L 109 56.90 -115.94 -66.98
N SER L 110 56.69 -114.69 -66.61
CA SER L 110 57.34 -113.55 -67.24
C SER L 110 58.79 -113.29 -66.74
N VAL L 111 59.01 -113.50 -65.44
CA VAL L 111 60.30 -113.31 -64.77
C VAL L 111 60.72 -114.65 -64.17
N GLN L 112 61.92 -115.12 -64.48
CA GLN L 112 62.35 -116.42 -63.94
C GLN L 112 63.63 -116.28 -63.15
N LEU L 113 63.85 -117.20 -62.22
CA LEU L 113 65.14 -117.37 -61.60
C LEU L 113 65.84 -118.58 -62.21
N VAL L 114 67.00 -118.38 -62.82
CA VAL L 114 67.75 -119.50 -63.42
C VAL L 114 69.23 -119.61 -62.99
N GLU L 115 69.82 -120.79 -63.21
CA GLU L 115 71.27 -120.96 -63.10
C GLU L 115 71.85 -120.23 -64.29
N ARG L 116 72.83 -119.37 -64.08
CA ARG L 116 73.31 -118.55 -65.19
C ARG L 116 73.90 -119.37 -66.33
N THR L 117 74.65 -120.39 -65.99
CA THR L 117 75.35 -121.20 -66.99
C THR L 117 74.34 -121.80 -67.97
N SER L 118 73.41 -122.61 -67.44
CA SER L 118 72.41 -123.31 -68.26
C SER L 118 71.13 -122.51 -68.19
N GLY L 119 70.12 -122.85 -68.98
CA GLY L 119 68.85 -122.10 -68.80
C GLY L 119 67.94 -122.51 -67.63
N ARG L 120 68.41 -123.40 -66.74
CA ARG L 120 67.56 -124.21 -65.87
C ARG L 120 66.96 -123.40 -64.74
N PRO L 121 65.63 -123.47 -64.58
CA PRO L 121 64.94 -122.69 -63.56
C PRO L 121 65.25 -123.23 -62.16
N VAL L 122 65.40 -122.31 -61.21
CA VAL L 122 65.51 -122.63 -59.82
C VAL L 122 64.12 -123.07 -59.33
N ARG L 123 64.05 -124.26 -58.76
CA ARG L 123 62.80 -124.82 -58.27
C ARG L 123 62.43 -124.36 -56.87
N SER L 124 63.41 -124.33 -55.98
CA SER L 124 63.24 -123.77 -54.66
C SER L 124 64.59 -123.38 -54.06
N PHE L 125 64.52 -122.79 -52.87
CA PHE L 125 65.64 -122.48 -52.04
C PHE L 125 65.86 -123.56 -51.00
N MSE L 126 67.12 -123.83 -50.72
CA MSE L 126 67.52 -124.78 -49.67
C MSE L 126 68.40 -124.03 -48.68
O MSE L 126 68.82 -122.91 -48.95
CB MSE L 126 68.31 -125.90 -50.27
CG MSE L 126 67.67 -126.54 -51.47
SE MSE L 126 66.46 -127.95 -50.90
CE MSE L 126 64.73 -127.06 -50.95
N ALA L 127 68.66 -124.61 -47.53
CA ALA L 127 69.48 -123.97 -46.55
C ALA L 127 70.69 -124.89 -46.31
N ALA L 128 71.91 -124.39 -46.57
CA ALA L 128 73.14 -125.06 -46.22
C ALA L 128 73.39 -124.74 -44.79
N LEU L 129 73.62 -125.76 -43.97
CA LEU L 129 73.72 -125.52 -42.55
C LEU L 129 75.18 -125.41 -42.09
N ALA L 130 75.35 -125.04 -40.83
CA ALA L 130 76.70 -124.88 -40.29
C ALA L 130 77.39 -126.22 -40.19
N ASP L 131 76.62 -127.30 -40.02
CA ASP L 131 77.18 -128.68 -39.96
C ASP L 131 77.39 -129.43 -41.30
N GLY L 132 77.39 -128.72 -42.42
CA GLY L 132 77.53 -129.39 -43.73
C GLY L 132 76.26 -129.95 -44.39
N ARG L 133 75.19 -130.14 -43.63
CA ARG L 133 73.91 -130.57 -44.22
C ARG L 133 73.22 -129.46 -45.02
N THR L 134 72.38 -129.85 -45.98
CA THR L 134 71.55 -128.90 -46.69
C THR L 134 70.12 -129.39 -46.59
N VAL L 135 69.22 -128.55 -46.08
CA VAL L 135 67.82 -128.90 -45.82
C VAL L 135 66.86 -127.91 -46.50
N PRO L 136 65.57 -128.28 -46.61
CA PRO L 136 64.62 -127.34 -47.22
C PRO L 136 64.40 -126.14 -46.32
N LEU L 137 64.37 -124.96 -46.92
CA LEU L 137 64.14 -123.71 -46.21
C LEU L 137 62.85 -123.82 -45.40
N GLU L 138 61.86 -124.46 -46.01
CA GLU L 138 60.60 -124.86 -45.34
C GLU L 138 60.87 -125.43 -43.93
N GLN L 139 62.03 -126.05 -43.74
CA GLN L 139 62.34 -126.67 -42.44
C GLN L 139 63.20 -125.79 -41.51
N CYS L 140 63.45 -124.55 -41.93
CA CYS L 140 64.14 -123.57 -41.08
C CYS L 140 63.20 -122.58 -40.42
N THR L 141 63.66 -121.92 -39.37
CA THR L 141 62.84 -120.93 -38.68
C THR L 141 63.70 -119.72 -38.27
N VAL L 142 63.05 -118.58 -37.99
CA VAL L 142 63.72 -117.40 -37.42
C VAL L 142 63.55 -117.48 -35.91
N GLN L 143 64.64 -117.55 -35.17
CA GLN L 143 64.61 -117.56 -33.71
C GLN L 143 65.65 -116.61 -33.10
N ALA L 144 65.47 -116.30 -31.81
CA ALA L 144 66.42 -115.48 -31.08
C ALA L 144 67.82 -116.11 -31.05
N GLY L 145 68.82 -115.26 -31.30
CA GLY L 145 70.19 -115.68 -31.32
C GLY L 145 70.77 -115.56 -29.95
N PRO L 146 72.03 -116.04 -29.77
CA PRO L 146 72.66 -116.11 -28.45
C PRO L 146 72.81 -114.73 -27.79
N ALA L 147 72.88 -113.67 -28.58
CA ALA L 147 73.02 -112.30 -28.05
C ALA L 147 71.69 -111.54 -27.72
N ALA L 148 70.54 -112.14 -28.02
CA ALA L 148 69.28 -111.42 -27.85
C ALA L 148 69.05 -110.86 -26.41
N SER L 149 68.63 -109.60 -26.34
CA SER L 149 68.16 -109.01 -25.07
C SER L 149 66.86 -109.68 -24.63
N GLU L 150 66.47 -109.40 -23.40
CA GLU L 150 65.15 -109.78 -22.89
C GLU L 150 64.01 -109.39 -23.82
N GLU L 151 63.99 -108.14 -24.29
CA GLU L 151 62.97 -107.66 -25.23
C GLU L 151 62.92 -108.51 -26.52
N MSE L 152 64.09 -108.90 -27.00
CA MSE L 152 64.20 -109.54 -28.28
C MSE L 152 63.66 -110.93 -28.14
O MSE L 152 62.81 -111.34 -28.93
CB MSE L 152 65.66 -109.50 -28.79
CG MSE L 152 65.85 -110.10 -30.15
SE MSE L 152 64.90 -109.09 -31.56
CE MSE L 152 66.23 -107.65 -31.84
N ARG L 153 64.11 -111.63 -27.10
CA ARG L 153 63.59 -112.98 -26.83
C ARG L 153 62.09 -112.95 -26.72
N GLN L 154 61.50 -111.94 -26.06
CA GLN L 154 60.05 -111.78 -26.04
C GLN L 154 59.48 -111.60 -27.44
N ARG L 155 60.06 -110.73 -28.27
CA ARG L 155 59.50 -110.58 -29.62
C ARG L 155 59.61 -111.81 -30.53
N LEU L 156 60.39 -112.83 -30.12
CA LEU L 156 60.72 -114.01 -30.98
C LEU L 156 60.22 -115.37 -30.45
NA NA M . -18.64 21.82 35.68
C1 GOL N . -25.91 15.49 37.50
O1 GOL N . -26.26 16.77 37.97
C2 GOL N . -24.70 15.63 36.59
O2 GOL N . -23.76 16.56 37.08
C3 GOL N . -24.03 14.28 36.34
O3 GOL N . -24.38 13.95 35.01
NA NA O . -32.97 14.90 29.78
P PO4 P . -26.11 27.85 18.62
O1 PO4 P . -27.24 28.86 18.83
O2 PO4 P . -24.90 28.57 18.00
O3 PO4 P . -25.65 27.34 19.97
O4 PO4 P . -26.61 26.74 17.70
C1 GOL Q . -23.58 17.08 29.41
O1 GOL Q . -22.93 16.00 30.07
C2 GOL Q . -23.78 16.74 27.93
O2 GOL Q . -23.99 15.35 27.88
C3 GOL Q . -24.92 17.52 27.30
O3 GOL Q . -24.44 18.82 26.95
C1 GOL R . -26.34 17.74 32.84
O1 GOL R . -26.42 17.42 31.46
C2 GOL R . -25.20 18.73 33.07
O2 GOL R . -25.20 19.69 32.03
C3 GOL R . -25.40 19.47 34.41
O3 GOL R . -24.37 20.39 34.76
C1 GOL S . -34.52 22.52 6.39
O1 GOL S . -34.21 22.52 5.02
C2 GOL S . -33.34 22.01 7.24
O2 GOL S . -32.13 22.25 6.57
C3 GOL S . -33.31 22.70 8.63
O3 GOL S . -32.61 21.98 9.62
C1 GOL T . -24.11 58.06 8.71
O1 GOL T . -25.04 59.07 9.03
C2 GOL T . -23.33 57.70 9.97
O2 GOL T . -24.07 57.85 11.17
C3 GOL T . -22.78 56.29 9.84
O3 GOL T . -21.47 56.31 10.42
NA NA U . -15.97 64.97 7.51
P PO4 V . -15.46 45.18 -8.41
O1 PO4 V . -16.04 46.47 -7.89
O2 PO4 V . -13.98 45.39 -8.69
O3 PO4 V . -15.65 44.08 -7.37
O4 PO4 V . -16.19 44.79 -9.68
C1 GOL W . -18.41 59.73 15.06
O1 GOL W . -18.08 58.40 14.69
C2 GOL W . -17.18 60.48 15.55
O2 GOL W . -16.05 59.91 14.91
C3 GOL W . -17.29 61.94 15.17
O3 GOL W . -17.39 62.64 16.39
NA NA X . 24.76 -38.76 5.80
NA NA Y . 35.62 -31.55 -5.02
P PO4 Z . 37.03 -24.99 12.06
O1 PO4 Z . 36.10 -26.06 11.50
O2 PO4 Z . 36.59 -23.63 11.59
O3 PO4 Z . 36.91 -25.06 13.57
O4 PO4 Z . 38.46 -25.24 11.62
NA NA AA . 8.66 -5.01 -27.51
C1 GOL BA . 4.80 -8.50 -33.61
O1 GOL BA . 5.08 -9.82 -34.06
C2 GOL BA . 3.29 -8.25 -33.65
O2 GOL BA . 3.03 -6.88 -33.58
C3 GOL BA . 2.72 -8.74 -34.97
O3 GOL BA . 3.77 -8.75 -35.91
NA NA CA . 5.43 -4.64 -44.46
C1 GOL DA . 12.34 -3.73 -37.10
O1 GOL DA . 12.04 -2.63 -37.93
C2 GOL DA . 11.59 -4.95 -37.64
O2 GOL DA . 10.77 -4.61 -38.75
C3 GOL DA . 12.60 -6.01 -38.04
O3 GOL DA . 11.92 -7.24 -37.94
NA NA EA . -70.14 118.28 48.39
C1 GOL FA . -77.76 111.79 50.11
O1 GOL FA . -78.03 113.11 50.53
C2 GOL FA . -76.70 111.86 49.02
O2 GOL FA . -75.80 112.94 49.19
C3 GOL FA . -75.94 110.54 49.02
O3 GOL FA . -75.77 110.20 47.67
NA NA GA . -84.69 111.37 42.20
C1 GOL HA . -75.82 112.31 40.33
O1 GOL HA . -75.13 111.84 41.47
C2 GOL HA . -76.11 113.75 40.68
O2 GOL HA . -75.06 114.58 40.23
C3 GOL HA . -77.42 114.20 40.09
O3 GOL HA . -77.25 115.55 39.65
NA NA IA . 60.42 -101.42 -40.01
P PO4 JA . 42.39 -102.65 -43.66
O1 PO4 JA . 41.21 -103.08 -44.51
O2 PO4 JA . 42.04 -101.35 -42.95
O3 PO4 JA . 42.71 -103.71 -42.62
O4 PO4 JA . 43.59 -102.43 -44.56
C1 GOL KA . 54.76 -105.42 -47.23
O1 GOL KA . 54.09 -104.34 -46.60
C2 GOL KA . 56.27 -105.37 -46.90
O2 GOL KA . 56.70 -106.69 -46.72
C3 GOL KA . 57.05 -104.82 -48.09
O3 GOL KA . 58.00 -105.75 -48.66
NA NA LA . 56.94 -101.18 -56.66
C1 GOL MA . 63.93 -102.17 -50.83
O1 GOL MA . 63.44 -103.40 -50.32
C2 GOL MA . 63.12 -101.02 -50.24
O2 GOL MA . 63.93 -99.91 -49.92
C3 GOL MA . 62.10 -100.61 -51.29
O3 GOL MA . 62.61 -99.49 -52.01
#